data_2I0W
# 
_entry.id   2I0W 
# 
_audit_conform.dict_name       mmcif_pdbx.dic 
_audit_conform.dict_version    5.397 
_audit_conform.dict_location   http://mmcif.pdb.org/dictionaries/ascii/mmcif_pdbx.dic 
# 
loop_
_database_2.database_id 
_database_2.database_code 
_database_2.pdbx_database_accession 
_database_2.pdbx_DOI 
PDB   2I0W         pdb_00002i0w 10.2210/pdb2i0w/pdb 
RCSB  RCSB038997   ?            ?                   
WWPDB D_1000038997 ?            ?                   
# 
loop_
_pdbx_audit_revision_history.ordinal 
_pdbx_audit_revision_history.data_content_type 
_pdbx_audit_revision_history.major_revision 
_pdbx_audit_revision_history.minor_revision 
_pdbx_audit_revision_history.revision_date 
1 'Structure model' 1 0 2007-07-24 
2 'Structure model' 1 1 2008-05-01 
3 'Structure model' 1 2 2011-07-13 
4 'Structure model' 1 3 2023-08-30 
5 'Structure model' 1 4 2024-10-30 
# 
_pdbx_audit_revision_details.ordinal             1 
_pdbx_audit_revision_details.revision_ordinal    1 
_pdbx_audit_revision_details.data_content_type   'Structure model' 
_pdbx_audit_revision_details.provider            repository 
_pdbx_audit_revision_details.type                'Initial release' 
_pdbx_audit_revision_details.description         ? 
_pdbx_audit_revision_details.details             ? 
# 
loop_
_pdbx_audit_revision_group.ordinal 
_pdbx_audit_revision_group.revision_ordinal 
_pdbx_audit_revision_group.data_content_type 
_pdbx_audit_revision_group.group 
1 2 'Structure model' 'Version format compliance' 
2 3 'Structure model' 'Version format compliance' 
3 4 'Structure model' 'Data collection'           
4 4 'Structure model' 'Database references'       
5 4 'Structure model' 'Derived calculations'      
6 4 'Structure model' 'Refinement description'    
7 5 'Structure model' 'Structure summary'         
# 
loop_
_pdbx_audit_revision_category.ordinal 
_pdbx_audit_revision_category.revision_ordinal 
_pdbx_audit_revision_category.data_content_type 
_pdbx_audit_revision_category.category 
1 4 'Structure model' chem_comp_atom                
2 4 'Structure model' chem_comp_bond                
3 4 'Structure model' database_2                    
4 4 'Structure model' pdbx_initial_refinement_model 
5 4 'Structure model' struct_site                   
6 5 'Structure model' pdbx_entry_details            
7 5 'Structure model' pdbx_modification_feature     
# 
loop_
_pdbx_audit_revision_item.ordinal 
_pdbx_audit_revision_item.revision_ordinal 
_pdbx_audit_revision_item.data_content_type 
_pdbx_audit_revision_item.item 
1 4 'Structure model' '_database_2.pdbx_DOI'                
2 4 'Structure model' '_database_2.pdbx_database_accession' 
3 4 'Structure model' '_struct_site.pdbx_auth_asym_id'      
4 4 'Structure model' '_struct_site.pdbx_auth_comp_id'      
5 4 'Structure model' '_struct_site.pdbx_auth_seq_id'       
# 
_pdbx_database_status.status_code                     REL 
_pdbx_database_status.entry_id                        2I0W 
_pdbx_database_status.recvd_initial_deposition_date   2006-08-11 
_pdbx_database_status.deposit_site                    RCSB 
_pdbx_database_status.process_site                    RCSB 
_pdbx_database_status.status_code_sf                  REL 
_pdbx_database_status.status_code_mr                  ? 
_pdbx_database_status.SG_entry                        ? 
_pdbx_database_status.pdb_format_compatible           Y 
_pdbx_database_status.status_code_cs                  ? 
_pdbx_database_status.status_code_nmr_data            ? 
_pdbx_database_status.methods_development_category    ? 
# 
loop_
_audit_author.name 
_audit_author.pdbx_ordinal 
'Chakrabarti, C.' 1 
'Ghosh, R.'       2 
# 
_citation.id                        primary 
_citation.title                     'Crystal structure analysis of NP24-I: a thaumatin-like protein' 
_citation.journal_abbrev            Planta 
_citation.journal_volume            228 
_citation.page_first                883 
_citation.page_last                 890 
_citation.year                      2008 
_citation.journal_id_ASTM           ? 
_citation.country                   GE 
_citation.journal_id_ISSN           0032-0935 
_citation.journal_id_CSD            ? 
_citation.book_publisher            ? 
_citation.pdbx_database_id_PubMed   18651170 
_citation.pdbx_database_id_DOI      10.1007/s00425-008-0790-5 
# 
loop_
_citation_author.citation_id 
_citation_author.name 
_citation_author.ordinal 
_citation_author.identifier_ORCID 
primary 'Ghosh, R.'       1 ? 
primary 'Chakrabarti, C.' 2 ? 
# 
loop_
_entity.id 
_entity.type 
_entity.src_method 
_entity.pdbx_description 
_entity.formula_weight 
_entity.pdbx_number_of_molecules 
_entity.pdbx_ec 
_entity.pdbx_mutation 
_entity.pdbx_fragment 
_entity.details 
1 polymer     nat 'Protein NP24' 22232.062 1  ? ? ? ? 
2 non-polymer syn 'CHLORIDE ION' 35.453    1  ? ? ? ? 
3 water       nat water          18.015    67 ? ? ? ? 
# 
_entity_name_com.entity_id   1 
_entity_name_com.name        'Pathogenesis-related protein PR P23, Salt-induced protein' 
# 
_entity_poly.entity_id                      1 
_entity_poly.type                           'polypeptide(L)' 
_entity_poly.nstd_linkage                   no 
_entity_poly.nstd_monomer                   no 
_entity_poly.pdbx_seq_one_letter_code       
;ATIEVRNNCPYTVWAASTPIGGGRRLNRGQTWVINAPRGTKMARIWGRTGCNFNAAGRGTCQTGDCGGVLQCTGWGKPPN
TLAEYALDQFSNLDFWDISLVDGFNIPMTFAPTKPSGGKCHAIHCTANINGECPRALKVPGGCNNPCTTFGGQQYCCTQG
PCGPTELSKFFKKRCPDAYSYPQDDPTSTFTCPGGSTNYRVVFCPNG
;
_entity_poly.pdbx_seq_one_letter_code_can   
;ATIEVRNNCPYTVWAASTPIGGGRRLNRGQTWVINAPRGTKMARIWGRTGCNFNAAGRGTCQTGDCGGVLQCTGWGKPPN
TLAEYALDQFSNLDFWDISLVDGFNIPMTFAPTKPSGGKCHAIHCTANINGECPRALKVPGGCNNPCTTFGGQQYCCTQG
PCGPTELSKFFKKRCPDAYSYPQDDPTSTFTCPGGSTNYRVVFCPNG
;
_entity_poly.pdbx_strand_id                 A 
_entity_poly.pdbx_target_identifier         ? 
# 
loop_
_pdbx_entity_nonpoly.entity_id 
_pdbx_entity_nonpoly.name 
_pdbx_entity_nonpoly.comp_id 
2 'CHLORIDE ION' CL  
3 water          HOH 
# 
loop_
_entity_poly_seq.entity_id 
_entity_poly_seq.num 
_entity_poly_seq.mon_id 
_entity_poly_seq.hetero 
1 1   ALA n 
1 2   THR n 
1 3   ILE n 
1 4   GLU n 
1 5   VAL n 
1 6   ARG n 
1 7   ASN n 
1 8   ASN n 
1 9   CYS n 
1 10  PRO n 
1 11  TYR n 
1 12  THR n 
1 13  VAL n 
1 14  TRP n 
1 15  ALA n 
1 16  ALA n 
1 17  SER n 
1 18  THR n 
1 19  PRO n 
1 20  ILE n 
1 21  GLY n 
1 22  GLY n 
1 23  GLY n 
1 24  ARG n 
1 25  ARG n 
1 26  LEU n 
1 27  ASN n 
1 28  ARG n 
1 29  GLY n 
1 30  GLN n 
1 31  THR n 
1 32  TRP n 
1 33  VAL n 
1 34  ILE n 
1 35  ASN n 
1 36  ALA n 
1 37  PRO n 
1 38  ARG n 
1 39  GLY n 
1 40  THR n 
1 41  LYS n 
1 42  MET n 
1 43  ALA n 
1 44  ARG n 
1 45  ILE n 
1 46  TRP n 
1 47  GLY n 
1 48  ARG n 
1 49  THR n 
1 50  GLY n 
1 51  CYS n 
1 52  ASN n 
1 53  PHE n 
1 54  ASN n 
1 55  ALA n 
1 56  ALA n 
1 57  GLY n 
1 58  ARG n 
1 59  GLY n 
1 60  THR n 
1 61  CYS n 
1 62  GLN n 
1 63  THR n 
1 64  GLY n 
1 65  ASP n 
1 66  CYS n 
1 67  GLY n 
1 68  GLY n 
1 69  VAL n 
1 70  LEU n 
1 71  GLN n 
1 72  CYS n 
1 73  THR n 
1 74  GLY n 
1 75  TRP n 
1 76  GLY n 
1 77  LYS n 
1 78  PRO n 
1 79  PRO n 
1 80  ASN n 
1 81  THR n 
1 82  LEU n 
1 83  ALA n 
1 84  GLU n 
1 85  TYR n 
1 86  ALA n 
1 87  LEU n 
1 88  ASP n 
1 89  GLN n 
1 90  PHE n 
1 91  SER n 
1 92  ASN n 
1 93  LEU n 
1 94  ASP n 
1 95  PHE n 
1 96  TRP n 
1 97  ASP n 
1 98  ILE n 
1 99  SER n 
1 100 LEU n 
1 101 VAL n 
1 102 ASP n 
1 103 GLY n 
1 104 PHE n 
1 105 ASN n 
1 106 ILE n 
1 107 PRO n 
1 108 MET n 
1 109 THR n 
1 110 PHE n 
1 111 ALA n 
1 112 PRO n 
1 113 THR n 
1 114 LYS n 
1 115 PRO n 
1 116 SER n 
1 117 GLY n 
1 118 GLY n 
1 119 LYS n 
1 120 CYS n 
1 121 HIS n 
1 122 ALA n 
1 123 ILE n 
1 124 HIS n 
1 125 CYS n 
1 126 THR n 
1 127 ALA n 
1 128 ASN n 
1 129 ILE n 
1 130 ASN n 
1 131 GLY n 
1 132 GLU n 
1 133 CYS n 
1 134 PRO n 
1 135 ARG n 
1 136 ALA n 
1 137 LEU n 
1 138 LYS n 
1 139 VAL n 
1 140 PRO n 
1 141 GLY n 
1 142 GLY n 
1 143 CYS n 
1 144 ASN n 
1 145 ASN n 
1 146 PRO n 
1 147 CYS n 
1 148 THR n 
1 149 THR n 
1 150 PHE n 
1 151 GLY n 
1 152 GLY n 
1 153 GLN n 
1 154 GLN n 
1 155 TYR n 
1 156 CYS n 
1 157 CYS n 
1 158 THR n 
1 159 GLN n 
1 160 GLY n 
1 161 PRO n 
1 162 CYS n 
1 163 GLY n 
1 164 PRO n 
1 165 THR n 
1 166 GLU n 
1 167 LEU n 
1 168 SER n 
1 169 LYS n 
1 170 PHE n 
1 171 PHE n 
1 172 LYS n 
1 173 LYS n 
1 174 ARG n 
1 175 CYS n 
1 176 PRO n 
1 177 ASP n 
1 178 ALA n 
1 179 TYR n 
1 180 SER n 
1 181 TYR n 
1 182 PRO n 
1 183 GLN n 
1 184 ASP n 
1 185 ASP n 
1 186 PRO n 
1 187 THR n 
1 188 SER n 
1 189 THR n 
1 190 PHE n 
1 191 THR n 
1 192 CYS n 
1 193 PRO n 
1 194 GLY n 
1 195 GLY n 
1 196 SER n 
1 197 THR n 
1 198 ASN n 
1 199 TYR n 
1 200 ARG n 
1 201 VAL n 
1 202 VAL n 
1 203 PHE n 
1 204 CYS n 
1 205 PRO n 
1 206 ASN n 
1 207 GLY n 
# 
_entity_src_nat.entity_id                  1 
_entity_src_nat.pdbx_src_id                1 
_entity_src_nat.pdbx_alt_source_flag       sample 
_entity_src_nat.pdbx_beg_seq_num           ? 
_entity_src_nat.pdbx_end_seq_num           ? 
_entity_src_nat.common_name                ? 
_entity_src_nat.pdbx_organism_scientific   'Solanum lycopersicum' 
_entity_src_nat.pdbx_ncbi_taxonomy_id      4081 
_entity_src_nat.genus                      Solanum 
_entity_src_nat.species                    ? 
_entity_src_nat.strain                     ? 
_entity_src_nat.tissue                     ? 
_entity_src_nat.tissue_fraction            ? 
_entity_src_nat.pdbx_secretion             ? 
_entity_src_nat.pdbx_fragment              ? 
_entity_src_nat.pdbx_variant               ? 
_entity_src_nat.pdbx_cell_line             ? 
_entity_src_nat.pdbx_atcc                  ? 
_entity_src_nat.pdbx_cellular_location     ? 
_entity_src_nat.pdbx_organ                 ? 
_entity_src_nat.pdbx_organelle             ? 
_entity_src_nat.pdbx_cell                  ? 
_entity_src_nat.pdbx_plasmid_name          ? 
_entity_src_nat.pdbx_plasmid_details       ? 
_entity_src_nat.details                    'Ripe tomato' 
# 
loop_
_chem_comp.id 
_chem_comp.type 
_chem_comp.mon_nstd_flag 
_chem_comp.name 
_chem_comp.pdbx_synonyms 
_chem_comp.formula 
_chem_comp.formula_weight 
ALA 'L-peptide linking' y ALANINE         ? 'C3 H7 N O2'     89.093  
ARG 'L-peptide linking' y ARGININE        ? 'C6 H15 N4 O2 1' 175.209 
ASN 'L-peptide linking' y ASPARAGINE      ? 'C4 H8 N2 O3'    132.118 
ASP 'L-peptide linking' y 'ASPARTIC ACID' ? 'C4 H7 N O4'     133.103 
CL  non-polymer         . 'CHLORIDE ION'  ? 'Cl -1'          35.453  
CYS 'L-peptide linking' y CYSTEINE        ? 'C3 H7 N O2 S'   121.158 
GLN 'L-peptide linking' y GLUTAMINE       ? 'C5 H10 N2 O3'   146.144 
GLU 'L-peptide linking' y 'GLUTAMIC ACID' ? 'C5 H9 N O4'     147.129 
GLY 'peptide linking'   y GLYCINE         ? 'C2 H5 N O2'     75.067  
HIS 'L-peptide linking' y HISTIDINE       ? 'C6 H10 N3 O2 1' 156.162 
HOH non-polymer         . WATER           ? 'H2 O'           18.015  
ILE 'L-peptide linking' y ISOLEUCINE      ? 'C6 H13 N O2'    131.173 
LEU 'L-peptide linking' y LEUCINE         ? 'C6 H13 N O2'    131.173 
LYS 'L-peptide linking' y LYSINE          ? 'C6 H15 N2 O2 1' 147.195 
MET 'L-peptide linking' y METHIONINE      ? 'C5 H11 N O2 S'  149.211 
PHE 'L-peptide linking' y PHENYLALANINE   ? 'C9 H11 N O2'    165.189 
PRO 'L-peptide linking' y PROLINE         ? 'C5 H9 N O2'     115.130 
SER 'L-peptide linking' y SERINE          ? 'C3 H7 N O3'     105.093 
THR 'L-peptide linking' y THREONINE       ? 'C4 H9 N O3'     119.119 
TRP 'L-peptide linking' y TRYPTOPHAN      ? 'C11 H12 N2 O2'  204.225 
TYR 'L-peptide linking' y TYROSINE        ? 'C9 H11 N O3'    181.189 
VAL 'L-peptide linking' y VALINE          ? 'C5 H11 N O2'    117.146 
# 
loop_
_pdbx_poly_seq_scheme.asym_id 
_pdbx_poly_seq_scheme.entity_id 
_pdbx_poly_seq_scheme.seq_id 
_pdbx_poly_seq_scheme.mon_id 
_pdbx_poly_seq_scheme.ndb_seq_num 
_pdbx_poly_seq_scheme.pdb_seq_num 
_pdbx_poly_seq_scheme.auth_seq_num 
_pdbx_poly_seq_scheme.pdb_mon_id 
_pdbx_poly_seq_scheme.auth_mon_id 
_pdbx_poly_seq_scheme.pdb_strand_id 
_pdbx_poly_seq_scheme.pdb_ins_code 
_pdbx_poly_seq_scheme.hetero 
A 1 1   ALA 1   1   1   ALA ALA A . n 
A 1 2   THR 2   2   2   THR THR A . n 
A 1 3   ILE 3   3   3   ILE ILE A . n 
A 1 4   GLU 4   4   4   GLU GLU A . n 
A 1 5   VAL 5   5   5   VAL VAL A . n 
A 1 6   ARG 6   6   6   ARG ARG A . n 
A 1 7   ASN 7   7   7   ASN ASN A . n 
A 1 8   ASN 8   8   8   ASN ASN A . n 
A 1 9   CYS 9   9   9   CYS CYS A . n 
A 1 10  PRO 10  10  10  PRO PRO A . n 
A 1 11  TYR 11  11  11  TYR TYR A . n 
A 1 12  THR 12  12  12  THR THR A . n 
A 1 13  VAL 13  13  13  VAL VAL A . n 
A 1 14  TRP 14  14  14  TRP TRP A . n 
A 1 15  ALA 15  15  15  ALA ALA A . n 
A 1 16  ALA 16  16  16  ALA ALA A . n 
A 1 17  SER 17  17  17  SER SER A . n 
A 1 18  THR 18  18  18  THR THR A . n 
A 1 19  PRO 19  19  19  PRO PRO A . n 
A 1 20  ILE 20  20  20  ILE ILE A . n 
A 1 21  GLY 21  21  21  GLY GLY A . n 
A 1 22  GLY 22  22  22  GLY GLY A . n 
A 1 23  GLY 23  23  23  GLY GLY A . n 
A 1 24  ARG 24  24  24  ARG ARG A . n 
A 1 25  ARG 25  25  25  ARG ARG A . n 
A 1 26  LEU 26  26  26  LEU LEU A . n 
A 1 27  ASN 27  27  27  ASN ASN A . n 
A 1 28  ARG 28  28  28  ARG ARG A . n 
A 1 29  GLY 29  29  29  GLY GLY A . n 
A 1 30  GLN 30  30  30  GLN GLN A . n 
A 1 31  THR 31  31  31  THR THR A . n 
A 1 32  TRP 32  32  32  TRP TRP A . n 
A 1 33  VAL 33  33  33  VAL VAL A . n 
A 1 34  ILE 34  34  34  ILE ILE A . n 
A 1 35  ASN 35  35  35  ASN ASN A . n 
A 1 36  ALA 36  36  36  ALA ALA A . n 
A 1 37  PRO 37  37  37  PRO PRO A . n 
A 1 38  ARG 38  38  38  ARG ARG A . n 
A 1 39  GLY 39  39  39  GLY GLY A . n 
A 1 40  THR 40  40  40  THR THR A . n 
A 1 41  LYS 41  41  41  LYS LYS A . n 
A 1 42  MET 42  42  42  MET MET A . n 
A 1 43  ALA 43  43  43  ALA ALA A . n 
A 1 44  ARG 44  44  44  ARG ARG A . n 
A 1 45  ILE 45  45  45  ILE ILE A . n 
A 1 46  TRP 46  46  46  TRP TRP A . n 
A 1 47  GLY 47  47  47  GLY GLY A . n 
A 1 48  ARG 48  48  48  ARG ARG A . n 
A 1 49  THR 49  49  49  THR THR A . n 
A 1 50  GLY 50  50  50  GLY GLY A . n 
A 1 51  CYS 51  51  51  CYS CYS A . n 
A 1 52  ASN 52  52  52  ASN ASN A . n 
A 1 53  PHE 53  53  53  PHE PHE A . n 
A 1 54  ASN 54  54  54  ASN ASN A . n 
A 1 55  ALA 55  55  55  ALA ALA A . n 
A 1 56  ALA 56  56  56  ALA ALA A . n 
A 1 57  GLY 57  57  57  GLY GLY A . n 
A 1 58  ARG 58  58  58  ARG ARG A . n 
A 1 59  GLY 59  59  59  GLY GLY A . n 
A 1 60  THR 60  60  60  THR THR A . n 
A 1 61  CYS 61  61  61  CYS CYS A . n 
A 1 62  GLN 62  62  62  GLN GLN A . n 
A 1 63  THR 63  63  63  THR THR A . n 
A 1 64  GLY 64  64  64  GLY GLY A . n 
A 1 65  ASP 65  65  65  ASP ASP A . n 
A 1 66  CYS 66  66  66  CYS CYS A . n 
A 1 67  GLY 67  67  67  GLY GLY A . n 
A 1 68  GLY 68  68  68  GLY GLY A . n 
A 1 69  VAL 69  69  69  VAL VAL A . n 
A 1 70  LEU 70  70  70  LEU LEU A . n 
A 1 71  GLN 71  71  71  GLN GLN A . n 
A 1 72  CYS 72  72  72  CYS CYS A . n 
A 1 73  THR 73  73  73  THR THR A . n 
A 1 74  GLY 74  74  74  GLY GLY A . n 
A 1 75  TRP 75  75  75  TRP TRP A . n 
A 1 76  GLY 76  76  76  GLY GLY A . n 
A 1 77  LYS 77  77  77  LYS LYS A . n 
A 1 78  PRO 78  78  78  PRO PRO A . n 
A 1 79  PRO 79  79  79  PRO PRO A . n 
A 1 80  ASN 80  80  80  ASN ASN A . n 
A 1 81  THR 81  81  81  THR THR A . n 
A 1 82  LEU 82  82  82  LEU LEU A . n 
A 1 83  ALA 83  83  83  ALA ALA A . n 
A 1 84  GLU 84  84  84  GLU GLU A . n 
A 1 85  TYR 85  85  85  TYR TYR A . n 
A 1 86  ALA 86  86  86  ALA ALA A . n 
A 1 87  LEU 87  87  87  LEU LEU A . n 
A 1 88  ASP 88  88  88  ASP ASP A . n 
A 1 89  GLN 89  89  89  GLN GLN A . n 
A 1 90  PHE 90  90  90  PHE PHE A . n 
A 1 91  SER 91  91  91  SER SER A . n 
A 1 92  ASN 92  92  92  ASN ASN A . n 
A 1 93  LEU 93  93  93  LEU LEU A . n 
A 1 94  ASP 94  94  94  ASP ASP A . n 
A 1 95  PHE 95  95  95  PHE PHE A . n 
A 1 96  TRP 96  96  96  TRP TRP A . n 
A 1 97  ASP 97  97  97  ASP ASP A . n 
A 1 98  ILE 98  98  98  ILE ILE A . n 
A 1 99  SER 99  99  99  SER SER A . n 
A 1 100 LEU 100 100 100 LEU LEU A . n 
A 1 101 VAL 101 101 101 VAL VAL A . n 
A 1 102 ASP 102 102 102 ASP ASP A . n 
A 1 103 GLY 103 103 103 GLY GLY A . n 
A 1 104 PHE 104 104 104 PHE PHE A . n 
A 1 105 ASN 105 105 105 ASN ASN A . n 
A 1 106 ILE 106 106 106 ILE ILE A . n 
A 1 107 PRO 107 107 107 PRO PRO A . n 
A 1 108 MET 108 108 108 MET MET A . n 
A 1 109 THR 109 109 109 THR THR A . n 
A 1 110 PHE 110 110 110 PHE PHE A . n 
A 1 111 ALA 111 111 111 ALA ALA A . n 
A 1 112 PRO 112 112 112 PRO PRO A . n 
A 1 113 THR 113 113 113 THR THR A . n 
A 1 114 LYS 114 114 114 LYS LYS A . n 
A 1 115 PRO 115 115 115 PRO PRO A . n 
A 1 116 SER 116 116 116 SER SER A . n 
A 1 117 GLY 117 117 117 GLY GLY A . n 
A 1 118 GLY 118 118 118 GLY GLY A . n 
A 1 119 LYS 119 119 119 LYS LYS A . n 
A 1 120 CYS 120 120 120 CYS CYS A . n 
A 1 121 HIS 121 121 121 HIS HIS A . n 
A 1 122 ALA 122 122 122 ALA ALA A . n 
A 1 123 ILE 123 123 123 ILE ILE A . n 
A 1 124 HIS 124 124 124 HIS HIS A . n 
A 1 125 CYS 125 125 125 CYS CYS A . n 
A 1 126 THR 126 126 126 THR THR A . n 
A 1 127 ALA 127 127 127 ALA ALA A . n 
A 1 128 ASN 128 128 128 ASN ASN A . n 
A 1 129 ILE 129 129 129 ILE ILE A . n 
A 1 130 ASN 130 130 130 ASN ASN A . n 
A 1 131 GLY 131 131 131 GLY GLY A . n 
A 1 132 GLU 132 132 132 GLU GLU A . n 
A 1 133 CYS 133 133 133 CYS CYS A . n 
A 1 134 PRO 134 134 134 PRO PRO A . n 
A 1 135 ARG 135 135 135 ARG ARG A . n 
A 1 136 ALA 136 136 136 ALA ALA A . n 
A 1 137 LEU 137 137 137 LEU LEU A . n 
A 1 138 LYS 138 138 138 LYS LYS A . n 
A 1 139 VAL 139 139 139 VAL VAL A . n 
A 1 140 PRO 140 140 140 PRO PRO A . n 
A 1 141 GLY 141 141 141 GLY GLY A . n 
A 1 142 GLY 142 142 142 GLY GLY A . n 
A 1 143 CYS 143 143 143 CYS CYS A . n 
A 1 144 ASN 144 144 144 ASN ASN A . n 
A 1 145 ASN 145 145 145 ASN ASN A . n 
A 1 146 PRO 146 146 146 PRO PRO A . n 
A 1 147 CYS 147 147 147 CYS CYS A . n 
A 1 148 THR 148 148 148 THR THR A . n 
A 1 149 THR 149 149 149 THR THR A . n 
A 1 150 PHE 150 150 150 PHE PHE A . n 
A 1 151 GLY 151 151 151 GLY GLY A . n 
A 1 152 GLY 152 152 152 GLY GLY A . n 
A 1 153 GLN 153 153 153 GLN GLN A . n 
A 1 154 GLN 154 154 154 GLN GLN A . n 
A 1 155 TYR 155 155 155 TYR TYR A . n 
A 1 156 CYS 156 156 156 CYS CYS A . n 
A 1 157 CYS 157 157 157 CYS CYS A . n 
A 1 158 THR 158 158 158 THR THR A . n 
A 1 159 GLN 159 159 159 GLN GLN A . n 
A 1 160 GLY 160 160 160 GLY GLY A . n 
A 1 161 PRO 161 161 161 PRO PRO A . n 
A 1 162 CYS 162 162 162 CYS CYS A . n 
A 1 163 GLY 163 163 163 GLY GLY A . n 
A 1 164 PRO 164 164 164 PRO PRO A . n 
A 1 165 THR 165 165 165 THR THR A . n 
A 1 166 GLU 166 166 166 GLU GLU A . n 
A 1 167 LEU 167 167 167 LEU LEU A . n 
A 1 168 SER 168 168 168 SER SER A . n 
A 1 169 LYS 169 169 169 LYS LYS A . n 
A 1 170 PHE 170 170 170 PHE PHE A . n 
A 1 171 PHE 171 171 171 PHE PHE A . n 
A 1 172 LYS 172 172 172 LYS LYS A . n 
A 1 173 LYS 173 173 173 LYS LYS A . n 
A 1 174 ARG 174 174 174 ARG ARG A . n 
A 1 175 CYS 175 175 175 CYS CYS A . n 
A 1 176 PRO 176 176 176 PRO PRO A . n 
A 1 177 ASP 177 177 177 ASP ASP A . n 
A 1 178 ALA 178 178 178 ALA ALA A . n 
A 1 179 TYR 179 179 179 TYR TYR A . n 
A 1 180 SER 180 180 180 SER SER A . n 
A 1 181 TYR 181 181 181 TYR TYR A . n 
A 1 182 PRO 182 182 182 PRO PRO A . n 
A 1 183 GLN 183 183 183 GLN GLN A . n 
A 1 184 ASP 184 184 184 ASP ASP A . n 
A 1 185 ASP 185 185 185 ASP ASP A . n 
A 1 186 PRO 186 186 186 PRO PRO A . n 
A 1 187 THR 187 187 187 THR THR A . n 
A 1 188 SER 188 188 188 SER SER A . n 
A 1 189 THR 189 189 189 THR THR A . n 
A 1 190 PHE 190 190 190 PHE PHE A . n 
A 1 191 THR 191 191 191 THR THR A . n 
A 1 192 CYS 192 192 192 CYS CYS A . n 
A 1 193 PRO 193 193 193 PRO PRO A . n 
A 1 194 GLY 194 194 194 GLY GLY A . n 
A 1 195 GLY 195 195 195 GLY GLY A . n 
A 1 196 SER 196 196 196 SER SER A . n 
A 1 197 THR 197 197 197 THR THR A . n 
A 1 198 ASN 198 198 198 ASN ASN A . n 
A 1 199 TYR 199 199 199 TYR TYR A . n 
A 1 200 ARG 200 200 200 ARG ARG A . n 
A 1 201 VAL 201 201 201 VAL VAL A . n 
A 1 202 VAL 202 202 202 VAL VAL A . n 
A 1 203 PHE 203 203 203 PHE PHE A . n 
A 1 204 CYS 204 204 204 CYS CYS A . n 
A 1 205 PRO 205 205 205 PRO PRO A . n 
A 1 206 ASN 206 206 206 ASN ASN A . n 
A 1 207 GLY 207 207 207 GLY GLY A . n 
# 
loop_
_pdbx_nonpoly_scheme.asym_id 
_pdbx_nonpoly_scheme.entity_id 
_pdbx_nonpoly_scheme.mon_id 
_pdbx_nonpoly_scheme.ndb_seq_num 
_pdbx_nonpoly_scheme.pdb_seq_num 
_pdbx_nonpoly_scheme.auth_seq_num 
_pdbx_nonpoly_scheme.pdb_mon_id 
_pdbx_nonpoly_scheme.auth_mon_id 
_pdbx_nonpoly_scheme.pdb_strand_id 
_pdbx_nonpoly_scheme.pdb_ins_code 
B 2 CL  1  208 1  CL  CL1 A . 
C 3 HOH 1  209 1  HOH HOH A . 
C 3 HOH 2  210 2  HOH HOH A . 
C 3 HOH 3  211 3  HOH HOH A . 
C 3 HOH 4  212 4  HOH HOH A . 
C 3 HOH 5  213 5  HOH HOH A . 
C 3 HOH 6  214 6  HOH HOH A . 
C 3 HOH 7  215 7  HOH HOH A . 
C 3 HOH 8  216 8  HOH HOH A . 
C 3 HOH 9  217 9  HOH HOH A . 
C 3 HOH 10 218 10 HOH HOH A . 
C 3 HOH 11 219 11 HOH HOH A . 
C 3 HOH 12 220 12 HOH HOH A . 
C 3 HOH 13 221 13 HOH HOH A . 
C 3 HOH 14 222 14 HOH HOH A . 
C 3 HOH 15 223 15 HOH HOH A . 
C 3 HOH 16 224 16 HOH HOH A . 
C 3 HOH 17 225 17 HOH HOH A . 
C 3 HOH 18 226 18 HOH HOH A . 
C 3 HOH 19 227 19 HOH HOH A . 
C 3 HOH 20 228 20 HOH HOH A . 
C 3 HOH 21 229 21 HOH HOH A . 
C 3 HOH 22 230 22 HOH HOH A . 
C 3 HOH 23 231 23 HOH HOH A . 
C 3 HOH 24 232 24 HOH HOH A . 
C 3 HOH 25 233 25 HOH HOH A . 
C 3 HOH 26 234 26 HOH HOH A . 
C 3 HOH 27 235 27 HOH HOH A . 
C 3 HOH 28 236 28 HOH HOH A . 
C 3 HOH 29 237 29 HOH HOH A . 
C 3 HOH 30 238 30 HOH HOH A . 
C 3 HOH 31 239 31 HOH HOH A . 
C 3 HOH 32 240 32 HOH HOH A . 
C 3 HOH 33 241 33 HOH HOH A . 
C 3 HOH 34 242 34 HOH HOH A . 
C 3 HOH 35 243 35 HOH HOH A . 
C 3 HOH 36 244 36 HOH HOH A . 
C 3 HOH 37 245 37 HOH HOH A . 
C 3 HOH 38 246 38 HOH HOH A . 
C 3 HOH 39 247 39 HOH HOH A . 
C 3 HOH 40 248 40 HOH HOH A . 
C 3 HOH 41 249 41 HOH HOH A . 
C 3 HOH 42 250 42 HOH HOH A . 
C 3 HOH 43 251 43 HOH HOH A . 
C 3 HOH 44 252 44 HOH HOH A . 
C 3 HOH 45 253 45 HOH HOH A . 
C 3 HOH 46 254 46 HOH HOH A . 
C 3 HOH 47 255 47 HOH HOH A . 
C 3 HOH 48 256 48 HOH HOH A . 
C 3 HOH 49 257 49 HOH HOH A . 
C 3 HOH 50 258 50 HOH HOH A . 
C 3 HOH 51 259 51 HOH HOH A . 
C 3 HOH 52 260 52 HOH HOH A . 
C 3 HOH 53 261 53 HOH HOH A . 
C 3 HOH 54 262 54 HOH HOH A . 
C 3 HOH 55 263 55 HOH HOH A . 
C 3 HOH 56 264 56 HOH HOH A . 
C 3 HOH 57 265 57 HOH HOH A . 
C 3 HOH 58 266 58 HOH HOH A . 
C 3 HOH 59 267 59 HOH HOH A . 
C 3 HOH 60 268 60 HOH HOH A . 
C 3 HOH 61 269 61 HOH HOH A . 
C 3 HOH 62 270 62 HOH HOH A . 
C 3 HOH 63 271 63 HOH HOH A . 
C 3 HOH 64 272 64 HOH HOH A . 
C 3 HOH 65 273 66 HOH HOH A . 
C 3 HOH 66 274 67 HOH HOH A . 
C 3 HOH 67 275 68 HOH HOH A . 
# 
loop_
_software.name 
_software.classification 
_software.version 
_software.citation_id 
_software.pdbx_ordinal 
CNS       refinement        1.1 ? 1 
MAR345dtb 'data collection' .   ? 2 
AUTOMAR   'data reduction'  .   ? 3 
AMoRE     phasing           .   ? 4 
# 
_cell.entry_id           2I0W 
_cell.length_a           61.010 
_cell.length_b           61.010 
_cell.length_c           62.895 
_cell.angle_alpha        90.00 
_cell.angle_beta         90.00 
_cell.angle_gamma        90.00 
_cell.Z_PDB              4 
_cell.pdbx_unique_axis   ? 
_cell.length_a_esd       ? 
_cell.length_b_esd       ? 
_cell.length_c_esd       ? 
_cell.angle_alpha_esd    ? 
_cell.angle_beta_esd     ? 
_cell.angle_gamma_esd    ? 
# 
_symmetry.entry_id                         2I0W 
_symmetry.space_group_name_H-M             'P 43' 
_symmetry.pdbx_full_space_group_name_H-M   ? 
_symmetry.cell_setting                     ? 
_symmetry.Int_Tables_number                78 
_symmetry.space_group_name_Hall            ? 
# 
_exptl.entry_id          2I0W 
_exptl.method            'X-RAY DIFFRACTION' 
_exptl.crystals_number   1 
# 
_exptl_crystal.id                    1 
_exptl_crystal.density_meas          ? 
_exptl_crystal.density_Matthews      2.63 
_exptl_crystal.density_percent_sol   53.24 
_exptl_crystal.description           ? 
_exptl_crystal.F_000                 ? 
_exptl_crystal.preparation           ? 
# 
_exptl_crystal_grow.crystal_id      1 
_exptl_crystal_grow.method          'VAPOR DIFFUSION, HANGING DROP' 
_exptl_crystal_grow.temp            293.0 
_exptl_crystal_grow.temp_details    ? 
_exptl_crystal_grow.pH              6.7 
_exptl_crystal_grow.pdbx_details    
'0.1M lithium chloride, 20% PEG 3350, pH 6.7, VAPOR DIFFUSION, HANGING DROP, temperature 293.0K' 
_exptl_crystal_grow.pdbx_pH_range   . 
# 
_diffrn.id                     1 
_diffrn.ambient_temp           293.0 
_diffrn.ambient_temp_details   ? 
_diffrn.crystal_id             1 
# 
_diffrn_detector.diffrn_id              1 
_diffrn_detector.detector               'IMAGE PLATE' 
_diffrn_detector.type                   'MAR scanner 345 mm plate' 
_diffrn_detector.pdbx_collection_date   2005-04-07 
_diffrn_detector.details                'Osmic multilayers' 
# 
_diffrn_radiation.diffrn_id                        1 
_diffrn_radiation.wavelength_id                    1 
_diffrn_radiation.pdbx_monochromatic_or_laue_m_l   M 
_diffrn_radiation.monochromator                    'osmic multilayer' 
_diffrn_radiation.pdbx_diffrn_protocol             'SINGLE WAVELENGTH' 
_diffrn_radiation.pdbx_scattering_type             x-ray 
# 
_diffrn_radiation_wavelength.id           1 
_diffrn_radiation_wavelength.wavelength   1.5418 
_diffrn_radiation_wavelength.wt           1.0 
# 
_diffrn_source.diffrn_id                   1 
_diffrn_source.source                      'ROTATING ANODE' 
_diffrn_source.type                        'ENRAF-NONIUS FR591' 
_diffrn_source.pdbx_synchrotron_site       ? 
_diffrn_source.pdbx_synchrotron_beamline   ? 
_diffrn_source.pdbx_wavelength             ? 
_diffrn_source.pdbx_wavelength_list        1.5418 
# 
_reflns.entry_id                     2I0W 
_reflns.observed_criterion_sigma_I   1.5 
_reflns.observed_criterion_sigma_F   1.5 
_reflns.d_resolution_low             20.0 
_reflns.d_resolution_high            2.45 
_reflns.number_obs                   8574 
_reflns.number_all                   ? 
_reflns.percent_possible_obs         99.9 
_reflns.pdbx_Rmerge_I_obs            0.114 
_reflns.pdbx_Rsym_value              ? 
_reflns.pdbx_netI_over_sigmaI        3.9 
_reflns.B_iso_Wilson_estimate        36.6 
_reflns.pdbx_redundancy              4.06 
_reflns.R_free_details               ? 
_reflns.limit_h_max                  ? 
_reflns.limit_h_min                  ? 
_reflns.limit_k_max                  ? 
_reflns.limit_k_min                  ? 
_reflns.limit_l_max                  ? 
_reflns.limit_l_min                  ? 
_reflns.observed_criterion_F_max     ? 
_reflns.observed_criterion_F_min     ? 
_reflns.pdbx_chi_squared             ? 
_reflns.pdbx_scaling_rejects         ? 
_reflns.pdbx_diffrn_id               1 
_reflns.pdbx_ordinal                 1 
# 
_reflns_shell.d_res_high             2.45 
_reflns_shell.d_res_low              2.51 
_reflns_shell.percent_possible_all   99.8 
_reflns_shell.Rmerge_I_obs           0.3369 
_reflns_shell.pdbx_Rsym_value        ? 
_reflns_shell.meanI_over_sigI_obs    1.5 
_reflns_shell.pdbx_redundancy        4.04 
_reflns_shell.percent_possible_obs   ? 
_reflns_shell.number_unique_all      567 
_reflns_shell.number_measured_all    ? 
_reflns_shell.number_measured_obs    ? 
_reflns_shell.number_unique_obs      ? 
_reflns_shell.pdbx_chi_squared       ? 
_reflns_shell.pdbx_diffrn_id         ? 
_reflns_shell.pdbx_ordinal           1 
# 
_refine.entry_id                                 2I0W 
_refine.ls_number_reflns_obs                     8035 
_refine.ls_number_reflns_all                     ? 
_refine.pdbx_ls_sigma_I                          ? 
_refine.pdbx_ls_sigma_F                          0.0 
_refine.pdbx_data_cutoff_high_absF               988975.86 
_refine.pdbx_data_cutoff_low_absF                0.000000 
_refine.pdbx_data_cutoff_high_rms_absF           ? 
_refine.ls_d_res_low                             19.83 
_refine.ls_d_res_high                            2.50 
_refine.ls_percent_reflns_obs                    99.7 
_refine.ls_R_factor_obs                          0.171 
_refine.ls_R_factor_all                          ? 
_refine.ls_R_factor_R_work                       0.171 
_refine.ls_R_factor_R_free                       0.223 
_refine.ls_R_factor_R_free_error                 0.011 
_refine.ls_R_factor_R_free_error_details         ? 
_refine.ls_percent_reflns_R_free                 5.2 
_refine.ls_number_reflns_R_free                  415 
_refine.ls_number_parameters                     ? 
_refine.ls_number_restraints                     ? 
_refine.occupancy_min                            ? 
_refine.occupancy_max                            ? 
_refine.correlation_coeff_Fo_to_Fc               ? 
_refine.correlation_coeff_Fo_to_Fc_free          ? 
_refine.B_iso_mean                               33.2 
_refine.aniso_B[1][1]                            0.47 
_refine.aniso_B[2][2]                            0.47 
_refine.aniso_B[3][3]                            -0.93 
_refine.aniso_B[1][2]                            0.00 
_refine.aniso_B[1][3]                            0.00 
_refine.aniso_B[2][3]                            0.00 
_refine.solvent_model_details                    'FLAT MODEL' 
_refine.solvent_model_param_ksol                 0.305957 
_refine.solvent_model_param_bsol                 36.1517 
_refine.pdbx_solvent_vdw_probe_radii             ? 
_refine.pdbx_solvent_ion_probe_radii             ? 
_refine.pdbx_solvent_shrinkage_radii             ? 
_refine.pdbx_ls_cross_valid_method               THROUGHOUT 
_refine.details                                  ? 
_refine.pdbx_starting_model                      'PDB ENTRY 1PCV' 
_refine.pdbx_method_to_determine_struct          'MOLECULAR REPLACEMENT' 
_refine.pdbx_isotropic_thermal_model             RESTRAINED 
_refine.pdbx_stereochemistry_target_values       'Engh & Huber' 
_refine.pdbx_stereochem_target_val_spec_case     ? 
_refine.pdbx_R_Free_selection_details            RANDOM 
_refine.pdbx_overall_ESU_R                       ? 
_refine.pdbx_overall_ESU_R_Free                  ? 
_refine.overall_SU_ML                            ? 
_refine.overall_SU_B                             ? 
_refine.ls_redundancy_reflns_obs                 ? 
_refine.B_iso_min                                ? 
_refine.B_iso_max                                ? 
_refine.overall_SU_R_Cruickshank_DPI             ? 
_refine.overall_SU_R_free                        ? 
_refine.ls_wR_factor_R_free                      ? 
_refine.ls_wR_factor_R_work                      ? 
_refine.overall_FOM_free_R_set                   ? 
_refine.overall_FOM_work_R_set                   ? 
_refine.pdbx_overall_phase_error                 ? 
_refine.pdbx_refine_id                           'X-RAY DIFFRACTION' 
_refine.pdbx_diffrn_id                           1 
_refine.pdbx_TLS_residual_ADP_flag               ? 
_refine.pdbx_overall_SU_R_free_Cruickshank_DPI   ? 
_refine.pdbx_overall_SU_R_Blow_DPI               ? 
_refine.pdbx_overall_SU_R_free_Blow_DPI          ? 
# 
_refine_analyze.entry_id                        2I0W 
_refine_analyze.Luzzati_coordinate_error_obs    0.25 
_refine_analyze.Luzzati_sigma_a_obs             0.30 
_refine_analyze.Luzzati_d_res_low_obs           5.00 
_refine_analyze.Luzzati_coordinate_error_free   0.33 
_refine_analyze.Luzzati_sigma_a_free            0.31 
_refine_analyze.Luzzati_d_res_low_free          ? 
_refine_analyze.number_disordered_residues      ? 
_refine_analyze.occupancy_sum_hydrogen          ? 
_refine_analyze.occupancy_sum_non_hydrogen      ? 
_refine_analyze.pdbx_Luzzati_d_res_high_obs     ? 
_refine_analyze.pdbx_refine_id                  'X-RAY DIFFRACTION' 
# 
_refine_hist.pdbx_refine_id                   'X-RAY DIFFRACTION' 
_refine_hist.cycle_id                         LAST 
_refine_hist.pdbx_number_atoms_protein        1553 
_refine_hist.pdbx_number_atoms_nucleic_acid   0 
_refine_hist.pdbx_number_atoms_ligand         1 
_refine_hist.number_atoms_solvent             67 
_refine_hist.number_atoms_total               1621 
_refine_hist.d_res_high                       2.50 
_refine_hist.d_res_low                        19.83 
# 
loop_
_refine_ls_restr.type 
_refine_ls_restr.dev_ideal 
_refine_ls_restr.dev_ideal_target 
_refine_ls_restr.weight 
_refine_ls_restr.number 
_refine_ls_restr.pdbx_refine_id 
_refine_ls_restr.pdbx_restraint_function 
c_bond_d           0.006 ?    ? ? 'X-RAY DIFFRACTION' ? 
c_angle_deg        1.4   ?    ? ? 'X-RAY DIFFRACTION' ? 
c_dihedral_angle_d 25.8  ?    ? ? 'X-RAY DIFFRACTION' ? 
c_improper_angle_d 0.85  ?    ? ? 'X-RAY DIFFRACTION' ? 
c_mcbond_it        3.73  1.50 ? ? 'X-RAY DIFFRACTION' ? 
c_mcangle_it       5.75  2.00 ? ? 'X-RAY DIFFRACTION' ? 
c_scbond_it        7.50  2.00 ? ? 'X-RAY DIFFRACTION' ? 
c_scangle_it       10.48 2.50 ? ? 'X-RAY DIFFRACTION' ? 
# 
_refine_ls_shell.pdbx_total_number_of_bins_used   6 
_refine_ls_shell.d_res_high                       2.45 
_refine_ls_shell.d_res_low                        2.60 
_refine_ls_shell.number_reflns_R_work             841 
_refine_ls_shell.R_factor_R_work                  0.237 
_refine_ls_shell.percent_reflns_obs               62.8 
_refine_ls_shell.R_factor_R_free                  0.238 
_refine_ls_shell.R_factor_R_free_error            0.037 
_refine_ls_shell.percent_reflns_R_free            4.6 
_refine_ls_shell.number_reflns_R_free             ? 
_refine_ls_shell.number_reflns_all                ? 
_refine_ls_shell.R_factor_all                     ? 
_refine_ls_shell.number_reflns_obs                ? 
_refine_ls_shell.redundancy_reflns_obs            ? 
_refine_ls_shell.pdbx_refine_id                   'X-RAY DIFFRACTION' 
# 
loop_
_pdbx_xplor_file.serial_no 
_pdbx_xplor_file.param_file 
_pdbx_xplor_file.topol_file 
_pdbx_xplor_file.pdbx_refine_id 
1 protein_rep.param protein.top 'X-RAY DIFFRACTION' 
2 water_rep.param   water.top   'X-RAY DIFFRACTION' 
3 ion.param         ion.top     'X-RAY DIFFRACTION' 
# 
_struct.entry_id                  2I0W 
_struct.title                     'Crystal structure analysis of NP24-I, a thaumatin-like protein' 
_struct.pdbx_model_details        ? 
_struct.pdbx_CASP_flag            ? 
_struct.pdbx_model_type_details   ? 
# 
_struct_keywords.entry_id        2I0W 
_struct_keywords.pdbx_keywords   'ANTIFUNGAL PROTEIN' 
_struct_keywords.text            'alpha-beta protein, ANTIFUNGAL PROTEIN' 
# 
loop_
_struct_asym.id 
_struct_asym.pdbx_blank_PDB_chainid_flag 
_struct_asym.pdbx_modified 
_struct_asym.entity_id 
_struct_asym.details 
A N N 1 ? 
B N N 2 ? 
C N N 3 ? 
# 
_struct_ref.id                         1 
_struct_ref.db_name                    UNP 
_struct_ref.db_code                    NP24_LYCES 
_struct_ref.pdbx_db_accession          P12670 
_struct_ref.entity_id                  1 
_struct_ref.pdbx_seq_one_letter_code   
;ATIEVRNNCPYTVWAASTPIGGGRRLNRGQTWVINAPRGTKMARIWGRTGCNFNAAGRGTCQTGDCGGVLQCTGWGKPPN
TLAEYALDQFSNLDFWDISLVDGFNIPMTFAPTKPSGGKCHAIHCTANINGECPRALKVPGGCNNPCTTFGGQQYCCTQG
PCGPTELSKFFKKRCPDAYSYPQDDPTSTFTCPGGSTNYRVVFCPNG
;
_struct_ref.pdbx_align_begin           22 
_struct_ref.pdbx_db_isoform            ? 
# 
_struct_ref_seq.align_id                      1 
_struct_ref_seq.ref_id                        1 
_struct_ref_seq.pdbx_PDB_id_code              2I0W 
_struct_ref_seq.pdbx_strand_id                A 
_struct_ref_seq.seq_align_beg                 1 
_struct_ref_seq.pdbx_seq_align_beg_ins_code   ? 
_struct_ref_seq.seq_align_end                 207 
_struct_ref_seq.pdbx_seq_align_end_ins_code   ? 
_struct_ref_seq.pdbx_db_accession             P12670 
_struct_ref_seq.db_align_beg                  22 
_struct_ref_seq.pdbx_db_align_beg_ins_code    ? 
_struct_ref_seq.db_align_end                  228 
_struct_ref_seq.pdbx_db_align_end_ins_code    ? 
_struct_ref_seq.pdbx_auth_seq_align_beg       1 
_struct_ref_seq.pdbx_auth_seq_align_end       207 
# 
_pdbx_struct_assembly.id                   1 
_pdbx_struct_assembly.details              author_defined_assembly 
_pdbx_struct_assembly.method_details       ? 
_pdbx_struct_assembly.oligomeric_details   monomeric 
_pdbx_struct_assembly.oligomeric_count     1 
# 
_pdbx_struct_assembly_gen.assembly_id       1 
_pdbx_struct_assembly_gen.oper_expression   1 
_pdbx_struct_assembly_gen.asym_id_list      A,B,C 
# 
_pdbx_struct_oper_list.id                   1 
_pdbx_struct_oper_list.type                 'identity operation' 
_pdbx_struct_oper_list.name                 1_555 
_pdbx_struct_oper_list.symmetry_operation   x,y,z 
_pdbx_struct_oper_list.matrix[1][1]         1.0000000000 
_pdbx_struct_oper_list.matrix[1][2]         0.0000000000 
_pdbx_struct_oper_list.matrix[1][3]         0.0000000000 
_pdbx_struct_oper_list.vector[1]            0.0000000000 
_pdbx_struct_oper_list.matrix[2][1]         0.0000000000 
_pdbx_struct_oper_list.matrix[2][2]         1.0000000000 
_pdbx_struct_oper_list.matrix[2][3]         0.0000000000 
_pdbx_struct_oper_list.vector[2]            0.0000000000 
_pdbx_struct_oper_list.matrix[3][1]         0.0000000000 
_pdbx_struct_oper_list.matrix[3][2]         0.0000000000 
_pdbx_struct_oper_list.matrix[3][3]         1.0000000000 
_pdbx_struct_oper_list.vector[3]            0.0000000000 
# 
_struct_biol.id   1 
# 
loop_
_struct_conf.conf_type_id 
_struct_conf.id 
_struct_conf.pdbx_PDB_helix_id 
_struct_conf.beg_label_comp_id 
_struct_conf.beg_label_asym_id 
_struct_conf.beg_label_seq_id 
_struct_conf.pdbx_beg_PDB_ins_code 
_struct_conf.end_label_comp_id 
_struct_conf.end_label_asym_id 
_struct_conf.end_label_seq_id 
_struct_conf.pdbx_end_PDB_ins_code 
_struct_conf.beg_auth_comp_id 
_struct_conf.beg_auth_asym_id 
_struct_conf.beg_auth_seq_id 
_struct_conf.end_auth_comp_id 
_struct_conf.end_auth_asym_id 
_struct_conf.end_auth_seq_id 
_struct_conf.pdbx_PDB_helix_class 
_struct_conf.details 
_struct_conf.pdbx_PDB_helix_length 
HELX_P HELX_P1 1 ASN A 128 ? CYS A 133 ? ASN A 128 CYS A 133 1 ? 6 
HELX_P HELX_P2 2 ASN A 145 ? PHE A 150 ? ASN A 145 PHE A 150 1 ? 6 
HELX_P HELX_P3 3 GLY A 152 ? CYS A 157 ? GLY A 152 CYS A 157 1 ? 6 
HELX_P HELX_P4 4 LEU A 167 ? CYS A 175 ? LEU A 167 CYS A 175 1 ? 9 
# 
_struct_conf_type.id          HELX_P 
_struct_conf_type.criteria    ? 
_struct_conf_type.reference   ? 
# 
loop_
_struct_conn.id 
_struct_conn.conn_type_id 
_struct_conn.pdbx_leaving_atom_flag 
_struct_conn.pdbx_PDB_id 
_struct_conn.ptnr1_label_asym_id 
_struct_conn.ptnr1_label_comp_id 
_struct_conn.ptnr1_label_seq_id 
_struct_conn.ptnr1_label_atom_id 
_struct_conn.pdbx_ptnr1_label_alt_id 
_struct_conn.pdbx_ptnr1_PDB_ins_code 
_struct_conn.pdbx_ptnr1_standard_comp_id 
_struct_conn.ptnr1_symmetry 
_struct_conn.ptnr2_label_asym_id 
_struct_conn.ptnr2_label_comp_id 
_struct_conn.ptnr2_label_seq_id 
_struct_conn.ptnr2_label_atom_id 
_struct_conn.pdbx_ptnr2_label_alt_id 
_struct_conn.pdbx_ptnr2_PDB_ins_code 
_struct_conn.ptnr1_auth_asym_id 
_struct_conn.ptnr1_auth_comp_id 
_struct_conn.ptnr1_auth_seq_id 
_struct_conn.ptnr2_auth_asym_id 
_struct_conn.ptnr2_auth_comp_id 
_struct_conn.ptnr2_auth_seq_id 
_struct_conn.ptnr2_symmetry 
_struct_conn.pdbx_ptnr3_label_atom_id 
_struct_conn.pdbx_ptnr3_label_seq_id 
_struct_conn.pdbx_ptnr3_label_comp_id 
_struct_conn.pdbx_ptnr3_label_asym_id 
_struct_conn.pdbx_ptnr3_label_alt_id 
_struct_conn.pdbx_ptnr3_PDB_ins_code 
_struct_conn.details 
_struct_conn.pdbx_dist_value 
_struct_conn.pdbx_value_order 
_struct_conn.pdbx_role 
disulf1 disulf ? ? A CYS 9   SG ? ? ? 1_555 A CYS 204 SG ? ? A CYS 9   A CYS 204 1_555 ? ? ? ? ? ? ? 2.024 ? ? 
disulf2 disulf ? ? A CYS 51  SG ? ? ? 1_555 A CYS 61  SG ? ? A CYS 51  A CYS 61  1_555 ? ? ? ? ? ? ? 2.027 ? ? 
disulf3 disulf ? ? A CYS 66  SG ? ? ? 1_555 A CYS 72  SG ? ? A CYS 66  A CYS 72  1_555 ? ? ? ? ? ? ? 2.025 ? ? 
disulf4 disulf ? ? A CYS 120 SG ? ? ? 1_555 A CYS 192 SG ? ? A CYS 120 A CYS 192 1_555 ? ? ? ? ? ? ? 2.029 ? ? 
disulf5 disulf ? ? A CYS 125 SG ? ? ? 1_555 A CYS 175 SG ? ? A CYS 125 A CYS 175 1_555 ? ? ? ? ? ? ? 2.045 ? ? 
disulf6 disulf ? ? A CYS 133 SG ? ? ? 1_555 A CYS 143 SG ? ? A CYS 133 A CYS 143 1_555 ? ? ? ? ? ? ? 2.035 ? ? 
disulf7 disulf ? ? A CYS 147 SG ? ? ? 1_555 A CYS 156 SG ? ? A CYS 147 A CYS 156 1_555 ? ? ? ? ? ? ? 2.034 ? ? 
disulf8 disulf ? ? A CYS 157 SG ? ? ? 1_555 A CYS 162 SG ? ? A CYS 157 A CYS 162 1_555 ? ? ? ? ? ? ? 2.021 ? ? 
# 
_struct_conn_type.id          disulf 
_struct_conn_type.criteria    ? 
_struct_conn_type.reference   ? 
# 
loop_
_pdbx_modification_feature.ordinal 
_pdbx_modification_feature.label_comp_id 
_pdbx_modification_feature.label_asym_id 
_pdbx_modification_feature.label_seq_id 
_pdbx_modification_feature.label_alt_id 
_pdbx_modification_feature.modified_residue_label_comp_id 
_pdbx_modification_feature.modified_residue_label_asym_id 
_pdbx_modification_feature.modified_residue_label_seq_id 
_pdbx_modification_feature.modified_residue_label_alt_id 
_pdbx_modification_feature.auth_comp_id 
_pdbx_modification_feature.auth_asym_id 
_pdbx_modification_feature.auth_seq_id 
_pdbx_modification_feature.PDB_ins_code 
_pdbx_modification_feature.symmetry 
_pdbx_modification_feature.modified_residue_auth_comp_id 
_pdbx_modification_feature.modified_residue_auth_asym_id 
_pdbx_modification_feature.modified_residue_auth_seq_id 
_pdbx_modification_feature.modified_residue_PDB_ins_code 
_pdbx_modification_feature.modified_residue_symmetry 
_pdbx_modification_feature.comp_id_linking_atom 
_pdbx_modification_feature.modified_residue_id_linking_atom 
_pdbx_modification_feature.modified_residue_id 
_pdbx_modification_feature.ref_pcm_id 
_pdbx_modification_feature.ref_comp_id 
_pdbx_modification_feature.type 
_pdbx_modification_feature.category 
1 CYS A 9   ? CYS A 204 ? CYS A 9   ? 1_555 CYS A 204 ? 1_555 SG SG . . . None 'Disulfide bridge' 
2 CYS A 51  ? CYS A 61  ? CYS A 51  ? 1_555 CYS A 61  ? 1_555 SG SG . . . None 'Disulfide bridge' 
3 CYS A 66  ? CYS A 72  ? CYS A 66  ? 1_555 CYS A 72  ? 1_555 SG SG . . . None 'Disulfide bridge' 
4 CYS A 120 ? CYS A 192 ? CYS A 120 ? 1_555 CYS A 192 ? 1_555 SG SG . . . None 'Disulfide bridge' 
5 CYS A 125 ? CYS A 175 ? CYS A 125 ? 1_555 CYS A 175 ? 1_555 SG SG . . . None 'Disulfide bridge' 
6 CYS A 133 ? CYS A 143 ? CYS A 133 ? 1_555 CYS A 143 ? 1_555 SG SG . . . None 'Disulfide bridge' 
7 CYS A 147 ? CYS A 156 ? CYS A 147 ? 1_555 CYS A 156 ? 1_555 SG SG . . . None 'Disulfide bridge' 
8 CYS A 157 ? CYS A 162 ? CYS A 157 ? 1_555 CYS A 162 ? 1_555 SG SG . . . None 'Disulfide bridge' 
# 
loop_
_struct_mon_prot_cis.pdbx_id 
_struct_mon_prot_cis.label_comp_id 
_struct_mon_prot_cis.label_seq_id 
_struct_mon_prot_cis.label_asym_id 
_struct_mon_prot_cis.label_alt_id 
_struct_mon_prot_cis.pdbx_PDB_ins_code 
_struct_mon_prot_cis.auth_comp_id 
_struct_mon_prot_cis.auth_seq_id 
_struct_mon_prot_cis.auth_asym_id 
_struct_mon_prot_cis.pdbx_label_comp_id_2 
_struct_mon_prot_cis.pdbx_label_seq_id_2 
_struct_mon_prot_cis.pdbx_label_asym_id_2 
_struct_mon_prot_cis.pdbx_PDB_ins_code_2 
_struct_mon_prot_cis.pdbx_auth_comp_id_2 
_struct_mon_prot_cis.pdbx_auth_seq_id_2 
_struct_mon_prot_cis.pdbx_auth_asym_id_2 
_struct_mon_prot_cis.pdbx_PDB_model_num 
_struct_mon_prot_cis.pdbx_omega_angle 
1 THR 18 A . ? THR 18 A PRO 19 A ? PRO 19 A 1 0.33 
2 PRO 78 A . ? PRO 78 A PRO 79 A ? PRO 79 A 1 0.67 
# 
loop_
_struct_sheet.id 
_struct_sheet.type 
_struct_sheet.number_strands 
_struct_sheet.details 
A ? 5 ? 
B ? 6 ? 
C ? 2 ? 
D ? 2 ? 
# 
loop_
_struct_sheet_order.sheet_id 
_struct_sheet_order.range_id_1 
_struct_sheet_order.range_id_2 
_struct_sheet_order.offset 
_struct_sheet_order.sense 
A 1 2 ? anti-parallel 
A 2 3 ? parallel      
A 3 4 ? anti-parallel 
A 4 5 ? anti-parallel 
B 1 2 ? anti-parallel 
B 2 3 ? anti-parallel 
B 3 4 ? anti-parallel 
B 4 5 ? anti-parallel 
B 5 6 ? anti-parallel 
C 1 2 ? anti-parallel 
D 1 2 ? anti-parallel 
# 
loop_
_struct_sheet_range.sheet_id 
_struct_sheet_range.id 
_struct_sheet_range.beg_label_comp_id 
_struct_sheet_range.beg_label_asym_id 
_struct_sheet_range.beg_label_seq_id 
_struct_sheet_range.pdbx_beg_PDB_ins_code 
_struct_sheet_range.end_label_comp_id 
_struct_sheet_range.end_label_asym_id 
_struct_sheet_range.end_label_seq_id 
_struct_sheet_range.pdbx_end_PDB_ins_code 
_struct_sheet_range.beg_auth_comp_id 
_struct_sheet_range.beg_auth_asym_id 
_struct_sheet_range.beg_auth_seq_id 
_struct_sheet_range.end_auth_comp_id 
_struct_sheet_range.end_auth_asym_id 
_struct_sheet_range.end_auth_seq_id 
A 1 THR A 31  ? ASN A 35  ? THR A 31  ASN A 35  
A 2 THR A 2   ? ASN A 7   ? THR A 2   ASN A 7   
A 3 TYR A 199 ? PHE A 203 ? TYR A 199 PHE A 203 
A 4 MET A 108 ? PRO A 112 ? MET A 108 PRO A 112 
A 5 ILE A 123 ? CYS A 125 ? ILE A 123 CYS A 125 
B 1 GLY A 22  ? LEU A 26  ? GLY A 22  LEU A 26  
B 2 VAL A 13  ? THR A 18  ? VAL A 13  THR A 18  
B 3 ALA A 43  ? ARG A 48  ? ALA A 43  ARG A 48  
B 4 LEU A 82  ? ASP A 88  ? LEU A 82  ASP A 88  
B 5 LEU A 93  ? SER A 99  ? LEU A 93  SER A 99  
B 6 PHE A 190 ? PRO A 193 ? PHE A 190 PRO A 193 
C 1 ASN A 52  ? ASN A 54  ? ASN A 52  ASN A 54  
C 2 ARG A 58  ? THR A 60  ? ARG A 58  THR A 60  
D 1 LYS A 138 ? VAL A 139 ? LYS A 138 VAL A 139 
D 2 GLY A 142 ? CYS A 143 ? GLY A 142 CYS A 143 
# 
loop_
_pdbx_struct_sheet_hbond.sheet_id 
_pdbx_struct_sheet_hbond.range_id_1 
_pdbx_struct_sheet_hbond.range_id_2 
_pdbx_struct_sheet_hbond.range_1_label_atom_id 
_pdbx_struct_sheet_hbond.range_1_label_comp_id 
_pdbx_struct_sheet_hbond.range_1_label_asym_id 
_pdbx_struct_sheet_hbond.range_1_label_seq_id 
_pdbx_struct_sheet_hbond.range_1_PDB_ins_code 
_pdbx_struct_sheet_hbond.range_1_auth_atom_id 
_pdbx_struct_sheet_hbond.range_1_auth_comp_id 
_pdbx_struct_sheet_hbond.range_1_auth_asym_id 
_pdbx_struct_sheet_hbond.range_1_auth_seq_id 
_pdbx_struct_sheet_hbond.range_2_label_atom_id 
_pdbx_struct_sheet_hbond.range_2_label_comp_id 
_pdbx_struct_sheet_hbond.range_2_label_asym_id 
_pdbx_struct_sheet_hbond.range_2_label_seq_id 
_pdbx_struct_sheet_hbond.range_2_PDB_ins_code 
_pdbx_struct_sheet_hbond.range_2_auth_atom_id 
_pdbx_struct_sheet_hbond.range_2_auth_comp_id 
_pdbx_struct_sheet_hbond.range_2_auth_asym_id 
_pdbx_struct_sheet_hbond.range_2_auth_seq_id 
A 1 2 O TRP A 32  ? O TRP A 32  N VAL A 5   ? N VAL A 5   
A 2 3 N GLU A 4   ? N GLU A 4   O VAL A 201 ? O VAL A 201 
A 3 4 O ARG A 200 ? O ARG A 200 N ALA A 111 ? N ALA A 111 
A 4 5 N PHE A 110 ? N PHE A 110 O ILE A 123 ? O ILE A 123 
B 1 2 O LEU A 26  ? O LEU A 26  N VAL A 13  ? N VAL A 13  
B 2 3 N ALA A 16  ? N ALA A 16  O TRP A 46  ? O TRP A 46  
B 3 4 N ILE A 45  ? N ILE A 45  O ALA A 83  ? O ALA A 83  
B 4 5 N ALA A 86  ? N ALA A 86  O PHE A 95  ? O PHE A 95  
B 5 6 N ASP A 94  ? N ASP A 94  O CYS A 192 ? O CYS A 192 
C 1 2 N ASN A 54  ? N ASN A 54  O ARG A 58  ? O ARG A 58  
D 1 2 N VAL A 139 ? N VAL A 139 O GLY A 142 ? O GLY A 142 
# 
_struct_site.id                   AC1 
_struct_site.pdbx_evidence_code   Software 
_struct_site.pdbx_auth_asym_id    A 
_struct_site.pdbx_auth_comp_id    CL 
_struct_site.pdbx_auth_seq_id     208 
_struct_site.pdbx_auth_ins_code   ? 
_struct_site.pdbx_num_residues    4 
_struct_site.details              'BINDING SITE FOR RESIDUE CL A 208' 
# 
loop_
_struct_site_gen.id 
_struct_site_gen.site_id 
_struct_site_gen.pdbx_num_res 
_struct_site_gen.label_comp_id 
_struct_site_gen.label_asym_id 
_struct_site_gen.label_seq_id 
_struct_site_gen.pdbx_auth_ins_code 
_struct_site_gen.auth_comp_id 
_struct_site_gen.auth_asym_id 
_struct_site_gen.auth_seq_id 
_struct_site_gen.label_atom_id 
_struct_site_gen.label_alt_id 
_struct_site_gen.symmetry 
_struct_site_gen.details 
1 AC1 4 ASN A 35  ? ASN A 35  . ? 1_555 ? 
2 AC1 4 PRO A 37  ? PRO A 37  . ? 1_555 ? 
3 AC1 4 ARG A 200 ? ARG A 200 . ? 3_654 ? 
4 AC1 4 HOH C .   ? HOH A 247 . ? 1_555 ? 
# 
_pdbx_entry_details.entry_id                   2I0W 
_pdbx_entry_details.compound_details           ? 
_pdbx_entry_details.source_details             ? 
_pdbx_entry_details.nonpolymer_details         ? 
_pdbx_entry_details.sequence_details           ? 
_pdbx_entry_details.has_ligand_of_interest     ? 
_pdbx_entry_details.has_protein_modification   Y 
# 
loop_
_pdbx_validate_torsion.id 
_pdbx_validate_torsion.PDB_model_num 
_pdbx_validate_torsion.auth_comp_id 
_pdbx_validate_torsion.auth_asym_id 
_pdbx_validate_torsion.auth_seq_id 
_pdbx_validate_torsion.PDB_ins_code 
_pdbx_validate_torsion.label_alt_id 
_pdbx_validate_torsion.phi 
_pdbx_validate_torsion.psi 
1 1 ALA A 55  ? ? -34.02  -37.49 
2 1 CYS A 66  ? ? -113.86 52.80  
3 1 ASN A 105 ? ? -145.29 -39.51 
4 1 CYS A 125 ? ? -155.00 79.00  
5 1 ASP A 184 ? ? -89.96  39.68  
# 
loop_
_chem_comp_atom.comp_id 
_chem_comp_atom.atom_id 
_chem_comp_atom.type_symbol 
_chem_comp_atom.pdbx_aromatic_flag 
_chem_comp_atom.pdbx_stereo_config 
_chem_comp_atom.pdbx_ordinal 
ALA N    N  N N 1   
ALA CA   C  N S 2   
ALA C    C  N N 3   
ALA O    O  N N 4   
ALA CB   C  N N 5   
ALA OXT  O  N N 6   
ALA H    H  N N 7   
ALA H2   H  N N 8   
ALA HA   H  N N 9   
ALA HB1  H  N N 10  
ALA HB2  H  N N 11  
ALA HB3  H  N N 12  
ALA HXT  H  N N 13  
ARG N    N  N N 14  
ARG CA   C  N S 15  
ARG C    C  N N 16  
ARG O    O  N N 17  
ARG CB   C  N N 18  
ARG CG   C  N N 19  
ARG CD   C  N N 20  
ARG NE   N  N N 21  
ARG CZ   C  N N 22  
ARG NH1  N  N N 23  
ARG NH2  N  N N 24  
ARG OXT  O  N N 25  
ARG H    H  N N 26  
ARG H2   H  N N 27  
ARG HA   H  N N 28  
ARG HB2  H  N N 29  
ARG HB3  H  N N 30  
ARG HG2  H  N N 31  
ARG HG3  H  N N 32  
ARG HD2  H  N N 33  
ARG HD3  H  N N 34  
ARG HE   H  N N 35  
ARG HH11 H  N N 36  
ARG HH12 H  N N 37  
ARG HH21 H  N N 38  
ARG HH22 H  N N 39  
ARG HXT  H  N N 40  
ASN N    N  N N 41  
ASN CA   C  N S 42  
ASN C    C  N N 43  
ASN O    O  N N 44  
ASN CB   C  N N 45  
ASN CG   C  N N 46  
ASN OD1  O  N N 47  
ASN ND2  N  N N 48  
ASN OXT  O  N N 49  
ASN H    H  N N 50  
ASN H2   H  N N 51  
ASN HA   H  N N 52  
ASN HB2  H  N N 53  
ASN HB3  H  N N 54  
ASN HD21 H  N N 55  
ASN HD22 H  N N 56  
ASN HXT  H  N N 57  
ASP N    N  N N 58  
ASP CA   C  N S 59  
ASP C    C  N N 60  
ASP O    O  N N 61  
ASP CB   C  N N 62  
ASP CG   C  N N 63  
ASP OD1  O  N N 64  
ASP OD2  O  N N 65  
ASP OXT  O  N N 66  
ASP H    H  N N 67  
ASP H2   H  N N 68  
ASP HA   H  N N 69  
ASP HB2  H  N N 70  
ASP HB3  H  N N 71  
ASP HD2  H  N N 72  
ASP HXT  H  N N 73  
CL  CL   CL N N 74  
CYS N    N  N N 75  
CYS CA   C  N R 76  
CYS C    C  N N 77  
CYS O    O  N N 78  
CYS CB   C  N N 79  
CYS SG   S  N N 80  
CYS OXT  O  N N 81  
CYS H    H  N N 82  
CYS H2   H  N N 83  
CYS HA   H  N N 84  
CYS HB2  H  N N 85  
CYS HB3  H  N N 86  
CYS HG   H  N N 87  
CYS HXT  H  N N 88  
GLN N    N  N N 89  
GLN CA   C  N S 90  
GLN C    C  N N 91  
GLN O    O  N N 92  
GLN CB   C  N N 93  
GLN CG   C  N N 94  
GLN CD   C  N N 95  
GLN OE1  O  N N 96  
GLN NE2  N  N N 97  
GLN OXT  O  N N 98  
GLN H    H  N N 99  
GLN H2   H  N N 100 
GLN HA   H  N N 101 
GLN HB2  H  N N 102 
GLN HB3  H  N N 103 
GLN HG2  H  N N 104 
GLN HG3  H  N N 105 
GLN HE21 H  N N 106 
GLN HE22 H  N N 107 
GLN HXT  H  N N 108 
GLU N    N  N N 109 
GLU CA   C  N S 110 
GLU C    C  N N 111 
GLU O    O  N N 112 
GLU CB   C  N N 113 
GLU CG   C  N N 114 
GLU CD   C  N N 115 
GLU OE1  O  N N 116 
GLU OE2  O  N N 117 
GLU OXT  O  N N 118 
GLU H    H  N N 119 
GLU H2   H  N N 120 
GLU HA   H  N N 121 
GLU HB2  H  N N 122 
GLU HB3  H  N N 123 
GLU HG2  H  N N 124 
GLU HG3  H  N N 125 
GLU HE2  H  N N 126 
GLU HXT  H  N N 127 
GLY N    N  N N 128 
GLY CA   C  N N 129 
GLY C    C  N N 130 
GLY O    O  N N 131 
GLY OXT  O  N N 132 
GLY H    H  N N 133 
GLY H2   H  N N 134 
GLY HA2  H  N N 135 
GLY HA3  H  N N 136 
GLY HXT  H  N N 137 
HIS N    N  N N 138 
HIS CA   C  N S 139 
HIS C    C  N N 140 
HIS O    O  N N 141 
HIS CB   C  N N 142 
HIS CG   C  Y N 143 
HIS ND1  N  Y N 144 
HIS CD2  C  Y N 145 
HIS CE1  C  Y N 146 
HIS NE2  N  Y N 147 
HIS OXT  O  N N 148 
HIS H    H  N N 149 
HIS H2   H  N N 150 
HIS HA   H  N N 151 
HIS HB2  H  N N 152 
HIS HB3  H  N N 153 
HIS HD1  H  N N 154 
HIS HD2  H  N N 155 
HIS HE1  H  N N 156 
HIS HE2  H  N N 157 
HIS HXT  H  N N 158 
HOH O    O  N N 159 
HOH H1   H  N N 160 
HOH H2   H  N N 161 
ILE N    N  N N 162 
ILE CA   C  N S 163 
ILE C    C  N N 164 
ILE O    O  N N 165 
ILE CB   C  N S 166 
ILE CG1  C  N N 167 
ILE CG2  C  N N 168 
ILE CD1  C  N N 169 
ILE OXT  O  N N 170 
ILE H    H  N N 171 
ILE H2   H  N N 172 
ILE HA   H  N N 173 
ILE HB   H  N N 174 
ILE HG12 H  N N 175 
ILE HG13 H  N N 176 
ILE HG21 H  N N 177 
ILE HG22 H  N N 178 
ILE HG23 H  N N 179 
ILE HD11 H  N N 180 
ILE HD12 H  N N 181 
ILE HD13 H  N N 182 
ILE HXT  H  N N 183 
LEU N    N  N N 184 
LEU CA   C  N S 185 
LEU C    C  N N 186 
LEU O    O  N N 187 
LEU CB   C  N N 188 
LEU CG   C  N N 189 
LEU CD1  C  N N 190 
LEU CD2  C  N N 191 
LEU OXT  O  N N 192 
LEU H    H  N N 193 
LEU H2   H  N N 194 
LEU HA   H  N N 195 
LEU HB2  H  N N 196 
LEU HB3  H  N N 197 
LEU HG   H  N N 198 
LEU HD11 H  N N 199 
LEU HD12 H  N N 200 
LEU HD13 H  N N 201 
LEU HD21 H  N N 202 
LEU HD22 H  N N 203 
LEU HD23 H  N N 204 
LEU HXT  H  N N 205 
LYS N    N  N N 206 
LYS CA   C  N S 207 
LYS C    C  N N 208 
LYS O    O  N N 209 
LYS CB   C  N N 210 
LYS CG   C  N N 211 
LYS CD   C  N N 212 
LYS CE   C  N N 213 
LYS NZ   N  N N 214 
LYS OXT  O  N N 215 
LYS H    H  N N 216 
LYS H2   H  N N 217 
LYS HA   H  N N 218 
LYS HB2  H  N N 219 
LYS HB3  H  N N 220 
LYS HG2  H  N N 221 
LYS HG3  H  N N 222 
LYS HD2  H  N N 223 
LYS HD3  H  N N 224 
LYS HE2  H  N N 225 
LYS HE3  H  N N 226 
LYS HZ1  H  N N 227 
LYS HZ2  H  N N 228 
LYS HZ3  H  N N 229 
LYS HXT  H  N N 230 
MET N    N  N N 231 
MET CA   C  N S 232 
MET C    C  N N 233 
MET O    O  N N 234 
MET CB   C  N N 235 
MET CG   C  N N 236 
MET SD   S  N N 237 
MET CE   C  N N 238 
MET OXT  O  N N 239 
MET H    H  N N 240 
MET H2   H  N N 241 
MET HA   H  N N 242 
MET HB2  H  N N 243 
MET HB3  H  N N 244 
MET HG2  H  N N 245 
MET HG3  H  N N 246 
MET HE1  H  N N 247 
MET HE2  H  N N 248 
MET HE3  H  N N 249 
MET HXT  H  N N 250 
PHE N    N  N N 251 
PHE CA   C  N S 252 
PHE C    C  N N 253 
PHE O    O  N N 254 
PHE CB   C  N N 255 
PHE CG   C  Y N 256 
PHE CD1  C  Y N 257 
PHE CD2  C  Y N 258 
PHE CE1  C  Y N 259 
PHE CE2  C  Y N 260 
PHE CZ   C  Y N 261 
PHE OXT  O  N N 262 
PHE H    H  N N 263 
PHE H2   H  N N 264 
PHE HA   H  N N 265 
PHE HB2  H  N N 266 
PHE HB3  H  N N 267 
PHE HD1  H  N N 268 
PHE HD2  H  N N 269 
PHE HE1  H  N N 270 
PHE HE2  H  N N 271 
PHE HZ   H  N N 272 
PHE HXT  H  N N 273 
PRO N    N  N N 274 
PRO CA   C  N S 275 
PRO C    C  N N 276 
PRO O    O  N N 277 
PRO CB   C  N N 278 
PRO CG   C  N N 279 
PRO CD   C  N N 280 
PRO OXT  O  N N 281 
PRO H    H  N N 282 
PRO HA   H  N N 283 
PRO HB2  H  N N 284 
PRO HB3  H  N N 285 
PRO HG2  H  N N 286 
PRO HG3  H  N N 287 
PRO HD2  H  N N 288 
PRO HD3  H  N N 289 
PRO HXT  H  N N 290 
SER N    N  N N 291 
SER CA   C  N S 292 
SER C    C  N N 293 
SER O    O  N N 294 
SER CB   C  N N 295 
SER OG   O  N N 296 
SER OXT  O  N N 297 
SER H    H  N N 298 
SER H2   H  N N 299 
SER HA   H  N N 300 
SER HB2  H  N N 301 
SER HB3  H  N N 302 
SER HG   H  N N 303 
SER HXT  H  N N 304 
THR N    N  N N 305 
THR CA   C  N S 306 
THR C    C  N N 307 
THR O    O  N N 308 
THR CB   C  N R 309 
THR OG1  O  N N 310 
THR CG2  C  N N 311 
THR OXT  O  N N 312 
THR H    H  N N 313 
THR H2   H  N N 314 
THR HA   H  N N 315 
THR HB   H  N N 316 
THR HG1  H  N N 317 
THR HG21 H  N N 318 
THR HG22 H  N N 319 
THR HG23 H  N N 320 
THR HXT  H  N N 321 
TRP N    N  N N 322 
TRP CA   C  N S 323 
TRP C    C  N N 324 
TRP O    O  N N 325 
TRP CB   C  N N 326 
TRP CG   C  Y N 327 
TRP CD1  C  Y N 328 
TRP CD2  C  Y N 329 
TRP NE1  N  Y N 330 
TRP CE2  C  Y N 331 
TRP CE3  C  Y N 332 
TRP CZ2  C  Y N 333 
TRP CZ3  C  Y N 334 
TRP CH2  C  Y N 335 
TRP OXT  O  N N 336 
TRP H    H  N N 337 
TRP H2   H  N N 338 
TRP HA   H  N N 339 
TRP HB2  H  N N 340 
TRP HB3  H  N N 341 
TRP HD1  H  N N 342 
TRP HE1  H  N N 343 
TRP HE3  H  N N 344 
TRP HZ2  H  N N 345 
TRP HZ3  H  N N 346 
TRP HH2  H  N N 347 
TRP HXT  H  N N 348 
TYR N    N  N N 349 
TYR CA   C  N S 350 
TYR C    C  N N 351 
TYR O    O  N N 352 
TYR CB   C  N N 353 
TYR CG   C  Y N 354 
TYR CD1  C  Y N 355 
TYR CD2  C  Y N 356 
TYR CE1  C  Y N 357 
TYR CE2  C  Y N 358 
TYR CZ   C  Y N 359 
TYR OH   O  N N 360 
TYR OXT  O  N N 361 
TYR H    H  N N 362 
TYR H2   H  N N 363 
TYR HA   H  N N 364 
TYR HB2  H  N N 365 
TYR HB3  H  N N 366 
TYR HD1  H  N N 367 
TYR HD2  H  N N 368 
TYR HE1  H  N N 369 
TYR HE2  H  N N 370 
TYR HH   H  N N 371 
TYR HXT  H  N N 372 
VAL N    N  N N 373 
VAL CA   C  N S 374 
VAL C    C  N N 375 
VAL O    O  N N 376 
VAL CB   C  N N 377 
VAL CG1  C  N N 378 
VAL CG2  C  N N 379 
VAL OXT  O  N N 380 
VAL H    H  N N 381 
VAL H2   H  N N 382 
VAL HA   H  N N 383 
VAL HB   H  N N 384 
VAL HG11 H  N N 385 
VAL HG12 H  N N 386 
VAL HG13 H  N N 387 
VAL HG21 H  N N 388 
VAL HG22 H  N N 389 
VAL HG23 H  N N 390 
VAL HXT  H  N N 391 
# 
loop_
_chem_comp_bond.comp_id 
_chem_comp_bond.atom_id_1 
_chem_comp_bond.atom_id_2 
_chem_comp_bond.value_order 
_chem_comp_bond.pdbx_aromatic_flag 
_chem_comp_bond.pdbx_stereo_config 
_chem_comp_bond.pdbx_ordinal 
ALA N   CA   sing N N 1   
ALA N   H    sing N N 2   
ALA N   H2   sing N N 3   
ALA CA  C    sing N N 4   
ALA CA  CB   sing N N 5   
ALA CA  HA   sing N N 6   
ALA C   O    doub N N 7   
ALA C   OXT  sing N N 8   
ALA CB  HB1  sing N N 9   
ALA CB  HB2  sing N N 10  
ALA CB  HB3  sing N N 11  
ALA OXT HXT  sing N N 12  
ARG N   CA   sing N N 13  
ARG N   H    sing N N 14  
ARG N   H2   sing N N 15  
ARG CA  C    sing N N 16  
ARG CA  CB   sing N N 17  
ARG CA  HA   sing N N 18  
ARG C   O    doub N N 19  
ARG C   OXT  sing N N 20  
ARG CB  CG   sing N N 21  
ARG CB  HB2  sing N N 22  
ARG CB  HB3  sing N N 23  
ARG CG  CD   sing N N 24  
ARG CG  HG2  sing N N 25  
ARG CG  HG3  sing N N 26  
ARG CD  NE   sing N N 27  
ARG CD  HD2  sing N N 28  
ARG CD  HD3  sing N N 29  
ARG NE  CZ   sing N N 30  
ARG NE  HE   sing N N 31  
ARG CZ  NH1  sing N N 32  
ARG CZ  NH2  doub N N 33  
ARG NH1 HH11 sing N N 34  
ARG NH1 HH12 sing N N 35  
ARG NH2 HH21 sing N N 36  
ARG NH2 HH22 sing N N 37  
ARG OXT HXT  sing N N 38  
ASN N   CA   sing N N 39  
ASN N   H    sing N N 40  
ASN N   H2   sing N N 41  
ASN CA  C    sing N N 42  
ASN CA  CB   sing N N 43  
ASN CA  HA   sing N N 44  
ASN C   O    doub N N 45  
ASN C   OXT  sing N N 46  
ASN CB  CG   sing N N 47  
ASN CB  HB2  sing N N 48  
ASN CB  HB3  sing N N 49  
ASN CG  OD1  doub N N 50  
ASN CG  ND2  sing N N 51  
ASN ND2 HD21 sing N N 52  
ASN ND2 HD22 sing N N 53  
ASN OXT HXT  sing N N 54  
ASP N   CA   sing N N 55  
ASP N   H    sing N N 56  
ASP N   H2   sing N N 57  
ASP CA  C    sing N N 58  
ASP CA  CB   sing N N 59  
ASP CA  HA   sing N N 60  
ASP C   O    doub N N 61  
ASP C   OXT  sing N N 62  
ASP CB  CG   sing N N 63  
ASP CB  HB2  sing N N 64  
ASP CB  HB3  sing N N 65  
ASP CG  OD1  doub N N 66  
ASP CG  OD2  sing N N 67  
ASP OD2 HD2  sing N N 68  
ASP OXT HXT  sing N N 69  
CYS N   CA   sing N N 70  
CYS N   H    sing N N 71  
CYS N   H2   sing N N 72  
CYS CA  C    sing N N 73  
CYS CA  CB   sing N N 74  
CYS CA  HA   sing N N 75  
CYS C   O    doub N N 76  
CYS C   OXT  sing N N 77  
CYS CB  SG   sing N N 78  
CYS CB  HB2  sing N N 79  
CYS CB  HB3  sing N N 80  
CYS SG  HG   sing N N 81  
CYS OXT HXT  sing N N 82  
GLN N   CA   sing N N 83  
GLN N   H    sing N N 84  
GLN N   H2   sing N N 85  
GLN CA  C    sing N N 86  
GLN CA  CB   sing N N 87  
GLN CA  HA   sing N N 88  
GLN C   O    doub N N 89  
GLN C   OXT  sing N N 90  
GLN CB  CG   sing N N 91  
GLN CB  HB2  sing N N 92  
GLN CB  HB3  sing N N 93  
GLN CG  CD   sing N N 94  
GLN CG  HG2  sing N N 95  
GLN CG  HG3  sing N N 96  
GLN CD  OE1  doub N N 97  
GLN CD  NE2  sing N N 98  
GLN NE2 HE21 sing N N 99  
GLN NE2 HE22 sing N N 100 
GLN OXT HXT  sing N N 101 
GLU N   CA   sing N N 102 
GLU N   H    sing N N 103 
GLU N   H2   sing N N 104 
GLU CA  C    sing N N 105 
GLU CA  CB   sing N N 106 
GLU CA  HA   sing N N 107 
GLU C   O    doub N N 108 
GLU C   OXT  sing N N 109 
GLU CB  CG   sing N N 110 
GLU CB  HB2  sing N N 111 
GLU CB  HB3  sing N N 112 
GLU CG  CD   sing N N 113 
GLU CG  HG2  sing N N 114 
GLU CG  HG3  sing N N 115 
GLU CD  OE1  doub N N 116 
GLU CD  OE2  sing N N 117 
GLU OE2 HE2  sing N N 118 
GLU OXT HXT  sing N N 119 
GLY N   CA   sing N N 120 
GLY N   H    sing N N 121 
GLY N   H2   sing N N 122 
GLY CA  C    sing N N 123 
GLY CA  HA2  sing N N 124 
GLY CA  HA3  sing N N 125 
GLY C   O    doub N N 126 
GLY C   OXT  sing N N 127 
GLY OXT HXT  sing N N 128 
HIS N   CA   sing N N 129 
HIS N   H    sing N N 130 
HIS N   H2   sing N N 131 
HIS CA  C    sing N N 132 
HIS CA  CB   sing N N 133 
HIS CA  HA   sing N N 134 
HIS C   O    doub N N 135 
HIS C   OXT  sing N N 136 
HIS CB  CG   sing N N 137 
HIS CB  HB2  sing N N 138 
HIS CB  HB3  sing N N 139 
HIS CG  ND1  sing Y N 140 
HIS CG  CD2  doub Y N 141 
HIS ND1 CE1  doub Y N 142 
HIS ND1 HD1  sing N N 143 
HIS CD2 NE2  sing Y N 144 
HIS CD2 HD2  sing N N 145 
HIS CE1 NE2  sing Y N 146 
HIS CE1 HE1  sing N N 147 
HIS NE2 HE2  sing N N 148 
HIS OXT HXT  sing N N 149 
HOH O   H1   sing N N 150 
HOH O   H2   sing N N 151 
ILE N   CA   sing N N 152 
ILE N   H    sing N N 153 
ILE N   H2   sing N N 154 
ILE CA  C    sing N N 155 
ILE CA  CB   sing N N 156 
ILE CA  HA   sing N N 157 
ILE C   O    doub N N 158 
ILE C   OXT  sing N N 159 
ILE CB  CG1  sing N N 160 
ILE CB  CG2  sing N N 161 
ILE CB  HB   sing N N 162 
ILE CG1 CD1  sing N N 163 
ILE CG1 HG12 sing N N 164 
ILE CG1 HG13 sing N N 165 
ILE CG2 HG21 sing N N 166 
ILE CG2 HG22 sing N N 167 
ILE CG2 HG23 sing N N 168 
ILE CD1 HD11 sing N N 169 
ILE CD1 HD12 sing N N 170 
ILE CD1 HD13 sing N N 171 
ILE OXT HXT  sing N N 172 
LEU N   CA   sing N N 173 
LEU N   H    sing N N 174 
LEU N   H2   sing N N 175 
LEU CA  C    sing N N 176 
LEU CA  CB   sing N N 177 
LEU CA  HA   sing N N 178 
LEU C   O    doub N N 179 
LEU C   OXT  sing N N 180 
LEU CB  CG   sing N N 181 
LEU CB  HB2  sing N N 182 
LEU CB  HB3  sing N N 183 
LEU CG  CD1  sing N N 184 
LEU CG  CD2  sing N N 185 
LEU CG  HG   sing N N 186 
LEU CD1 HD11 sing N N 187 
LEU CD1 HD12 sing N N 188 
LEU CD1 HD13 sing N N 189 
LEU CD2 HD21 sing N N 190 
LEU CD2 HD22 sing N N 191 
LEU CD2 HD23 sing N N 192 
LEU OXT HXT  sing N N 193 
LYS N   CA   sing N N 194 
LYS N   H    sing N N 195 
LYS N   H2   sing N N 196 
LYS CA  C    sing N N 197 
LYS CA  CB   sing N N 198 
LYS CA  HA   sing N N 199 
LYS C   O    doub N N 200 
LYS C   OXT  sing N N 201 
LYS CB  CG   sing N N 202 
LYS CB  HB2  sing N N 203 
LYS CB  HB3  sing N N 204 
LYS CG  CD   sing N N 205 
LYS CG  HG2  sing N N 206 
LYS CG  HG3  sing N N 207 
LYS CD  CE   sing N N 208 
LYS CD  HD2  sing N N 209 
LYS CD  HD3  sing N N 210 
LYS CE  NZ   sing N N 211 
LYS CE  HE2  sing N N 212 
LYS CE  HE3  sing N N 213 
LYS NZ  HZ1  sing N N 214 
LYS NZ  HZ2  sing N N 215 
LYS NZ  HZ3  sing N N 216 
LYS OXT HXT  sing N N 217 
MET N   CA   sing N N 218 
MET N   H    sing N N 219 
MET N   H2   sing N N 220 
MET CA  C    sing N N 221 
MET CA  CB   sing N N 222 
MET CA  HA   sing N N 223 
MET C   O    doub N N 224 
MET C   OXT  sing N N 225 
MET CB  CG   sing N N 226 
MET CB  HB2  sing N N 227 
MET CB  HB3  sing N N 228 
MET CG  SD   sing N N 229 
MET CG  HG2  sing N N 230 
MET CG  HG3  sing N N 231 
MET SD  CE   sing N N 232 
MET CE  HE1  sing N N 233 
MET CE  HE2  sing N N 234 
MET CE  HE3  sing N N 235 
MET OXT HXT  sing N N 236 
PHE N   CA   sing N N 237 
PHE N   H    sing N N 238 
PHE N   H2   sing N N 239 
PHE CA  C    sing N N 240 
PHE CA  CB   sing N N 241 
PHE CA  HA   sing N N 242 
PHE C   O    doub N N 243 
PHE C   OXT  sing N N 244 
PHE CB  CG   sing N N 245 
PHE CB  HB2  sing N N 246 
PHE CB  HB3  sing N N 247 
PHE CG  CD1  doub Y N 248 
PHE CG  CD2  sing Y N 249 
PHE CD1 CE1  sing Y N 250 
PHE CD1 HD1  sing N N 251 
PHE CD2 CE2  doub Y N 252 
PHE CD2 HD2  sing N N 253 
PHE CE1 CZ   doub Y N 254 
PHE CE1 HE1  sing N N 255 
PHE CE2 CZ   sing Y N 256 
PHE CE2 HE2  sing N N 257 
PHE CZ  HZ   sing N N 258 
PHE OXT HXT  sing N N 259 
PRO N   CA   sing N N 260 
PRO N   CD   sing N N 261 
PRO N   H    sing N N 262 
PRO CA  C    sing N N 263 
PRO CA  CB   sing N N 264 
PRO CA  HA   sing N N 265 
PRO C   O    doub N N 266 
PRO C   OXT  sing N N 267 
PRO CB  CG   sing N N 268 
PRO CB  HB2  sing N N 269 
PRO CB  HB3  sing N N 270 
PRO CG  CD   sing N N 271 
PRO CG  HG2  sing N N 272 
PRO CG  HG3  sing N N 273 
PRO CD  HD2  sing N N 274 
PRO CD  HD3  sing N N 275 
PRO OXT HXT  sing N N 276 
SER N   CA   sing N N 277 
SER N   H    sing N N 278 
SER N   H2   sing N N 279 
SER CA  C    sing N N 280 
SER CA  CB   sing N N 281 
SER CA  HA   sing N N 282 
SER C   O    doub N N 283 
SER C   OXT  sing N N 284 
SER CB  OG   sing N N 285 
SER CB  HB2  sing N N 286 
SER CB  HB3  sing N N 287 
SER OG  HG   sing N N 288 
SER OXT HXT  sing N N 289 
THR N   CA   sing N N 290 
THR N   H    sing N N 291 
THR N   H2   sing N N 292 
THR CA  C    sing N N 293 
THR CA  CB   sing N N 294 
THR CA  HA   sing N N 295 
THR C   O    doub N N 296 
THR C   OXT  sing N N 297 
THR CB  OG1  sing N N 298 
THR CB  CG2  sing N N 299 
THR CB  HB   sing N N 300 
THR OG1 HG1  sing N N 301 
THR CG2 HG21 sing N N 302 
THR CG2 HG22 sing N N 303 
THR CG2 HG23 sing N N 304 
THR OXT HXT  sing N N 305 
TRP N   CA   sing N N 306 
TRP N   H    sing N N 307 
TRP N   H2   sing N N 308 
TRP CA  C    sing N N 309 
TRP CA  CB   sing N N 310 
TRP CA  HA   sing N N 311 
TRP C   O    doub N N 312 
TRP C   OXT  sing N N 313 
TRP CB  CG   sing N N 314 
TRP CB  HB2  sing N N 315 
TRP CB  HB3  sing N N 316 
TRP CG  CD1  doub Y N 317 
TRP CG  CD2  sing Y N 318 
TRP CD1 NE1  sing Y N 319 
TRP CD1 HD1  sing N N 320 
TRP CD2 CE2  doub Y N 321 
TRP CD2 CE3  sing Y N 322 
TRP NE1 CE2  sing Y N 323 
TRP NE1 HE1  sing N N 324 
TRP CE2 CZ2  sing Y N 325 
TRP CE3 CZ3  doub Y N 326 
TRP CE3 HE3  sing N N 327 
TRP CZ2 CH2  doub Y N 328 
TRP CZ2 HZ2  sing N N 329 
TRP CZ3 CH2  sing Y N 330 
TRP CZ3 HZ3  sing N N 331 
TRP CH2 HH2  sing N N 332 
TRP OXT HXT  sing N N 333 
TYR N   CA   sing N N 334 
TYR N   H    sing N N 335 
TYR N   H2   sing N N 336 
TYR CA  C    sing N N 337 
TYR CA  CB   sing N N 338 
TYR CA  HA   sing N N 339 
TYR C   O    doub N N 340 
TYR C   OXT  sing N N 341 
TYR CB  CG   sing N N 342 
TYR CB  HB2  sing N N 343 
TYR CB  HB3  sing N N 344 
TYR CG  CD1  doub Y N 345 
TYR CG  CD2  sing Y N 346 
TYR CD1 CE1  sing Y N 347 
TYR CD1 HD1  sing N N 348 
TYR CD2 CE2  doub Y N 349 
TYR CD2 HD2  sing N N 350 
TYR CE1 CZ   doub Y N 351 
TYR CE1 HE1  sing N N 352 
TYR CE2 CZ   sing Y N 353 
TYR CE2 HE2  sing N N 354 
TYR CZ  OH   sing N N 355 
TYR OH  HH   sing N N 356 
TYR OXT HXT  sing N N 357 
VAL N   CA   sing N N 358 
VAL N   H    sing N N 359 
VAL N   H2   sing N N 360 
VAL CA  C    sing N N 361 
VAL CA  CB   sing N N 362 
VAL CA  HA   sing N N 363 
VAL C   O    doub N N 364 
VAL C   OXT  sing N N 365 
VAL CB  CG1  sing N N 366 
VAL CB  CG2  sing N N 367 
VAL CB  HB   sing N N 368 
VAL CG1 HG11 sing N N 369 
VAL CG1 HG12 sing N N 370 
VAL CG1 HG13 sing N N 371 
VAL CG2 HG21 sing N N 372 
VAL CG2 HG22 sing N N 373 
VAL CG2 HG23 sing N N 374 
VAL OXT HXT  sing N N 375 
# 
_pdbx_initial_refinement_model.id               1 
_pdbx_initial_refinement_model.entity_id_list   ? 
_pdbx_initial_refinement_model.type             'experimental model' 
_pdbx_initial_refinement_model.source_name      PDB 
_pdbx_initial_refinement_model.accession_code   1PCV 
_pdbx_initial_refinement_model.details          'PDB ENTRY 1PCV' 
# 
_atom_sites.entry_id                    2I0W 
_atom_sites.fract_transf_matrix[1][1]   0.00679050 
_atom_sites.fract_transf_matrix[1][2]   0.00911398 
_atom_sites.fract_transf_matrix[1][3]   -0.01181056 
_atom_sites.fract_transf_matrix[2][1]   0.00715732 
_atom_sites.fract_transf_matrix[2][2]   0.00939519 
_atom_sites.fract_transf_matrix[2][3]   0.01136521 
_atom_sites.fract_transf_matrix[3][1]   0.01269709 
_atom_sites.fract_transf_matrix[3][2]   -0.00957009 
_atom_sites.fract_transf_matrix[3][3]   -0.00008484 
_atom_sites.fract_transf_vector[1]      0.155409 
_atom_sites.fract_transf_vector[2]      0.453966 
_atom_sites.fract_transf_vector[3]      0.003172 
# 
loop_
_atom_type.symbol 
C  
CL 
N  
O  
S  
# 
loop_
_atom_site.group_PDB 
_atom_site.id 
_atom_site.type_symbol 
_atom_site.label_atom_id 
_atom_site.label_alt_id 
_atom_site.label_comp_id 
_atom_site.label_asym_id 
_atom_site.label_entity_id 
_atom_site.label_seq_id 
_atom_site.pdbx_PDB_ins_code 
_atom_site.Cartn_x 
_atom_site.Cartn_y 
_atom_site.Cartn_z 
_atom_site.occupancy 
_atom_site.B_iso_or_equiv 
_atom_site.pdbx_formal_charge 
_atom_site.auth_seq_id 
_atom_site.auth_comp_id 
_atom_site.auth_asym_id 
_atom_site.auth_atom_id 
_atom_site.pdbx_PDB_model_num 
ATOM   1    N  N   . ALA A 1 1   ? -2.930  14.540  -9.175  1.00 27.71  ? 1   ALA A N   1 
ATOM   2    C  CA  . ALA A 1 1   ? -3.570  13.688  -10.208 1.00 29.24  ? 1   ALA A CA  1 
ATOM   3    C  C   . ALA A 1 1   ? -2.547  12.775  -10.862 1.00 29.01  ? 1   ALA A C   1 
ATOM   4    O  O   . ALA A 1 1   ? -2.897  11.709  -11.365 1.00 28.48  ? 1   ALA A O   1 
ATOM   5    C  CB  . ALA A 1 1   ? -4.245  14.541  -11.251 1.00 16.32  ? 1   ALA A CB  1 
ATOM   6    N  N   . THR A 1 2   ? -1.285  13.186  -10.878 1.00 23.71  ? 2   THR A N   1 
ATOM   7    C  CA  . THR A 1 2   ? -0.263  12.319  -11.453 1.00 24.17  ? 2   THR A CA  1 
ATOM   8    C  C   . THR A 1 2   ? 0.432   11.515  -10.353 1.00 24.03  ? 2   THR A C   1 
ATOM   9    O  O   . THR A 1 2   ? 0.880   12.065  -9.351  1.00 23.58  ? 2   THR A O   1 
ATOM   10   C  CB  . THR A 1 2   ? 0.776   13.118  -12.270 1.00 35.06  ? 2   THR A CB  1 
ATOM   11   O  OG1 . THR A 1 2   ? 0.391   13.106  -13.651 1.00 36.35  ? 2   THR A OG1 1 
ATOM   12   C  CG2 . THR A 1 2   ? 2.149   12.512  -12.145 1.00 34.64  ? 2   THR A CG2 1 
ATOM   13   N  N   . ILE A 1 3   ? 0.492   10.202  -10.536 1.00 22.89  ? 3   ILE A N   1 
ATOM   14   C  CA  . ILE A 1 3   ? 1.139   9.343   -9.562  1.00 21.40  ? 3   ILE A CA  1 
ATOM   15   C  C   . ILE A 1 3   ? 2.264   8.557   -10.218 1.00 21.01  ? 3   ILE A C   1 
ATOM   16   O  O   . ILE A 1 3   ? 2.054   7.835   -11.192 1.00 21.91  ? 3   ILE A O   1 
ATOM   17   C  CB  . ILE A 1 3   ? 0.154   8.354   -8.931  1.00 32.29  ? 3   ILE A CB  1 
ATOM   18   C  CG1 . ILE A 1 3   ? -0.984  9.111   -8.254  1.00 31.23  ? 3   ILE A CG1 1 
ATOM   19   C  CG2 . ILE A 1 3   ? 0.872   7.501   -7.903  1.00 30.86  ? 3   ILE A CG2 1 
ATOM   20   C  CD1 . ILE A 1 3   ? -2.059  8.218   -7.739  1.00 31.15  ? 3   ILE A CD1 1 
ATOM   21   N  N   . GLU A 1 4   ? 3.461   8.700   -9.663  1.00 23.25  ? 4   GLU A N   1 
ATOM   22   C  CA  . GLU A 1 4   ? 4.632   8.028   -10.185 1.00 23.14  ? 4   GLU A CA  1 
ATOM   23   C  C   . GLU A 1 4   ? 5.043   6.861   -9.299  1.00 23.55  ? 4   GLU A C   1 
ATOM   24   O  O   . GLU A 1 4   ? 5.298   7.030   -8.105  1.00 23.81  ? 4   GLU A O   1 
ATOM   25   C  CB  . GLU A 1 4   ? 5.762   9.025   -10.289 1.00 46.15  ? 4   GLU A CB  1 
ATOM   26   C  CG  . GLU A 1 4   ? 6.977   8.488   -10.952 1.00 47.18  ? 4   GLU A CG  1 
ATOM   27   C  CD  . GLU A 1 4   ? 8.083   9.507   -10.961 1.00 49.49  ? 4   GLU A CD  1 
ATOM   28   O  OE1 . GLU A 1 4   ? 7.814   10.659  -11.366 1.00 47.26  ? 4   GLU A OE1 1 
ATOM   29   O  OE2 . GLU A 1 4   ? 9.216   9.162   -10.565 1.00 50.40  ? 4   GLU A OE2 1 
ATOM   30   N  N   . VAL A 1 5   ? 5.103   5.674   -9.895  1.00 23.79  ? 5   VAL A N   1 
ATOM   31   C  CA  . VAL A 1 5   ? 5.474   4.469   -9.171  1.00 21.46  ? 5   VAL A CA  1 
ATOM   32   C  C   . VAL A 1 5   ? 6.886   4.084   -9.608  1.00 21.18  ? 5   VAL A C   1 
ATOM   33   O  O   . VAL A 1 5   ? 7.152   3.850   -10.787 1.00 22.29  ? 5   VAL A O   1 
ATOM   34   C  CB  . VAL A 1 5   ? 4.482   3.316   -9.473  1.00 17.53  ? 5   VAL A CB  1 
ATOM   35   C  CG1 . VAL A 1 5   ? 4.758   2.140   -8.570  1.00 16.31  ? 5   VAL A CG1 1 
ATOM   36   C  CG2 . VAL A 1 5   ? 3.051   3.795   -9.278  1.00 14.60  ? 5   VAL A CG2 1 
ATOM   37   N  N   . ARG A 1 6   ? 7.793   4.026   -8.644  1.00 23.99  ? 6   ARG A N   1 
ATOM   38   C  CA  . ARG A 1 6   ? 9.183   3.712   -8.920  1.00 25.77  ? 6   ARG A CA  1 
ATOM   39   C  C   . ARG A 1 6   ? 9.664   2.519   -8.109  1.00 25.92  ? 6   ARG A C   1 
ATOM   40   O  O   . ARG A 1 6   ? 9.526   2.493   -6.883  1.00 25.44  ? 6   ARG A O   1 
ATOM   41   C  CB  . ARG A 1 6   ? 10.033  4.950   -8.616  1.00 53.32  ? 6   ARG A CB  1 
ATOM   42   C  CG  . ARG A 1 6   ? 11.500  4.703   -8.364  1.00 57.35  ? 6   ARG A CG  1 
ATOM   43   C  CD  . ARG A 1 6   ? 12.207  6.022   -8.046  1.00 59.71  ? 6   ARG A CD  1 
ATOM   44   N  NE  . ARG A 1 6   ? 12.728  6.673   -9.243  1.00 62.99  ? 6   ARG A NE  1 
ATOM   45   C  CZ  . ARG A 1 6   ? 13.777  6.229   -9.930  1.00 64.44  ? 6   ARG A CZ  1 
ATOM   46   N  NH1 . ARG A 1 6   ? 14.419  5.134   -9.538  1.00 63.51  ? 6   ARG A NH1 1 
ATOM   47   N  NH2 . ARG A 1 6   ? 14.183  6.874   -11.015 1.00 64.71  ? 6   ARG A NH2 1 
ATOM   48   N  N   . ASN A 1 7   ? 10.210  1.523   -8.803  1.00 24.52  ? 7   ASN A N   1 
ATOM   49   C  CA  . ASN A 1 7   ? 10.736  0.345   -8.133  1.00 24.69  ? 7   ASN A CA  1 
ATOM   50   C  C   . ASN A 1 7   ? 12.238  0.486   -7.901  1.00 24.81  ? 7   ASN A C   1 
ATOM   51   O  O   . ASN A 1 7   ? 13.032  0.368   -8.835  1.00 24.90  ? 7   ASN A O   1 
ATOM   52   C  CB  . ASN A 1 7   ? 10.475  -0.924  -8.951  1.00 30.74  ? 7   ASN A CB  1 
ATOM   53   C  CG  . ASN A 1 7   ? 11.172  -2.148  -8.364  1.00 30.72  ? 7   ASN A CG  1 
ATOM   54   O  OD1 . ASN A 1 7   ? 11.427  -2.204  -7.161  1.00 31.23  ? 7   ASN A OD1 1 
ATOM   55   N  ND2 . ASN A 1 7   ? 11.470  -3.130  -9.203  1.00 28.54  ? 7   ASN A ND2 1 
ATOM   56   N  N   . ASN A 1 8   ? 12.618  0.749   -6.653  1.00 19.51  ? 8   ASN A N   1 
ATOM   57   C  CA  . ASN A 1 8   ? 14.026  0.881   -6.295  1.00 19.81  ? 8   ASN A CA  1 
ATOM   58   C  C   . ASN A 1 8   ? 14.517  -0.395  -5.598  1.00 19.23  ? 8   ASN A C   1 
ATOM   59   O  O   . ASN A 1 8   ? 15.602  -0.423  -5.030  1.00 19.63  ? 8   ASN A O   1 
ATOM   60   C  CB  . ASN A 1 8   ? 14.232  2.106   -5.387  1.00 25.18  ? 8   ASN A CB  1 
ATOM   61   C  CG  . ASN A 1 8   ? 15.711  2.429   -5.154  1.00 27.62  ? 8   ASN A CG  1 
ATOM   62   O  OD1 . ASN A 1 8   ? 16.495  2.546   -6.102  1.00 29.74  ? 8   ASN A OD1 1 
ATOM   63   N  ND2 . ASN A 1 8   ? 16.092  2.582   -3.889  1.00 27.83  ? 8   ASN A ND2 1 
ATOM   64   N  N   . CYS A 1 9   ? 13.712  -1.452  -5.637  1.00 27.28  ? 9   CYS A N   1 
ATOM   65   C  CA  . CYS A 1 9   ? 14.108  -2.716  -5.023  1.00 26.99  ? 9   CYS A CA  1 
ATOM   66   C  C   . CYS A 1 9   ? 15.091  -3.438  -5.938  1.00 27.62  ? 9   CYS A C   1 
ATOM   67   O  O   . CYS A 1 9   ? 15.049  -3.275  -7.162  1.00 27.14  ? 9   CYS A O   1 
ATOM   68   C  CB  . CYS A 1 9   ? 12.902  -3.633  -4.807  1.00 21.62  ? 9   CYS A CB  1 
ATOM   69   S  SG  . CYS A 1 9   ? 11.567  -2.928  -3.811  1.00 19.89  ? 9   CYS A SG  1 
ATOM   70   N  N   . PRO A 1 10  ? 15.980  -4.254  -5.355  1.00 43.94  ? 10  PRO A N   1 
ATOM   71   C  CA  . PRO A 1 10  ? 16.968  -5.005  -6.132  1.00 44.65  ? 10  PRO A CA  1 
ATOM   72   C  C   . PRO A 1 10  ? 16.310  -6.137  -6.935  1.00 45.50  ? 10  PRO A C   1 
ATOM   73   O  O   . PRO A 1 10  ? 16.925  -6.740  -7.814  1.00 46.96  ? 10  PRO A O   1 
ATOM   74   C  CB  . PRO A 1 10  ? 17.931  -5.507  -5.058  1.00 34.83  ? 10  PRO A CB  1 
ATOM   75   C  CG  . PRO A 1 10  ? 17.052  -5.685  -3.873  1.00 34.87  ? 10  PRO A CG  1 
ATOM   76   C  CD  . PRO A 1 10  ? 16.191  -4.448  -3.910  1.00 33.26  ? 10  PRO A CD  1 
ATOM   77   N  N   . TYR A 1 11  ? 15.047  -6.403  -6.634  1.00 31.20  ? 11  TYR A N   1 
ATOM   78   C  CA  . TYR A 1 11  ? 14.297  -7.440  -7.323  1.00 29.83  ? 11  TYR A CA  1 
ATOM   79   C  C   . TYR A 1 11  ? 13.132  -6.849  -8.115  1.00 29.47  ? 11  TYR A C   1 
ATOM   80   O  O   . TYR A 1 11  ? 12.733  -5.705  -7.896  1.00 30.93  ? 11  TYR A O   1 
ATOM   81   C  CB  . TYR A 1 11  ? 13.771  -8.444  -6.306  1.00 25.44  ? 11  TYR A CB  1 
ATOM   82   C  CG  . TYR A 1 11  ? 13.105  -7.797  -5.114  1.00 27.02  ? 11  TYR A CG  1 
ATOM   83   C  CD1 . TYR A 1 11  ? 11.737  -7.540  -5.107  1.00 25.72  ? 11  TYR A CD1 1 
ATOM   84   C  CD2 . TYR A 1 11  ? 13.844  -7.454  -3.984  1.00 25.72  ? 11  TYR A CD2 1 
ATOM   85   C  CE1 . TYR A 1 11  ? 11.115  -6.966  -3.996  1.00 26.20  ? 11  TYR A CE1 1 
ATOM   86   C  CE2 . TYR A 1 11  ? 13.239  -6.881  -2.874  1.00 26.90  ? 11  TYR A CE2 1 
ATOM   87   C  CZ  . TYR A 1 11  ? 11.872  -6.643  -2.882  1.00 27.12  ? 11  TYR A CZ  1 
ATOM   88   O  OH  . TYR A 1 11  ? 11.259  -6.115  -1.769  1.00 26.26  ? 11  TYR A OH  1 
ATOM   89   N  N   . THR A 1 12  ? 12.597  -7.639  -9.037  1.00 27.43  ? 12  THR A N   1 
ATOM   90   C  CA  . THR A 1 12  ? 11.478  -7.212  -9.857  1.00 27.14  ? 12  THR A CA  1 
ATOM   91   C  C   . THR A 1 12  ? 10.201  -7.122  -9.034  1.00 26.00  ? 12  THR A C   1 
ATOM   92   O  O   . THR A 1 12  ? 9.962   -7.923  -8.127  1.00 26.52  ? 12  THR A O   1 
ATOM   93   C  CB  . THR A 1 12  ? 11.232  -8.187  -11.031 1.00 36.64  ? 12  THR A CB  1 
ATOM   94   O  OG1 . THR A 1 12  ? 12.348  -8.150  -11.927 1.00 39.50  ? 12  THR A OG1 1 
ATOM   95   C  CG2 . THR A 1 12  ? 9.966   -7.806  -11.788 1.00 37.54  ? 12  THR A CG2 1 
ATOM   96   N  N   . VAL A 1 13  ? 9.380   -6.136  -9.362  1.00 27.30  ? 13  VAL A N   1 
ATOM   97   C  CA  . VAL A 1 13  ? 8.126   -5.941  -8.668  1.00 25.82  ? 13  VAL A CA  1 
ATOM   98   C  C   . VAL A 1 13  ? 7.014   -5.710  -9.674  1.00 25.39  ? 13  VAL A C   1 
ATOM   99   O  O   . VAL A 1 13  ? 7.163   -4.940  -10.628 1.00 26.83  ? 13  VAL A O   1 
ATOM   100  C  CB  . VAL A 1 13  ? 8.203   -4.736  -7.718  1.00 27.15  ? 13  VAL A CB  1 
ATOM   101  C  CG1 . VAL A 1 13  ? 6.822   -4.382  -7.214  1.00 25.01  ? 13  VAL A CG1 1 
ATOM   102  C  CG2 . VAL A 1 13  ? 9.120   -5.057  -6.553  1.00 24.55  ? 13  VAL A CG2 1 
ATOM   103  N  N   . TRP A 1 14  ? 5.901   -6.397  -9.471  1.00 17.69  ? 14  TRP A N   1 
ATOM   104  C  CA  . TRP A 1 14  ? 4.765   -6.229  -10.353 1.00 19.02  ? 14  TRP A CA  1 
ATOM   105  C  C   . TRP A 1 14  ? 3.795   -5.249  -9.711  1.00 19.14  ? 14  TRP A C   1 
ATOM   106  O  O   . TRP A 1 14  ? 2.965   -5.620  -8.879  1.00 20.32  ? 14  TRP A O   1 
ATOM   107  C  CB  . TRP A 1 14  ? 4.104   -7.584  -10.619 1.00 31.77  ? 14  TRP A CB  1 
ATOM   108  C  CG  . TRP A 1 14  ? 4.924   -8.422  -11.552 1.00 32.37  ? 14  TRP A CG  1 
ATOM   109  C  CD1 . TRP A 1 14  ? 4.827   -8.469  -12.911 1.00 33.16  ? 14  TRP A CD1 1 
ATOM   110  C  CD2 . TRP A 1 14  ? 6.036   -9.258  -11.201 1.00 31.89  ? 14  TRP A CD2 1 
ATOM   111  N  NE1 . TRP A 1 14  ? 5.809   -9.277  -13.432 1.00 33.33  ? 14  TRP A NE1 1 
ATOM   112  C  CE2 . TRP A 1 14  ? 6.567   -9.775  -12.404 1.00 32.84  ? 14  TRP A CE2 1 
ATOM   113  C  CE3 . TRP A 1 14  ? 6.638   -9.617  -9.986  1.00 32.91  ? 14  TRP A CE3 1 
ATOM   114  C  CZ2 . TRP A 1 14  ? 7.669   -10.634 -12.428 1.00 31.55  ? 14  TRP A CZ2 1 
ATOM   115  C  CZ3 . TRP A 1 14  ? 7.733   -10.470 -10.008 1.00 33.24  ? 14  TRP A CZ3 1 
ATOM   116  C  CH2 . TRP A 1 14  ? 8.239   -10.969 -11.222 1.00 33.33  ? 14  TRP A CH2 1 
ATOM   117  N  N   . ALA A 1 15  ? 3.928   -3.984  -10.091 1.00 31.65  ? 15  ALA A N   1 
ATOM   118  C  CA  . ALA A 1 15  ? 3.073   -2.935  -9.561  1.00 30.10  ? 15  ALA A CA  1 
ATOM   119  C  C   . ALA A 1 15  ? 1.631   -3.189  -9.977  1.00 29.46  ? 15  ALA A C   1 
ATOM   120  O  O   . ALA A 1 15  ? 1.367   -3.694  -11.070 1.00 29.91  ? 15  ALA A O   1 
ATOM   121  C  CB  . ALA A 1 15  ? 3.544   -1.569  -10.070 1.00 29.02  ? 15  ALA A CB  1 
ATOM   122  N  N   . ALA A 1 16  ? 0.704   -2.853  -9.089  1.00 26.40  ? 16  ALA A N   1 
ATOM   123  C  CA  . ALA A 1 16  ? -0.719  -3.030  -9.357  1.00 25.52  ? 16  ALA A CA  1 
ATOM   124  C  C   . ALA A 1 16  ? -1.434  -1.751  -8.953  1.00 25.28  ? 16  ALA A C   1 
ATOM   125  O  O   . ALA A 1 16  ? -1.031  -1.086  -7.995  1.00 25.43  ? 16  ALA A O   1 
ATOM   126  C  CB  . ALA A 1 16  ? -1.263  -4.210  -8.564  1.00 25.54  ? 16  ALA A CB  1 
ATOM   127  N  N   . SER A 1 17  ? -2.498  -1.405  -9.670  1.00 25.19  ? 17  SER A N   1 
ATOM   128  C  CA  . SER A 1 17  ? -3.213  -0.180  -9.358  1.00 24.86  ? 17  SER A CA  1 
ATOM   129  C  C   . SER A 1 17  ? -4.691  -0.211  -9.707  1.00 25.31  ? 17  SER A C   1 
ATOM   130  O  O   . SER A 1 17  ? -5.060  -0.514  -10.842 1.00 25.83  ? 17  SER A O   1 
ATOM   131  C  CB  . SER A 1 17  ? -2.552  0.987   -10.083 1.00 17.70  ? 17  SER A CB  1 
ATOM   132  O  OG  . SER A 1 17  ? -3.219  2.199   -9.796  1.00 18.99  ? 17  SER A OG  1 
ATOM   133  N  N   . THR A 1 18  ? -5.529  0.114   -8.725  1.00 23.72  ? 18  THR A N   1 
ATOM   134  C  CA  . THR A 1 18  ? -6.978  0.159   -8.921  1.00 24.07  ? 18  THR A CA  1 
ATOM   135  C  C   . THR A 1 18  ? -7.524  1.470   -8.350  1.00 25.76  ? 18  THR A C   1 
ATOM   136  O  O   . THR A 1 18  ? -6.932  2.062   -7.442  1.00 25.50  ? 18  THR A O   1 
ATOM   137  C  CB  . THR A 1 18  ? -7.701  -1.019  -8.210  1.00 28.55  ? 18  THR A CB  1 
ATOM   138  O  OG1 . THR A 1 18  ? -7.403  -0.991  -6.811  1.00 26.07  ? 18  THR A OG1 1 
ATOM   139  C  CG2 . THR A 1 18  ? -7.268  -2.351  -8.789  1.00 27.57  ? 18  THR A CG2 1 
ATOM   140  N  N   . PRO A 1 19  ? -8.655  1.954   -8.889  1.00 29.66  ? 19  PRO A N   1 
ATOM   141  C  CA  . PRO A 1 19  ? -9.446  1.362   -9.973  1.00 33.14  ? 19  PRO A CA  1 
ATOM   142  C  C   . PRO A 1 19  ? -8.919  1.724   -11.365 1.00 35.20  ? 19  PRO A C   1 
ATOM   143  O  O   . PRO A 1 19  ? -9.447  1.268   -12.377 1.00 37.13  ? 19  PRO A O   1 
ATOM   144  C  CB  . PRO A 1 19  ? -10.835 1.928   -9.722  1.00 30.22  ? 19  PRO A CB  1 
ATOM   145  C  CG  . PRO A 1 19  ? -10.520 3.312   -9.254  1.00 27.20  ? 19  PRO A CG  1 
ATOM   146  C  CD  . PRO A 1 19  ? -9.371  3.094   -8.286  1.00 26.57  ? 19  PRO A CD  1 
ATOM   147  N  N   . ILE A 1 20  ? -7.891  2.559   -11.413 1.00 29.60  ? 20  ILE A N   1 
ATOM   148  C  CA  . ILE A 1 20  ? -7.301  2.956   -12.682 1.00 31.12  ? 20  ILE A CA  1 
ATOM   149  C  C   . ILE A 1 20  ? -5.840  2.557   -12.675 1.00 31.11  ? 20  ILE A C   1 
ATOM   150  O  O   . ILE A 1 20  ? -5.195  2.569   -11.630 1.00 32.12  ? 20  ILE A O   1 
ATOM   151  C  CB  . ILE A 1 20  ? -7.422  4.495   -12.933 1.00 36.67  ? 20  ILE A CB  1 
ATOM   152  C  CG1 . ILE A 1 20  ? -7.125  5.283   -11.653 1.00 37.63  ? 20  ILE A CG1 1 
ATOM   153  C  CG2 . ILE A 1 20  ? -8.812  4.832   -13.442 1.00 35.97  ? 20  ILE A CG2 1 
ATOM   154  C  CD1 . ILE A 1 20  ? -5.670  5.395   -11.316 1.00 39.77  ? 20  ILE A CD1 1 
ATOM   155  N  N   . GLY A 1 21  ? -5.331  2.182   -13.839 1.00 25.86  ? 21  GLY A N   1 
ATOM   156  C  CA  . GLY A 1 21  ? -3.941  1.789   -13.936 1.00 25.72  ? 21  GLY A CA  1 
ATOM   157  C  C   . GLY A 1 21  ? -3.752  0.359   -14.405 1.00 26.28  ? 21  GLY A C   1 
ATOM   158  O  O   . GLY A 1 21  ? -3.243  0.123   -15.499 1.00 26.90  ? 21  GLY A O   1 
ATOM   159  N  N   . GLY A 1 22  ? -4.155  -0.598  -13.575 1.00 21.68  ? 22  GLY A N   1 
ATOM   160  C  CA  . GLY A 1 22  ? -4.003  -1.992  -13.936 1.00 21.10  ? 22  GLY A CA  1 
ATOM   161  C  C   . GLY A 1 22  ? -2.778  -2.646  -13.317 1.00 21.89  ? 22  GLY A C   1 
ATOM   162  O  O   . GLY A 1 22  ? -2.659  -2.750  -12.097 1.00 22.67  ? 22  GLY A O   1 
ATOM   163  N  N   . GLY A 1 23  ? -1.856  -3.089  -14.161 1.00 24.13  ? 23  GLY A N   1 
ATOM   164  C  CA  . GLY A 1 23  ? -0.667  -3.747  -13.663 1.00 24.88  ? 23  GLY A CA  1 
ATOM   165  C  C   . GLY A 1 23  ? 0.522   -3.529  -14.570 1.00 26.30  ? 23  GLY A C   1 
ATOM   166  O  O   . GLY A 1 23  ? 0.366   -3.233  -15.756 1.00 27.14  ? 23  GLY A O   1 
ATOM   167  N  N   . ARG A 1 24  ? 1.719   -3.686  -14.020 1.00 24.90  ? 24  ARG A N   1 
ATOM   168  C  CA  . ARG A 1 24  ? 2.925   -3.468  -14.799 1.00 25.63  ? 24  ARG A CA  1 
ATOM   169  C  C   . ARG A 1 24  ? 4.166   -4.088  -14.146 1.00 26.21  ? 24  ARG A C   1 
ATOM   170  O  O   . ARG A 1 24  ? 4.382   -3.973  -12.935 1.00 25.84  ? 24  ARG A O   1 
ATOM   171  C  CB  . ARG A 1 24  ? 3.127   -1.958  -14.990 1.00 32.57  ? 24  ARG A CB  1 
ATOM   172  C  CG  . ARG A 1 24  ? 4.430   -1.561  -15.654 1.00 34.65  ? 24  ARG A CG  1 
ATOM   173  C  CD  . ARG A 1 24  ? 4.376   -1.829  -17.128 1.00 37.91  ? 24  ARG A CD  1 
ATOM   174  N  NE  . ARG A 1 24  ? 3.511   -0.877  -17.821 1.00 40.93  ? 24  ARG A NE  1 
ATOM   175  C  CZ  . ARG A 1 24  ? 3.809   0.403   -18.018 1.00 42.27  ? 24  ARG A CZ  1 
ATOM   176  N  NH1 . ARG A 1 24  ? 4.956   0.896   -17.573 1.00 43.01  ? 24  ARG A NH1 1 
ATOM   177  N  NH2 . ARG A 1 24  ? 2.972   1.184   -18.683 1.00 42.22  ? 24  ARG A NH2 1 
ATOM   178  N  N   . ARG A 1 25  ? 4.970   -4.763  -14.957 1.00 24.20  ? 25  ARG A N   1 
ATOM   179  C  CA  . ARG A 1 25  ? 6.201   -5.358  -14.468 1.00 24.75  ? 25  ARG A CA  1 
ATOM   180  C  C   . ARG A 1 25  ? 7.186   -4.205  -14.301 1.00 25.12  ? 25  ARG A C   1 
ATOM   181  O  O   . ARG A 1 25  ? 7.343   -3.384  -15.197 1.00 25.51  ? 25  ARG A O   1 
ATOM   182  C  CB  . ARG A 1 25  ? 6.754   -6.361  -15.487 1.00 55.16  ? 25  ARG A CB  1 
ATOM   183  C  CG  . ARG A 1 25  ? 8.161   -6.868  -15.186 1.00 55.64  ? 25  ARG A CG  1 
ATOM   184  C  CD  . ARG A 1 25  ? 8.737   -7.617  -16.385 1.00 57.88  ? 25  ARG A CD  1 
ATOM   185  N  NE  . ARG A 1 25  ? 8.944   -9.040  -16.128 1.00 59.62  ? 25  ARG A NE  1 
ATOM   186  C  CZ  . ARG A 1 25  ? 10.047  -9.562  -15.594 1.00 59.70  ? 25  ARG A CZ  1 
ATOM   187  N  NH1 . ARG A 1 25  ? 11.066  -8.780  -15.254 1.00 59.11  ? 25  ARG A NH1 1 
ATOM   188  N  NH2 . ARG A 1 25  ? 10.133  -10.872 -15.397 1.00 60.08  ? 25  ARG A NH2 1 
ATOM   189  N  N   . LEU A 1 26  ? 7.824   -4.119  -13.145 1.00 23.87  ? 26  LEU A N   1 
ATOM   190  C  CA  . LEU A 1 26  ? 8.801   -3.072  -12.928 1.00 24.30  ? 26  LEU A CA  1 
ATOM   191  C  C   . LEU A 1 26  ? 10.106  -3.698  -12.471 1.00 25.85  ? 26  LEU A C   1 
ATOM   192  O  O   . LEU A 1 26  ? 10.179  -4.295  -11.394 1.00 27.59  ? 26  LEU A O   1 
ATOM   193  C  CB  . LEU A 1 26  ? 8.309   -2.071  -11.881 1.00 27.39  ? 26  LEU A CB  1 
ATOM   194  C  CG  . LEU A 1 26  ? 7.118   -1.193  -12.273 1.00 26.07  ? 26  LEU A CG  1 
ATOM   195  C  CD1 . LEU A 1 26  ? 6.789   -0.247  -11.125 1.00 24.83  ? 26  LEU A CD1 1 
ATOM   196  C  CD2 . LEU A 1 26  ? 7.443   -0.411  -13.530 1.00 26.05  ? 26  LEU A CD2 1 
ATOM   197  N  N   . ASN A 1 27  ? 11.129  -3.596  -13.312 1.00 38.87  ? 27  ASN A N   1 
ATOM   198  C  CA  . ASN A 1 27  ? 12.433  -4.130  -12.964 1.00 39.67  ? 27  ASN A CA  1 
ATOM   199  C  C   . ASN A 1 27  ? 13.121  -3.042  -12.163 1.00 39.40  ? 27  ASN A C   1 
ATOM   200  O  O   . ASN A 1 27  ? 12.653  -1.904  -12.133 1.00 39.68  ? 27  ASN A O   1 
ATOM   201  C  CB  . ASN A 1 27  ? 13.249  -4.452  -14.217 1.00 61.51  ? 27  ASN A CB  1 
ATOM   202  C  CG  . ASN A 1 27  ? 12.710  -5.649  -14.974 1.00 40.12  ? 27  ASN A CG  1 
ATOM   203  O  OD1 . ASN A 1 27  ? 12.536  -6.730  -14.411 1.00 40.12  ? 27  ASN A OD1 1 
ATOM   204  N  ND2 . ASN A 1 27  ? 12.445  -5.465  -16.256 1.00 40.12  ? 27  ASN A ND2 1 
ATOM   205  N  N   . ARG A 1 28  ? 14.221  -3.389  -11.510 1.00 37.92  ? 28  ARG A N   1 
ATOM   206  C  CA  . ARG A 1 28  ? 14.953  -2.423  -10.713 1.00 38.97  ? 28  ARG A CA  1 
ATOM   207  C  C   . ARG A 1 28  ? 15.138  -1.111  -11.468 1.00 38.33  ? 28  ARG A C   1 
ATOM   208  O  O   . ARG A 1 28  ? 15.606  -1.103  -12.601 1.00 38.07  ? 28  ARG A O   1 
ATOM   209  C  CB  . ARG A 1 28  ? 16.316  -2.992  -10.323 1.00 86.78  ? 28  ARG A CB  1 
ATOM   210  C  CG  . ARG A 1 28  ? 17.143  -2.056  -9.471  1.00 88.42  ? 28  ARG A CG  1 
ATOM   211  C  CD  . ARG A 1 28  ? 18.291  -2.794  -8.816  1.00 89.59  ? 28  ARG A CD  1 
ATOM   212  N  NE  . ARG A 1 28  ? 18.482  -2.347  -7.439  1.00 93.08  ? 28  ARG A NE  1 
ATOM   213  C  CZ  . ARG A 1 28  ? 18.992  -1.171  -7.091  1.00 95.01  ? 28  ARG A CZ  1 
ATOM   214  N  NH1 . ARG A 1 28  ? 19.380  -0.309  -8.022  1.00 95.67  ? 28  ARG A NH1 1 
ATOM   215  N  NH2 . ARG A 1 28  ? 19.098  -0.847  -5.808  1.00 94.09  ? 28  ARG A NH2 1 
ATOM   216  N  N   . GLY A 1 29  ? 14.745  -0.006  -10.842 1.00 34.94  ? 29  GLY A N   1 
ATOM   217  C  CA  . GLY A 1 29  ? 14.907  1.299   -11.464 1.00 33.90  ? 29  GLY A CA  1 
ATOM   218  C  C   . GLY A 1 29  ? 13.830  1.789   -12.418 1.00 33.55  ? 29  GLY A C   1 
ATOM   219  O  O   . GLY A 1 29  ? 13.833  2.957   -12.791 1.00 33.52  ? 29  GLY A O   1 
ATOM   220  N  N   . GLN A 1 30  ? 12.909  0.920   -12.820 1.00 33.90  ? 30  GLN A N   1 
ATOM   221  C  CA  . GLN A 1 30  ? 11.858  1.334   -13.744 1.00 32.02  ? 30  GLN A CA  1 
ATOM   222  C  C   . GLN A 1 30  ? 10.747  2.121   -13.060 1.00 31.32  ? 30  GLN A C   1 
ATOM   223  O  O   . GLN A 1 30  ? 10.445  1.919   -11.886 1.00 31.29  ? 30  GLN A O   1 
ATOM   224  C  CB  . GLN A 1 30  ? 11.260  0.126   -14.460 1.00 53.98  ? 30  GLN A CB  1 
ATOM   225  C  CG  . GLN A 1 30  ? 12.262  -0.643  -15.290 1.00 55.69  ? 30  GLN A CG  1 
ATOM   226  C  CD  . GLN A 1 30  ? 11.600  -1.651  -16.199 1.00 57.24  ? 30  GLN A CD  1 
ATOM   227  O  OE1 . GLN A 1 30  ? 10.710  -2.391  -15.782 1.00 58.23  ? 30  GLN A OE1 1 
ATOM   228  N  NE2 . GLN A 1 30  ? 12.037  -1.693  -17.448 1.00 59.07  ? 30  GLN A NE2 1 
ATOM   229  N  N   . THR A 1 31  ? 10.139  3.024   -13.813 1.00 32.49  ? 31  THR A N   1 
ATOM   230  C  CA  . THR A 1 31  ? 9.076   3.848   -13.289 1.00 30.88  ? 31  THR A CA  1 
ATOM   231  C  C   . THR A 1 31  ? 7.821   3.700   -14.115 1.00 30.40  ? 31  THR A C   1 
ATOM   232  O  O   . THR A 1 31  ? 7.872   3.391   -15.298 1.00 31.12  ? 31  THR A O   1 
ATOM   233  C  CB  . THR A 1 31  ? 9.486   5.321   -13.262 1.00 37.33  ? 31  THR A CB  1 
ATOM   234  O  OG1 . THR A 1 31  ? 10.539  5.501   -12.307 1.00 38.37  ? 31  THR A OG1 1 
ATOM   235  C  CG2 . THR A 1 31  ? 8.310   6.191   -12.876 1.00 37.70  ? 31  THR A CG2 1 
ATOM   236  N  N   . TRP A 1 32  ? 6.686   3.912   -13.463 1.00 26.74  ? 32  TRP A N   1 
ATOM   237  C  CA  . TRP A 1 32  ? 5.394   3.822   -14.110 1.00 27.26  ? 32  TRP A CA  1 
ATOM   238  C  C   . TRP A 1 32  ? 4.614   5.029   -13.644 1.00 28.60  ? 32  TRP A C   1 
ATOM   239  O  O   . TRP A 1 32  ? 4.424   5.225   -12.443 1.00 29.02  ? 32  TRP A O   1 
ATOM   240  C  CB  . TRP A 1 32  ? 4.695   2.534   -13.690 1.00 23.94  ? 32  TRP A CB  1 
ATOM   241  C  CG  . TRP A 1 32  ? 3.336   2.343   -14.285 1.00 22.24  ? 32  TRP A CG  1 
ATOM   242  C  CD1 . TRP A 1 32  ? 2.913   2.757   -15.510 1.00 21.21  ? 32  TRP A CD1 1 
ATOM   243  C  CD2 . TRP A 1 32  ? 2.255   1.589   -13.719 1.00 22.04  ? 32  TRP A CD2 1 
ATOM   244  N  NE1 . TRP A 1 32  ? 1.641   2.306   -15.750 1.00 21.14  ? 32  TRP A NE1 1 
ATOM   245  C  CE2 . TRP A 1 32  ? 1.211   1.585   -14.670 1.00 22.18  ? 32  TRP A CE2 1 
ATOM   246  C  CE3 . TRP A 1 32  ? 2.071   0.912   -12.505 1.00 21.65  ? 32  TRP A CE3 1 
ATOM   247  C  CZ2 . TRP A 1 32  ? -0.007  0.928   -14.447 1.00 22.88  ? 32  TRP A CZ2 1 
ATOM   248  C  CZ3 . TRP A 1 32  ? 0.860   0.256   -12.281 1.00 22.35  ? 32  TRP A CZ3 1 
ATOM   249  C  CH2 . TRP A 1 32  ? -0.164  0.269   -13.252 1.00 22.34  ? 32  TRP A CH2 1 
ATOM   250  N  N   . VAL A 1 33  ? 4.184   5.849   -14.596 1.00 15.31  ? 33  VAL A N   1 
ATOM   251  C  CA  . VAL A 1 33  ? 3.434   7.051   -14.278 1.00 16.38  ? 33  VAL A CA  1 
ATOM   252  C  C   . VAL A 1 33  ? 2.003   6.901   -14.749 1.00 17.77  ? 33  VAL A C   1 
ATOM   253  O  O   . VAL A 1 33  ? 1.752   6.658   -15.929 1.00 18.58  ? 33  VAL A O   1 
ATOM   254  C  CB  . VAL A 1 33  ? 4.054   8.283   -14.948 1.00 31.02  ? 33  VAL A CB  1 
ATOM   255  C  CG1 . VAL A 1 33  ? 3.316   9.531   -14.514 1.00 29.97  ? 33  VAL A CG1 1 
ATOM   256  C  CG2 . VAL A 1 33  ? 5.521   8.383   -14.582 1.00 30.06  ? 33  VAL A CG2 1 
ATOM   257  N  N   . ILE A 1 34  ? 1.062   7.035   -13.824 1.00 25.58  ? 34  ILE A N   1 
ATOM   258  C  CA  . ILE A 1 34  ? -0.332  6.905   -14.184 1.00 25.76  ? 34  ILE A CA  1 
ATOM   259  C  C   . ILE A 1 34  ? -1.101  8.159   -13.781 1.00 24.96  ? 34  ILE A C   1 
ATOM   260  O  O   . ILE A 1 34  ? -0.749  8.848   -12.821 1.00 24.66  ? 34  ILE A O   1 
ATOM   261  C  CB  . ILE A 1 34  ? -0.954  5.652   -13.530 1.00 29.08  ? 34  ILE A CB  1 
ATOM   262  C  CG1 . ILE A 1 34  ? -1.370  5.962   -12.099 1.00 31.07  ? 34  ILE A CG1 1 
ATOM   263  C  CG2 . ILE A 1 34  ? 0.064   4.501   -13.549 1.00 28.95  ? 34  ILE A CG2 1 
ATOM   264  C  CD1 . ILE A 1 34  ? -1.227  4.782   -11.165 1.00 33.88  ? 34  ILE A CD1 1 
ATOM   265  N  N   . ASN A 1 35  ? -2.147  8.456   -14.539 1.00 16.12  ? 35  ASN A N   1 
ATOM   266  C  CA  . ASN A 1 35  ? -2.963  9.621   -14.285 1.00 17.39  ? 35  ASN A CA  1 
ATOM   267  C  C   . ASN A 1 35  ? -4.206  9.265   -13.482 1.00 17.46  ? 35  ASN A C   1 
ATOM   268  O  O   . ASN A 1 35  ? -4.946  8.357   -13.845 1.00 18.64  ? 35  ASN A O   1 
ATOM   269  C  CB  . ASN A 1 35  ? -3.377  10.249  -15.614 1.00 24.26  ? 35  ASN A CB  1 
ATOM   270  C  CG  . ASN A 1 35  ? -4.086  11.552  -15.426 1.00 25.60  ? 35  ASN A CG  1 
ATOM   271  O  OD1 . ASN A 1 35  ? -3.470  12.540  -15.039 1.00 25.55  ? 35  ASN A OD1 1 
ATOM   272  N  ND2 . ASN A 1 35  ? -5.397  11.567  -15.673 1.00 24.73  ? 35  ASN A ND2 1 
ATOM   273  N  N   . ALA A 1 36  ? -4.442  9.990   -12.396 1.00 24.22  ? 36  ALA A N   1 
ATOM   274  C  CA  . ALA A 1 36  ? -5.609  9.753   -11.555 1.00 24.05  ? 36  ALA A CA  1 
ATOM   275  C  C   . ALA A 1 36  ? -6.451  11.016  -11.559 1.00 23.28  ? 36  ALA A C   1 
ATOM   276  O  O   . ALA A 1 36  ? -6.052  12.036  -11.000 1.00 23.08  ? 36  ALA A O   1 
ATOM   277  C  CB  . ALA A 1 36  ? -5.183  9.413   -10.134 1.00 9.77   ? 36  ALA A CB  1 
ATOM   278  N  N   . PRO A 1 37  ? -7.638  10.962  -12.179 1.00 21.46  ? 37  PRO A N   1 
ATOM   279  C  CA  . PRO A 1 37  ? -8.533  12.118  -12.254 1.00 20.59  ? 37  PRO A CA  1 
ATOM   280  C  C   . PRO A 1 37  ? -9.110  12.512  -10.908 1.00 20.45  ? 37  PRO A C   1 
ATOM   281  O  O   . PRO A 1 37  ? -9.204  11.696  -9.997  1.00 19.30  ? 37  PRO A O   1 
ATOM   282  C  CB  . PRO A 1 37  ? -9.635  11.653  -13.207 1.00 22.49  ? 37  PRO A CB  1 
ATOM   283  C  CG  . PRO A 1 37  ? -9.055  10.440  -13.894 1.00 21.81  ? 37  PRO A CG  1 
ATOM   284  C  CD  . PRO A 1 37  ? -8.255  9.792   -12.823 1.00 21.66  ? 37  PRO A CD  1 
ATOM   285  N  N   . ARG A 1 38  ? -9.497  13.775  -10.794 1.00 25.47  ? 38  ARG A N   1 
ATOM   286  C  CA  . ARG A 1 38  ? -10.108 14.281  -9.578  1.00 25.41  ? 38  ARG A CA  1 
ATOM   287  C  C   . ARG A 1 38  ? -11.377 13.436  -9.393  1.00 24.35  ? 38  ARG A C   1 
ATOM   288  O  O   . ARG A 1 38  ? -12.059 13.105  -10.368 1.00 23.12  ? 38  ARG A O   1 
ATOM   289  C  CB  . ARG A 1 38  ? -10.474 15.749  -9.772  1.00 32.55  ? 38  ARG A CB  1 
ATOM   290  C  CG  . ARG A 1 38  ? -10.638 16.518  -8.495  1.00 34.94  ? 38  ARG A CG  1 
ATOM   291  C  CD  . ARG A 1 38  ? -9.294  16.805  -7.895  1.00 37.13  ? 38  ARG A CD  1 
ATOM   292  N  NE  . ARG A 1 38  ? -9.386  16.856  -6.446  1.00 37.62  ? 38  ARG A NE  1 
ATOM   293  C  CZ  . ARG A 1 38  ? -8.332  16.852  -5.645  1.00 39.57  ? 38  ARG A CZ  1 
ATOM   294  N  NH1 . ARG A 1 38  ? -7.112  16.802  -6.164  1.00 41.48  ? 38  ARG A NH1 1 
ATOM   295  N  NH2 . ARG A 1 38  ? -8.502  16.884  -4.330  1.00 38.93  ? 38  ARG A NH2 1 
ATOM   296  N  N   . GLY A 1 39  ? -11.687 13.069  -8.153  1.00 28.30  ? 39  GLY A N   1 
ATOM   297  C  CA  . GLY A 1 39  ? -12.868 12.258  -7.906  1.00 27.41  ? 39  GLY A CA  1 
ATOM   298  C  C   . GLY A 1 39  ? -12.559 10.772  -7.790  1.00 26.84  ? 39  GLY A C   1 
ATOM   299  O  O   . GLY A 1 39  ? -13.440 9.966   -7.489  1.00 25.33  ? 39  GLY A O   1 
ATOM   300  N  N   . THR A 1 40  ? -11.310 10.396  -8.043  1.00 29.73  ? 40  THR A N   1 
ATOM   301  C  CA  . THR A 1 40  ? -10.912 8.998   -7.930  1.00 29.16  ? 40  THR A CA  1 
ATOM   302  C  C   . THR A 1 40  ? -10.863 8.702   -6.433  1.00 28.90  ? 40  THR A C   1 
ATOM   303  O  O   . THR A 1 40  ? -10.101 9.328   -5.698  1.00 29.33  ? 40  THR A O   1 
ATOM   304  C  CB  . THR A 1 40  ? -9.509  8.753   -8.560  1.00 24.15  ? 40  THR A CB  1 
ATOM   305  O  OG1 . THR A 1 40  ? -9.539  9.093   -9.953  1.00 25.13  ? 40  THR A OG1 1 
ATOM   306  C  CG2 . THR A 1 40  ? -9.088  7.286   -8.404  1.00 24.23  ? 40  THR A CG2 1 
ATOM   307  N  N   . LYS A 1 41  ? -11.683 7.766   -5.972  1.00 34.34  ? 41  LYS A N   1 
ATOM   308  C  CA  . LYS A 1 41  ? -11.700 7.439   -4.552  1.00 34.34  ? 41  LYS A CA  1 
ATOM   309  C  C   . LYS A 1 41  ? -11.432 5.960   -4.308  1.00 32.93  ? 41  LYS A C   1 
ATOM   310  O  O   . LYS A 1 41  ? -11.504 5.147   -5.229  1.00 30.87  ? 41  LYS A O   1 
ATOM   311  C  CB  . LYS A 1 41  ? -13.044 7.839   -3.940  1.00 64.85  ? 41  LYS A CB  1 
ATOM   312  C  CG  . LYS A 1 41  ? -14.241 7.193   -4.607  1.00 67.90  ? 41  LYS A CG  1 
ATOM   313  C  CD  . LYS A 1 41  ? -15.533 7.577   -3.905  1.00 70.95  ? 41  LYS A CD  1 
ATOM   314  C  CE  . LYS A 1 41  ? -16.728 6.834   -4.486  1.00 72.63  ? 41  LYS A CE  1 
ATOM   315  N  NZ  . LYS A 1 41  ? -17.989 7.160   -3.763  1.00 74.87  ? 41  LYS A NZ  1 
ATOM   316  N  N   . MET A 1 42  ? -11.120 5.617   -3.062  1.00 32.09  ? 42  MET A N   1 
ATOM   317  C  CA  . MET A 1 42  ? -10.839 4.235   -2.687  1.00 32.75  ? 42  MET A CA  1 
ATOM   318  C  C   . MET A 1 42  ? -9.858  3.569   -3.643  1.00 31.45  ? 42  MET A C   1 
ATOM   319  O  O   . MET A 1 42  ? -10.032 2.411   -4.017  1.00 29.39  ? 42  MET A O   1 
ATOM   320  C  CB  . MET A 1 42  ? -12.133 3.428   -2.642  1.00 91.43  ? 42  MET A CB  1 
ATOM   321  C  CG  . MET A 1 42  ? -13.008 3.732   -1.445  1.00 95.75  ? 42  MET A CG  1 
ATOM   322  S  SD  . MET A 1 42  ? -14.524 2.771   -1.503  1.00 102.30 ? 42  MET A SD  1 
ATOM   323  C  CE  . MET A 1 42  ? -13.862 1.100   -1.413  1.00 100.33 ? 42  MET A CE  1 
ATOM   324  N  N   . ALA A 1 43  ? -8.828  4.309   -4.034  1.00 24.20  ? 43  ALA A N   1 
ATOM   325  C  CA  . ALA A 1 43  ? -7.823  3.793   -4.947  1.00 22.37  ? 43  ALA A CA  1 
ATOM   326  C  C   . ALA A 1 43  ? -6.643  3.257   -4.166  1.00 22.15  ? 43  ALA A C   1 
ATOM   327  O  O   . ALA A 1 43  ? -6.370  3.697   -3.044  1.00 22.95  ? 43  ALA A O   1 
ATOM   328  C  CB  . ALA A 1 43  ? -7.353  4.894   -5.886  1.00 22.28  ? 43  ALA A CB  1 
ATOM   329  N  N   . ARG A 1 44  ? -5.947  2.294   -4.753  1.00 19.45  ? 44  ARG A N   1 
ATOM   330  C  CA  . ARG A 1 44  ? -4.772  1.746   -4.109  1.00 18.78  ? 44  ARG A CA  1 
ATOM   331  C  C   . ARG A 1 44  ? -3.733  1.251   -5.083  1.00 18.40  ? 44  ARG A C   1 
ATOM   332  O  O   . ARG A 1 44  ? -4.037  0.791   -6.182  1.00 17.64  ? 44  ARG A O   1 
ATOM   333  C  CB  . ARG A 1 44  ? -5.142  0.628   -3.138  1.00 35.65  ? 44  ARG A CB  1 
ATOM   334  C  CG  . ARG A 1 44  ? -6.017  -0.431  -3.722  1.00 34.01  ? 44  ARG A CG  1 
ATOM   335  C  CD  . ARG A 1 44  ? -6.933  -0.964  -2.651  1.00 33.93  ? 44  ARG A CD  1 
ATOM   336  N  NE  . ARG A 1 44  ? -6.420  -2.187  -2.056  1.00 32.90  ? 44  ARG A NE  1 
ATOM   337  C  CZ  . ARG A 1 44  ? -6.937  -2.763  -0.978  1.00 31.96  ? 44  ARG A CZ  1 
ATOM   338  N  NH1 . ARG A 1 44  ? -7.980  -2.222  -0.366  1.00 30.38  ? 44  ARG A NH1 1 
ATOM   339  N  NH2 . ARG A 1 44  ? -6.421  -3.895  -0.527  1.00 30.39  ? 44  ARG A NH2 1 
ATOM   340  N  N   . ILE A 1 45  ? -2.490  1.376   -4.653  1.00 18.13  ? 45  ILE A N   1 
ATOM   341  C  CA  . ILE A 1 45  ? -1.345  0.948   -5.419  1.00 18.87  ? 45  ILE A CA  1 
ATOM   342  C  C   . ILE A 1 45  ? -0.553  0.023   -4.513  1.00 19.17  ? 45  ILE A C   1 
ATOM   343  O  O   . ILE A 1 45  ? -0.418  0.268   -3.311  1.00 19.80  ? 45  ILE A O   1 
ATOM   344  C  CB  . ILE A 1 45  ? -0.479  2.162   -5.825  1.00 17.66  ? 45  ILE A CB  1 
ATOM   345  C  CG1 . ILE A 1 45  ? -1.201  2.956   -6.917  1.00 17.14  ? 45  ILE A CG1 1 
ATOM   346  C  CG2 . ILE A 1 45  ? 0.896   1.704   -6.309  1.00 17.14  ? 45  ILE A CG2 1 
ATOM   347  C  CD1 . ILE A 1 45  ? -0.679  4.375   -7.094  1.00 17.14  ? 45  ILE A CD1 1 
ATOM   348  N  N   . TRP A 1 46  ? -0.055  -1.062  -5.082  1.00 17.14  ? 46  TRP A N   1 
ATOM   349  C  CA  . TRP A 1 46  ? 0.733   -1.991  -4.306  1.00 17.50  ? 46  TRP A CA  1 
ATOM   350  C  C   . TRP A 1 46  ? 1.681   -2.751  -5.221  1.00 17.93  ? 46  TRP A C   1 
ATOM   351  O  O   . TRP A 1 46  ? 1.645   -2.598  -6.444  1.00 17.88  ? 46  TRP A O   1 
ATOM   352  C  CB  . TRP A 1 46  ? -0.188  -2.932  -3.517  1.00 24.11  ? 46  TRP A CB  1 
ATOM   353  C  CG  . TRP A 1 46  ? -0.888  -4.002  -4.309  1.00 24.79  ? 46  TRP A CG  1 
ATOM   354  C  CD1 . TRP A 1 46  ? -0.468  -5.290  -4.490  1.00 24.01  ? 46  TRP A CD1 1 
ATOM   355  C  CD2 . TRP A 1 46  ? -2.141  -3.892  -4.995  1.00 23.92  ? 46  TRP A CD2 1 
ATOM   356  N  NE1 . TRP A 1 46  ? -1.380  -5.989  -5.240  1.00 23.74  ? 46  TRP A NE1 1 
ATOM   357  C  CE2 . TRP A 1 46  ? -2.417  -5.157  -5.566  1.00 23.26  ? 46  TRP A CE2 1 
ATOM   358  C  CE3 . TRP A 1 46  ? -3.057  -2.850  -5.187  1.00 24.04  ? 46  TRP A CE3 1 
ATOM   359  C  CZ2 . TRP A 1 46  ? -3.575  -5.408  -6.317  1.00 23.23  ? 46  TRP A CZ2 1 
ATOM   360  C  CZ3 . TRP A 1 46  ? -4.209  -3.099  -5.933  1.00 22.23  ? 46  TRP A CZ3 1 
ATOM   361  C  CH2 . TRP A 1 46  ? -4.455  -4.371  -6.489  1.00 21.70  ? 46  TRP A CH2 1 
ATOM   362  N  N   . GLY A 1 47  ? 2.559   -3.544  -4.619  1.00 17.50  ? 47  GLY A N   1 
ATOM   363  C  CA  . GLY A 1 47  ? 3.509   -4.304  -5.400  1.00 16.00  ? 47  GLY A CA  1 
ATOM   364  C  C   . GLY A 1 47  ? 3.327   -5.787  -5.178  1.00 18.16  ? 47  GLY A C   1 
ATOM   365  O  O   . GLY A 1 47  ? 2.852   -6.219  -4.133  1.00 16.30  ? 47  GLY A O   1 
ATOM   366  N  N   . ARG A 1 48  ? 3.702   -6.570  -6.176  1.00 24.18  ? 48  ARG A N   1 
ATOM   367  C  CA  . ARG A 1 48  ? 3.587   -8.008  -6.086  1.00 25.53  ? 48  ARG A CA  1 
ATOM   368  C  C   . ARG A 1 48  ? 4.963   -8.613  -6.280  1.00 25.84  ? 48  ARG A C   1 
ATOM   369  O  O   . ARG A 1 48  ? 5.732   -8.162  -7.131  1.00 25.59  ? 48  ARG A O   1 
ATOM   370  C  CB  . ARG A 1 48  ? 2.635   -8.515  -7.161  1.00 25.31  ? 48  ARG A CB  1 
ATOM   371  C  CG  . ARG A 1 48  ? 1.197   -8.133  -6.930  1.00 25.53  ? 48  ARG A CG  1 
ATOM   372  C  CD  . ARG A 1 48  ? 0.377   -8.405  -8.167  1.00 23.85  ? 48  ARG A CD  1 
ATOM   373  N  NE  . ARG A 1 48  ? 0.740   -7.506  -9.259  1.00 26.24  ? 48  ARG A NE  1 
ATOM   374  C  CZ  . ARG A 1 48  ? 0.179   -7.531  -10.463 1.00 25.12  ? 48  ARG A CZ  1 
ATOM   375  N  NH1 . ARG A 1 48  ? -0.770  -8.415  -10.736 1.00 24.54  ? 48  ARG A NH1 1 
ATOM   376  N  NH2 . ARG A 1 48  ? 0.555   -6.656  -11.388 1.00 22.21  ? 48  ARG A NH2 1 
ATOM   377  N  N   . THR A 1 49  ? 5.277   -9.628  -5.480  1.00 17.91  ? 49  THR A N   1 
ATOM   378  C  CA  . THR A 1 49  ? 6.572   -10.296 -5.570  1.00 18.70  ? 49  THR A CA  1 
ATOM   379  C  C   . THR A 1 49  ? 6.422   -11.735 -6.050  1.00 20.74  ? 49  THR A C   1 
ATOM   380  O  O   . THR A 1 49  ? 5.358   -12.342 -5.909  1.00 21.56  ? 49  THR A O   1 
ATOM   381  C  CB  . THR A 1 49  ? 7.290   -10.298 -4.208  1.00 29.06  ? 49  THR A CB  1 
ATOM   382  O  OG1 . THR A 1 49  ? 6.560   -11.109 -3.279  1.00 28.13  ? 49  THR A OG1 1 
ATOM   383  C  CG2 . THR A 1 49  ? 7.387   -8.884  -3.661  1.00 28.67  ? 49  THR A CG2 1 
ATOM   384  N  N   . GLY A 1 50  ? 7.497   -12.270 -6.623  1.00 29.25  ? 50  GLY A N   1 
ATOM   385  C  CA  . GLY A 1 50  ? 7.491   -13.638 -7.115  1.00 30.46  ? 50  GLY A CA  1 
ATOM   386  C  C   . GLY A 1 50  ? 6.339   -13.983 -8.048  1.00 31.45  ? 50  GLY A C   1 
ATOM   387  O  O   . GLY A 1 50  ? 5.584   -14.921 -7.798  1.00 32.38  ? 50  GLY A O   1 
ATOM   388  N  N   . CYS A 1 51  ? 6.197   -13.228 -9.127  1.00 33.41  ? 51  CYS A N   1 
ATOM   389  C  CA  . CYS A 1 51  ? 5.128   -13.490 -10.077 1.00 36.33  ? 51  CYS A CA  1 
ATOM   390  C  C   . CYS A 1 51  ? 5.632   -14.274 -11.276 1.00 37.85  ? 51  CYS A C   1 
ATOM   391  O  O   . CYS A 1 51  ? 6.814   -14.210 -11.630 1.00 37.64  ? 51  CYS A O   1 
ATOM   392  C  CB  . CYS A 1 51  ? 4.526   -12.196 -10.603 1.00 29.78  ? 51  CYS A CB  1 
ATOM   393  S  SG  . CYS A 1 51  ? 3.761   -11.063 -9.415  1.00 31.60  ? 51  CYS A SG  1 
ATOM   394  N  N   . ASN A 1 52  ? 4.720   -14.993 -11.919 1.00 43.66  ? 52  ASN A N   1 
ATOM   395  C  CA  . ASN A 1 52  ? 5.078   -15.765 -13.090 1.00 46.84  ? 52  ASN A CA  1 
ATOM   396  C  C   . ASN A 1 52  ? 3.976   -15.692 -14.135 1.00 47.58  ? 52  ASN A C   1 
ATOM   397  O  O   . ASN A 1 52  ? 3.049   -16.495 -14.131 1.00 47.49  ? 52  ASN A O   1 
ATOM   398  C  CB  . ASN A 1 52  ? 5.348   -17.209 -12.697 1.00 95.64  ? 52  ASN A CB  1 
ATOM   399  C  CG  . ASN A 1 52  ? 6.382   -17.848 -13.580 1.00 99.75  ? 52  ASN A CG  1 
ATOM   400  O  OD1 . ASN A 1 52  ? 6.063   -18.665 -14.442 1.00 102.53 ? 52  ASN A OD1 1 
ATOM   401  N  ND2 . ASN A 1 52  ? 7.638   -17.462 -13.385 1.00 100.79 ? 52  ASN A ND2 1 
ATOM   402  N  N   . PHE A 1 53  ? 4.094   -14.721 -15.032 1.00 52.18  ? 53  PHE A N   1 
ATOM   403  C  CA  . PHE A 1 53  ? 3.110   -14.507 -16.082 1.00 52.47  ? 53  PHE A CA  1 
ATOM   404  C  C   . PHE A 1 53  ? 3.547   -14.989 -17.456 1.00 53.27  ? 53  PHE A C   1 
ATOM   405  O  O   . PHE A 1 53  ? 4.733   -14.975 -17.787 1.00 53.10  ? 53  PHE A O   1 
ATOM   406  C  CB  . PHE A 1 53  ? 2.775   -13.021 -16.164 1.00 38.42  ? 53  PHE A CB  1 
ATOM   407  C  CG  . PHE A 1 53  ? 2.135   -12.484 -14.929 1.00 37.19  ? 53  PHE A CG  1 
ATOM   408  C  CD1 . PHE A 1 53  ? 0.857   -12.894 -14.568 1.00 35.86  ? 53  PHE A CD1 1 
ATOM   409  C  CD2 . PHE A 1 53  ? 2.809   -11.582 -14.112 1.00 36.47  ? 53  PHE A CD2 1 
ATOM   410  C  CE1 . PHE A 1 53  ? 0.253   -12.415 -13.410 1.00 34.79  ? 53  PHE A CE1 1 
ATOM   411  C  CE2 . PHE A 1 53  ? 2.214   -11.095 -12.948 1.00 36.84  ? 53  PHE A CE2 1 
ATOM   412  C  CZ  . PHE A 1 53  ? 0.934   -11.514 -12.598 1.00 35.28  ? 53  PHE A CZ  1 
ATOM   413  N  N   . ASN A 1 54  ? 2.573   -15.417 -18.250 1.00 66.15  ? 54  ASN A N   1 
ATOM   414  C  CA  . ASN A 1 54  ? 2.847   -15.871 -19.601 1.00 67.27  ? 54  ASN A CA  1 
ATOM   415  C  C   . ASN A 1 54  ? 2.374   -14.770 -20.546 1.00 67.89  ? 54  ASN A C   1 
ATOM   416  O  O   . ASN A 1 54  ? 1.663   -13.855 -20.134 1.00 68.17  ? 54  ASN A O   1 
ATOM   417  C  CB  . ASN A 1 54  ? 2.122   -17.198 -19.882 1.00 66.15  ? 54  ASN A CB  1 
ATOM   418  C  CG  . ASN A 1 54  ? 0.607   -17.071 -19.838 1.00 65.76  ? 54  ASN A CG  1 
ATOM   419  O  OD1 . ASN A 1 54  ? -0.077  -17.927 -19.281 1.00 66.53  ? 54  ASN A OD1 1 
ATOM   420  N  ND2 . ASN A 1 54  ? 0.077   -16.018 -20.445 1.00 65.44  ? 54  ASN A ND2 1 
ATOM   421  N  N   . ALA A 1 55  ? 2.777   -14.857 -21.806 1.00 100.06 ? 55  ALA A N   1 
ATOM   422  C  CA  . ALA A 1 55  ? 2.419   -13.867 -22.814 1.00 99.30  ? 55  ALA A CA  1 
ATOM   423  C  C   . ALA A 1 55  ? 1.034   -13.223 -22.682 1.00 99.00  ? 55  ALA A C   1 
ATOM   424  O  O   . ALA A 1 55  ? 0.878   -12.029 -22.940 1.00 98.61  ? 55  ALA A O   1 
ATOM   425  C  CB  . ALA A 1 55  ? 2.560   -14.489 -24.196 1.00 76.59  ? 55  ALA A CB  1 
ATOM   426  N  N   . ALA A 1 56  ? 0.039   -14.005 -22.274 1.00 83.42  ? 56  ALA A N   1 
ATOM   427  C  CA  . ALA A 1 56  ? -1.336  -13.517 -22.161 1.00 83.49  ? 56  ALA A CA  1 
ATOM   428  C  C   . ALA A 1 56  ? -1.714  -12.731 -20.900 1.00 84.35  ? 56  ALA A C   1 
ATOM   429  O  O   . ALA A 1 56  ? -2.864  -12.309 -20.753 1.00 83.88  ? 56  ALA A O   1 
ATOM   430  C  CB  . ALA A 1 56  ? -2.302  -14.689 -22.348 1.00 38.83  ? 56  ALA A CB  1 
ATOM   431  N  N   . GLY A 1 57  ? -0.761  -12.530 -19.997 1.00 69.41  ? 57  GLY A N   1 
ATOM   432  C  CA  . GLY A 1 57  ? -1.059  -11.793 -18.781 1.00 68.79  ? 57  GLY A CA  1 
ATOM   433  C  C   . GLY A 1 57  ? -1.667  -12.682 -17.715 1.00 68.72  ? 57  GLY A C   1 
ATOM   434  O  O   . GLY A 1 57  ? -2.374  -12.212 -16.822 1.00 67.99  ? 57  GLY A O   1 
ATOM   435  N  N   . ARG A 1 58  ? -1.394  -13.979 -17.820 1.00 58.22  ? 58  ARG A N   1 
ATOM   436  C  CA  . ARG A 1 58  ? -1.903  -14.944 -16.858 1.00 58.01  ? 58  ARG A CA  1 
ATOM   437  C  C   . ARG A 1 58  ? -0.758  -15.632 -16.131 1.00 57.78  ? 58  ARG A C   1 
ATOM   438  O  O   . ARG A 1 58  ? 0.282   -15.932 -16.718 1.00 57.96  ? 58  ARG A O   1 
ATOM   439  C  CB  . ARG A 1 58  ? -2.787  -15.984 -17.553 1.00 92.46  ? 58  ARG A CB  1 
ATOM   440  C  CG  . ARG A 1 58  ? -4.120  -15.428 -18.028 1.00 93.93  ? 58  ARG A CG  1 
ATOM   441  C  CD  . ARG A 1 58  ? -4.989  -16.505 -18.646 1.00 95.73  ? 58  ARG A CD  1 
ATOM   442  N  NE  . ARG A 1 58  ? -6.241  -15.959 -19.164 1.00 97.85  ? 58  ARG A NE  1 
ATOM   443  C  CZ  . ARG A 1 58  ? -7.146  -16.668 -19.832 1.00 98.94  ? 58  ARG A CZ  1 
ATOM   444  N  NH1 . ARG A 1 58  ? -6.942  -17.958 -20.063 1.00 98.33  ? 58  ARG A NH1 1 
ATOM   445  N  NH2 . ARG A 1 58  ? -8.254  -16.087 -20.274 1.00 99.62  ? 58  ARG A NH2 1 
ATOM   446  N  N   . GLY A 1 59  ? -0.963  -15.867 -14.841 1.00 48.23  ? 59  GLY A N   1 
ATOM   447  C  CA  . GLY A 1 59  ? 0.045   -16.510 -14.023 1.00 46.64  ? 59  GLY A CA  1 
ATOM   448  C  C   . GLY A 1 59  ? -0.337  -16.378 -12.564 1.00 45.17  ? 59  GLY A C   1 
ATOM   449  O  O   . GLY A 1 59  ? -1.519  -16.313 -12.233 1.00 46.40  ? 59  GLY A O   1 
ATOM   450  N  N   . THR A 1 60  ? 0.656   -16.334 -11.684 1.00 49.42  ? 60  THR A N   1 
ATOM   451  C  CA  . THR A 1 60  ? 0.379   -16.202 -10.264 1.00 46.57  ? 60  THR A CA  1 
ATOM   452  C  C   . THR A 1 60  ? 1.521   -15.496 -9.546  1.00 45.62  ? 60  THR A C   1 
ATOM   453  O  O   . THR A 1 60  ? 2.664   -15.519 -10.005 1.00 44.76  ? 60  THR A O   1 
ATOM   454  C  CB  . THR A 1 60  ? 0.149   -17.577 -9.618  1.00 55.47  ? 60  THR A CB  1 
ATOM   455  O  OG1 . THR A 1 60  ? -0.327  -17.397 -8.280  1.00 55.76  ? 60  THR A OG1 1 
ATOM   456  C  CG2 . THR A 1 60  ? 1.440   -18.376 -9.587  1.00 55.01  ? 60  THR A CG2 1 
ATOM   457  N  N   . CYS A 1 61  ? 1.204   -14.861 -8.423  1.00 33.02  ? 61  CYS A N   1 
ATOM   458  C  CA  . CYS A 1 61  ? 2.209   -14.145 -7.649  1.00 32.08  ? 61  CYS A CA  1 
ATOM   459  C  C   . CYS A 1 61  ? 2.269   -14.660 -6.220  1.00 29.64  ? 61  CYS A C   1 
ATOM   460  O  O   . CYS A 1 61  ? 1.285   -15.160 -5.691  1.00 28.54  ? 61  CYS A O   1 
ATOM   461  C  CB  . CYS A 1 61  ? 1.894   -12.654 -7.610  1.00 25.25  ? 61  CYS A CB  1 
ATOM   462  S  SG  . CYS A 1 61  ? 1.866   -11.746 -9.191  1.00 32.29  ? 61  CYS A SG  1 
ATOM   463  N  N   . GLN A 1 62  ? 3.428   -14.512 -5.594  1.00 36.87  ? 62  GLN A N   1 
ATOM   464  C  CA  . GLN A 1 62  ? 3.627   -14.967 -4.222  1.00 35.51  ? 62  GLN A CA  1 
ATOM   465  C  C   . GLN A 1 62  ? 2.907   -14.070 -3.213  1.00 34.41  ? 62  GLN A C   1 
ATOM   466  O  O   . GLN A 1 62  ? 2.419   -14.548 -2.190  1.00 34.90  ? 62  GLN A O   1 
ATOM   467  C  CB  . GLN A 1 62  ? 5.119   -15.006 -3.915  1.00 60.80  ? 62  GLN A CB  1 
ATOM   468  C  CG  . GLN A 1 62  ? 5.465   -15.580 -2.567  1.00 59.89  ? 62  GLN A CG  1 
ATOM   469  C  CD  . GLN A 1 62  ? 6.956   -15.561 -2.318  1.00 62.16  ? 62  GLN A CD  1 
ATOM   470  O  OE1 . GLN A 1 62  ? 7.589   -14.501 -2.330  1.00 64.29  ? 62  GLN A OE1 1 
ATOM   471  N  NE2 . GLN A 1 62  ? 7.533   -16.736 -2.098  1.00 62.19  ? 62  GLN A NE2 1 
ATOM   472  N  N   . THR A 1 63  ? 2.857   -12.770 -3.494  1.00 26.03  ? 63  THR A N   1 
ATOM   473  C  CA  . THR A 1 63  ? 2.168   -11.813 -2.624  1.00 26.51  ? 63  THR A CA  1 
ATOM   474  C  C   . THR A 1 63  ? 1.388   -10.801 -3.469  1.00 26.86  ? 63  THR A C   1 
ATOM   475  O  O   . THR A 1 63  ? 1.807   -10.448 -4.575  1.00 29.25  ? 63  THR A O   1 
ATOM   476  C  CB  . THR A 1 63  ? 3.151   -11.032 -1.716  1.00 28.19  ? 63  THR A CB  1 
ATOM   477  O  OG1 . THR A 1 63  ? 4.113   -10.344 -2.525  1.00 27.81  ? 63  THR A OG1 1 
ATOM   478  C  CG2 . THR A 1 63  ? 3.872   -11.976 -0.760  1.00 27.75  ? 63  THR A CG2 1 
ATOM   479  N  N   . GLY A 1 64  ? 0.250   -10.356 -2.941  1.00 26.06  ? 64  GLY A N   1 
ATOM   480  C  CA  . GLY A 1 64  ? -0.586  -9.385  -3.631  1.00 25.76  ? 64  GLY A CA  1 
ATOM   481  C  C   . GLY A 1 64  ? -1.212  -9.806  -4.952  1.00 25.56  ? 64  GLY A C   1 
ATOM   482  O  O   . GLY A 1 64  ? -1.578  -8.946  -5.751  1.00 25.60  ? 64  GLY A O   1 
ATOM   483  N  N   . ASP A 1 65  ? -1.344  -11.108 -5.190  1.00 28.87  ? 65  ASP A N   1 
ATOM   484  C  CA  . ASP A 1 65  ? -1.933  -11.604 -6.435  1.00 28.51  ? 65  ASP A CA  1 
ATOM   485  C  C   . ASP A 1 65  ? -3.390  -11.155 -6.573  1.00 27.93  ? 65  ASP A C   1 
ATOM   486  O  O   . ASP A 1 65  ? -4.168  -11.248 -5.624  1.00 23.81  ? 65  ASP A O   1 
ATOM   487  C  CB  . ASP A 1 65  ? -1.875  -13.127 -6.480  1.00 42.48  ? 65  ASP A CB  1 
ATOM   488  C  CG  . ASP A 1 65  ? -2.310  -13.679 -7.815  1.00 45.99  ? 65  ASP A CG  1 
ATOM   489  O  OD1 . ASP A 1 65  ? -1.488  -13.677 -8.756  1.00 47.23  ? 65  ASP A OD1 1 
ATOM   490  O  OD2 . ASP A 1 65  ? -3.478  -14.103 -7.928  1.00 46.93  ? 65  ASP A OD2 1 
ATOM   491  N  N   . CYS A 1 66  ? -3.764  -10.689 -7.760  1.00 30.83  ? 66  CYS A N   1 
ATOM   492  C  CA  . CYS A 1 66  ? -5.125  -10.207 -7.983  1.00 31.05  ? 66  CYS A CA  1 
ATOM   493  C  C   . CYS A 1 66  ? -5.946  -11.051 -8.964  1.00 31.20  ? 66  CYS A C   1 
ATOM   494  O  O   . CYS A 1 66  ? -6.512  -10.526 -9.921  1.00 32.32  ? 66  CYS A O   1 
ATOM   495  C  CB  . CYS A 1 66  ? -5.077  -8.768  -8.488  1.00 28.47  ? 66  CYS A CB  1 
ATOM   496  S  SG  . CYS A 1 66  ? -4.281  -8.595  -10.120 1.00 30.58  ? 66  CYS A SG  1 
ATOM   497  N  N   . GLY A 1 67  ? -6.019  -12.354 -8.726  1.00 35.90  ? 67  GLY A N   1 
ATOM   498  C  CA  . GLY A 1 67  ? -6.780  -13.207 -9.621  1.00 35.96  ? 67  GLY A CA  1 
ATOM   499  C  C   . GLY A 1 67  ? -5.940  -13.802 -10.736 1.00 37.83  ? 67  GLY A C   1 
ATOM   500  O  O   . GLY A 1 67  ? -6.431  -14.054 -11.833 1.00 38.80  ? 67  GLY A O   1 
ATOM   501  N  N   . GLY A 1 68  ? -4.661  -14.019 -10.457 1.00 31.62  ? 68  GLY A N   1 
ATOM   502  C  CA  . GLY A 1 68  ? -3.777  -14.603 -11.446 1.00 32.85  ? 68  GLY A CA  1 
ATOM   503  C  C   . GLY A 1 68  ? -3.691  -13.866 -12.765 1.00 34.33  ? 68  GLY A C   1 
ATOM   504  O  O   . GLY A 1 68  ? -3.488  -14.482 -13.811 1.00 34.29  ? 68  GLY A O   1 
ATOM   505  N  N   . VAL A 1 69  ? -3.845  -12.548 -12.727 1.00 35.12  ? 69  VAL A N   1 
ATOM   506  C  CA  . VAL A 1 69  ? -3.751  -11.751 -13.944 1.00 35.80  ? 69  VAL A CA  1 
ATOM   507  C  C   . VAL A 1 69  ? -2.761  -10.598 -13.751 1.00 36.65  ? 69  VAL A C   1 
ATOM   508  O  O   . VAL A 1 69  ? -2.618  -10.071 -12.650 1.00 36.58  ? 69  VAL A O   1 
ATOM   509  C  CB  . VAL A 1 69  ? -5.134  -11.200 -14.355 1.00 38.90  ? 69  VAL A CB  1 
ATOM   510  C  CG1 . VAL A 1 69  ? -6.099  -12.354 -14.592 1.00 40.14  ? 69  VAL A CG1 1 
ATOM   511  C  CG2 . VAL A 1 69  ? -5.668  -10.272 -13.280 1.00 37.71  ? 69  VAL A CG2 1 
ATOM   512  N  N   . LEU A 1 70  ? -2.070  -10.223 -14.825 1.00 29.50  ? 70  LEU A N   1 
ATOM   513  C  CA  . LEU A 1 70  ? -1.087  -9.141  -14.780 1.00 29.22  ? 70  LEU A CA  1 
ATOM   514  C  C   . LEU A 1 70  ? -1.733  -7.769  -14.590 1.00 29.10  ? 70  LEU A C   1 
ATOM   515  O  O   . LEU A 1 70  ? -1.263  -6.965  -13.785 1.00 28.79  ? 70  LEU A O   1 
ATOM   516  C  CB  . LEU A 1 70  ? -0.233  -9.158  -16.056 1.00 40.61  ? 70  LEU A CB  1 
ATOM   517  C  CG  . LEU A 1 70  ? 0.877   -8.128  -16.310 1.00 41.93  ? 70  LEU A CG  1 
ATOM   518  C  CD1 . LEU A 1 70  ? 0.340   -6.991  -17.151 1.00 40.30  ? 70  LEU A CD1 1 
ATOM   519  C  CD2 . LEU A 1 70  ? 1.449   -7.618  -15.001 1.00 41.30  ? 70  LEU A CD2 1 
ATOM   520  N  N   . GLN A 1 71  ? -2.809  -7.495  -15.313 1.00 40.34  ? 71  GLN A N   1 
ATOM   521  C  CA  . GLN A 1 71  ? -3.470  -6.206  -15.163 1.00 39.94  ? 71  GLN A CA  1 
ATOM   522  C  C   . GLN A 1 71  ? -4.703  -6.310  -14.289 1.00 37.98  ? 71  GLN A C   1 
ATOM   523  O  O   . GLN A 1 71  ? -5.795  -6.635  -14.745 1.00 38.95  ? 71  GLN A O   1 
ATOM   524  C  CB  . GLN A 1 71  ? -3.800  -5.616  -16.531 1.00 63.51  ? 71  GLN A CB  1 
ATOM   525  C  CG  . GLN A 1 71  ? -2.544  -5.169  -17.258 1.00 66.58  ? 71  GLN A CG  1 
ATOM   526  C  CD  . GLN A 1 71  ? -2.818  -4.548  -18.608 1.00 69.19  ? 71  GLN A CD  1 
ATOM   527  O  OE1 . GLN A 1 71  ? -3.387  -3.460  -18.705 1.00 70.93  ? 71  GLN A OE1 1 
ATOM   528  N  NE2 . GLN A 1 71  ? -2.411  -5.242  -19.665 1.00 69.46  ? 71  GLN A NE2 1 
ATOM   529  N  N   . CYS A 1 72  ? -4.493  -6.016  -13.013 1.00 53.70  ? 72  CYS A N   1 
ATOM   530  C  CA  . CYS A 1 72  ? -5.522  -6.077  -11.991 1.00 53.44  ? 72  CYS A CA  1 
ATOM   531  C  C   . CYS A 1 72  ? -6.747  -5.212  -12.228 1.00 53.22  ? 72  CYS A C   1 
ATOM   532  O  O   . CYS A 1 72  ? -6.673  -4.140  -12.827 1.00 51.74  ? 72  CYS A O   1 
ATOM   533  C  CB  . CYS A 1 72  ? -4.923  -5.700  -10.635 1.00 31.94  ? 72  CYS A CB  1 
ATOM   534  S  SG  . CYS A 1 72  ? -3.514  -6.721  -10.097 1.00 33.40  ? 72  CYS A SG  1 
ATOM   535  N  N   . THR A 1 73  ? -7.875  -5.698  -11.731 1.00 36.66  ? 73  THR A N   1 
ATOM   536  C  CA  . THR A 1 73  ? -9.144  -4.996  -11.818 1.00 37.04  ? 73  THR A CA  1 
ATOM   537  C  C   . THR A 1 73  ? -9.753  -5.118  -10.429 1.00 36.46  ? 73  THR A C   1 
ATOM   538  O  O   . THR A 1 73  ? -10.645 -4.361  -10.054 1.00 37.11  ? 73  THR A O   1 
ATOM   539  C  CB  . THR A 1 73  ? -10.075 -5.636  -12.867 1.00 37.38  ? 73  THR A CB  1 
ATOM   540  O  OG1 . THR A 1 73  ? -10.173 -7.048  -12.635 1.00 40.69  ? 73  THR A OG1 1 
ATOM   541  C  CG2 . THR A 1 73  ? -9.534  -5.392  -14.259 1.00 37.72  ? 73  THR A CG2 1 
ATOM   542  N  N   . GLY A 1 74  ? -9.238  -6.081  -9.670  1.00 40.69  ? 74  GLY A N   1 
ATOM   543  C  CA  . GLY A 1 74  ? -9.696  -6.315  -8.311  1.00 38.38  ? 74  GLY A CA  1 
ATOM   544  C  C   . GLY A 1 74  ? -8.537  -6.180  -7.341  1.00 36.42  ? 74  GLY A C   1 
ATOM   545  O  O   . GLY A 1 74  ? -7.411  -5.909  -7.752  1.00 35.36  ? 74  GLY A O   1 
ATOM   546  N  N   . TRP A 1 75  ? -8.792  -6.385  -6.054  1.00 28.04  ? 75  TRP A N   1 
ATOM   547  C  CA  . TRP A 1 75  ? -7.733  -6.252  -5.065  1.00 27.94  ? 75  TRP A CA  1 
ATOM   548  C  C   . TRP A 1 75  ? -6.789  -7.436  -4.928  1.00 28.07  ? 75  TRP A C   1 
ATOM   549  O  O   . TRP A 1 75  ? -7.135  -8.573  -5.241  1.00 26.67  ? 75  TRP A O   1 
ATOM   550  C  CB  . TRP A 1 75  ? -8.339  -5.894  -3.716  1.00 35.21  ? 75  TRP A CB  1 
ATOM   551  C  CG  . TRP A 1 75  ? -8.942  -4.532  -3.739  1.00 36.49  ? 75  TRP A CG  1 
ATOM   552  C  CD1 . TRP A 1 75  ? -8.812  -3.593  -4.729  1.00 35.41  ? 75  TRP A CD1 1 
ATOM   553  C  CD2 . TRP A 1 75  ? -9.759  -3.937  -2.726  1.00 35.27  ? 75  TRP A CD2 1 
ATOM   554  N  NE1 . TRP A 1 75  ? -9.500  -2.456  -4.392  1.00 34.58  ? 75  TRP A NE1 1 
ATOM   555  C  CE2 . TRP A 1 75  ? -10.089 -2.637  -3.170  1.00 35.42  ? 75  TRP A CE2 1 
ATOM   556  C  CE3 . TRP A 1 75  ? -10.242 -4.376  -1.488  1.00 34.04  ? 75  TRP A CE3 1 
ATOM   557  C  CZ2 . TRP A 1 75  ? -10.884 -1.770  -2.416  1.00 33.25  ? 75  TRP A CZ2 1 
ATOM   558  C  CZ3 . TRP A 1 75  ? -11.034 -3.513  -0.737  1.00 33.62  ? 75  TRP A CZ3 1 
ATOM   559  C  CH2 . TRP A 1 75  ? -11.347 -2.224  -1.206  1.00 33.04  ? 75  TRP A CH2 1 
ATOM   560  N  N   . GLY A 1 76  ? -5.579  -7.147  -4.467  1.00 27.23  ? 76  GLY A N   1 
ATOM   561  C  CA  . GLY A 1 76  ? -4.581  -8.184  -4.303  1.00 27.00  ? 76  GLY A CA  1 
ATOM   562  C  C   . GLY A 1 76  ? -4.771  -9.025  -3.058  1.00 27.73  ? 76  GLY A C   1 
ATOM   563  O  O   . GLY A 1 76  ? -5.364  -8.589  -2.073  1.00 28.53  ? 76  GLY A O   1 
ATOM   564  N  N   . LYS A 1 77  ? -4.266  -10.248 -3.116  1.00 32.92  ? 77  LYS A N   1 
ATOM   565  C  CA  . LYS A 1 77  ? -4.359  -11.171 -2.000  1.00 32.04  ? 77  LYS A CA  1 
ATOM   566  C  C   . LYS A 1 77  ? -3.275  -10.802 -0.980  1.00 31.33  ? 77  LYS A C   1 
ATOM   567  O  O   . LYS A 1 77  ? -2.094  -10.737 -1.322  1.00 30.03  ? 77  LYS A O   1 
ATOM   568  C  CB  . LYS A 1 77  ? -4.141  -12.596 -2.509  1.00 44.03  ? 77  LYS A CB  1 
ATOM   569  C  CG  . LYS A 1 77  ? -4.289  -13.662 -1.456  1.00 44.89  ? 77  LYS A CG  1 
ATOM   570  C  CD  . LYS A 1 77  ? -3.677  -14.970 -1.927  1.00 46.31  ? 77  LYS A CD  1 
ATOM   571  C  CE  . LYS A 1 77  ? -3.709  -16.008 -0.820  1.00 49.91  ? 77  LYS A CE  1 
ATOM   572  N  NZ  . LYS A 1 77  ? -2.938  -17.226 -1.191  1.00 54.90  ? 77  LYS A NZ  1 
ATOM   573  N  N   . PRO A 1 78  ? -3.664  -10.530 0.280   1.00 31.25  ? 78  PRO A N   1 
ATOM   574  C  CA  . PRO A 1 78  ? -2.644  -10.179 1.272   1.00 30.45  ? 78  PRO A CA  1 
ATOM   575  C  C   . PRO A 1 78  ? -1.655  -11.320 1.444   1.00 31.05  ? 78  PRO A C   1 
ATOM   576  O  O   . PRO A 1 78  ? -1.966  -12.465 1.135   1.00 32.06  ? 78  PRO A O   1 
ATOM   577  C  CB  . PRO A 1 78  ? -3.458  -9.896  2.537   1.00 20.72  ? 78  PRO A CB  1 
ATOM   578  C  CG  . PRO A 1 78  ? -4.713  -10.655 2.327   1.00 19.78  ? 78  PRO A CG  1 
ATOM   579  C  CD  . PRO A 1 78  ? -5.010  -10.473 0.866   1.00 20.94  ? 78  PRO A CD  1 
ATOM   580  N  N   . PRO A 1 79  ? -0.460  -11.028 1.972   1.00 28.56  ? 79  PRO A N   1 
ATOM   581  C  CA  . PRO A 1 79  ? -0.013  -9.706  2.417   1.00 27.78  ? 79  PRO A CA  1 
ATOM   582  C  C   . PRO A 1 79  ? 0.544   -8.780  1.339   1.00 27.65  ? 79  PRO A C   1 
ATOM   583  O  O   . PRO A 1 79  ? 1.265   -9.212  0.439   1.00 26.70  ? 79  PRO A O   1 
ATOM   584  C  CB  . PRO A 1 79  ? 1.051   -10.053 3.443   1.00 21.09  ? 79  PRO A CB  1 
ATOM   585  C  CG  . PRO A 1 79  ? 1.745   -11.214 2.766   1.00 21.63  ? 79  PRO A CG  1 
ATOM   586  C  CD  . PRO A 1 79  ? 0.572   -12.048 2.248   1.00 20.33  ? 79  PRO A CD  1 
ATOM   587  N  N   . ASN A 1 80  ? 0.201   -7.501  1.439   1.00 25.76  ? 80  ASN A N   1 
ATOM   588  C  CA  . ASN A 1 80  ? 0.713   -6.494  0.513   1.00 24.53  ? 80  ASN A CA  1 
ATOM   589  C  C   . ASN A 1 80  ? 0.601   -5.097  1.108   1.00 23.96  ? 80  ASN A C   1 
ATOM   590  O  O   . ASN A 1 80  ? -0.464  -4.684  1.566   1.00 25.77  ? 80  ASN A O   1 
ATOM   591  C  CB  . ASN A 1 80  ? 0.013   -6.546  -0.858  1.00 26.81  ? 80  ASN A CB  1 
ATOM   592  C  CG  . ASN A 1 80  ? -1.494  -6.453  -0.760  1.00 25.84  ? 80  ASN A CG  1 
ATOM   593  O  OD1 . ASN A 1 80  ? -2.034  -5.925  0.211   1.00 26.19  ? 80  ASN A OD1 1 
ATOM   594  N  ND2 . ASN A 1 80  ? -2.183  -6.951  -1.783  1.00 20.69  ? 80  ASN A ND2 1 
ATOM   595  N  N   . THR A 1 81  ? 1.731   -4.396  1.120   1.00 14.90  ? 81  THR A N   1 
ATOM   596  C  CA  . THR A 1 81  ? 1.819   -3.036  1.636   1.00 14.04  ? 81  THR A CA  1 
ATOM   597  C  C   . THR A 1 81  ? 1.020   -2.119  0.701   1.00 14.62  ? 81  THR A C   1 
ATOM   598  O  O   . THR A 1 81  ? 1.247   -2.102  -0.505  1.00 13.26  ? 81  THR A O   1 
ATOM   599  C  CB  . THR A 1 81  ? 3.291   -2.589  1.685   1.00 18.64  ? 81  THR A CB  1 
ATOM   600  O  OG1 . THR A 1 81  ? 4.050   -3.564  2.413   1.00 17.59  ? 81  THR A OG1 1 
ATOM   601  C  CG2 . THR A 1 81  ? 3.430   -1.225  2.375   1.00 14.06  ? 81  THR A CG2 1 
ATOM   602  N  N   . LEU A 1 82  ? 0.091   -1.351  1.259   1.00 20.72  ? 82  LEU A N   1 
ATOM   603  C  CA  . LEU A 1 82  ? -0.751  -0.488  0.439   1.00 20.88  ? 82  LEU A CA  1 
ATOM   604  C  C   . LEU A 1 82  ? -0.511  1.015   0.456   1.00 21.28  ? 82  LEU A C   1 
ATOM   605  O  O   . LEU A 1 82  ? -0.113  1.602   1.463   1.00 21.19  ? 82  LEU A O   1 
ATOM   606  C  CB  . LEU A 1 82  ? -2.224  -0.737  0.775   1.00 16.13  ? 82  LEU A CB  1 
ATOM   607  C  CG  . LEU A 1 82  ? -2.810  -2.134  0.532   1.00 14.71  ? 82  LEU A CG  1 
ATOM   608  C  CD1 . LEU A 1 82  ? -4.273  -2.160  0.988   1.00 15.68  ? 82  LEU A CD1 1 
ATOM   609  C  CD2 . LEU A 1 82  ? -2.691  -2.504  -0.936  1.00 15.61  ? 82  LEU A CD2 1 
ATOM   610  N  N   . ALA A 1 83  ? -0.772  1.629   -0.688  1.00 16.52  ? 83  ALA A N   1 
ATOM   611  C  CA  . ALA A 1 83  ? -0.654  3.069   -0.826  1.00 16.72  ? 83  ALA A CA  1 
ATOM   612  C  C   . ALA A 1 83  ? -2.085  3.469   -1.225  1.00 16.54  ? 83  ALA A C   1 
ATOM   613  O  O   . ALA A 1 83  ? -2.505  3.252   -2.364  1.00 17.79  ? 83  ALA A O   1 
ATOM   614  C  CB  . ALA A 1 83  ? 0.320   3.416   -1.925  1.00 5.99   ? 83  ALA A CB  1 
ATOM   615  N  N   . GLU A 1 84  ? -2.848  4.012   -0.281  1.00 21.42  ? 84  GLU A N   1 
ATOM   616  C  CA  . GLU A 1 84  ? -4.222  4.405   -0.568  1.00 21.36  ? 84  GLU A CA  1 
ATOM   617  C  C   . GLU A 1 84  ? -4.330  5.899   -0.727  1.00 22.41  ? 84  GLU A C   1 
ATOM   618  O  O   . GLU A 1 84  ? -3.543  6.658   -0.172  1.00 22.44  ? 84  GLU A O   1 
ATOM   619  C  CB  . GLU A 1 84  ? -5.164  3.966   0.556   1.00 27.09  ? 84  GLU A CB  1 
ATOM   620  C  CG  . GLU A 1 84  ? -5.107  2.478   0.865   1.00 27.65  ? 84  GLU A CG  1 
ATOM   621  C  CD  . GLU A 1 84  ? -6.062  2.076   1.963   1.00 28.16  ? 84  GLU A CD  1 
ATOM   622  O  OE1 . GLU A 1 84  ? -6.034  2.711   3.039   1.00 29.22  ? 84  GLU A OE1 1 
ATOM   623  O  OE2 . GLU A 1 84  ? -6.844  1.122   1.757   1.00 30.32  ? 84  GLU A OE2 1 
ATOM   624  N  N   . TYR A 1 85  ? -5.318  6.320   -1.500  1.00 17.04  ? 85  TYR A N   1 
ATOM   625  C  CA  . TYR A 1 85  ? -5.549  7.736   -1.702  1.00 18.10  ? 85  TYR A CA  1 
ATOM   626  C  C   . TYR A 1 85  ? -6.944  7.960   -2.258  1.00 18.10  ? 85  TYR A C   1 
ATOM   627  O  O   . TYR A 1 85  ? -7.577  7.050   -2.799  1.00 20.09  ? 85  TYR A O   1 
ATOM   628  C  CB  . TYR A 1 85  ? -4.491  8.322   -2.644  1.00 16.15  ? 85  TYR A CB  1 
ATOM   629  C  CG  . TYR A 1 85  ? -4.624  7.896   -4.086  1.00 18.51  ? 85  TYR A CG  1 
ATOM   630  C  CD1 . TYR A 1 85  ? -5.461  8.591   -4.962  1.00 18.76  ? 85  TYR A CD1 1 
ATOM   631  C  CD2 . TYR A 1 85  ? -3.929  6.791   -4.575  1.00 17.47  ? 85  TYR A CD2 1 
ATOM   632  C  CE1 . TYR A 1 85  ? -5.599  8.194   -6.286  1.00 19.06  ? 85  TYR A CE1 1 
ATOM   633  C  CE2 . TYR A 1 85  ? -4.063  6.384   -5.902  1.00 17.91  ? 85  TYR A CE2 1 
ATOM   634  C  CZ  . TYR A 1 85  ? -4.899  7.091   -6.751  1.00 19.28  ? 85  TYR A CZ  1 
ATOM   635  O  OH  . TYR A 1 85  ? -5.043  6.708   -8.067  1.00 19.56  ? 85  TYR A OH  1 
ATOM   636  N  N   . ALA A 1 86  ? -7.427  9.181   -2.089  1.00 17.69  ? 86  ALA A N   1 
ATOM   637  C  CA  . ALA A 1 86  ? -8.730  9.578   -2.590  1.00 19.80  ? 86  ALA A CA  1 
ATOM   638  C  C   . ALA A 1 86  ? -8.576  11.043  -2.954  1.00 20.67  ? 86  ALA A C   1 
ATOM   639  O  O   . ALA A 1 86  ? -8.143  11.855  -2.131  1.00 23.38  ? 86  ALA A O   1 
ATOM   640  C  CB  . ALA A 1 86  ? -9.791  9.401   -1.522  1.00 23.75  ? 86  ALA A CB  1 
ATOM   641  N  N   . LEU A 1 87  ? -8.891  11.370  -4.201  1.00 20.18  ? 87  LEU A N   1 
ATOM   642  C  CA  . LEU A 1 87  ? -8.796  12.740  -4.671  1.00 21.16  ? 87  LEU A CA  1 
ATOM   643  C  C   . LEU A 1 87  ? -10.207 13.334  -4.601  1.00 22.27  ? 87  LEU A C   1 
ATOM   644  O  O   . LEU A 1 87  ? -10.900 13.451  -5.605  1.00 22.39  ? 87  LEU A O   1 
ATOM   645  C  CB  . LEU A 1 87  ? -8.243  12.740  -6.099  1.00 12.61  ? 87  LEU A CB  1 
ATOM   646  C  CG  . LEU A 1 87  ? -6.910  11.974  -6.244  1.00 14.99  ? 87  LEU A CG  1 
ATOM   647  C  CD1 . LEU A 1 87  ? -6.376  12.081  -7.677  1.00 14.46  ? 87  LEU A CD1 1 
ATOM   648  C  CD2 . LEU A 1 87  ? -5.883  12.519  -5.257  1.00 13.42  ? 87  LEU A CD2 1 
ATOM   649  N  N   . ASP A 1 88  ? -10.618 13.708  -3.394  1.00 18.51  ? 88  ASP A N   1 
ATOM   650  C  CA  . ASP A 1 88  ? -11.956 14.235  -3.136  1.00 21.26  ? 88  ASP A CA  1 
ATOM   651  C  C   . ASP A 1 88  ? -12.357 15.526  -3.856  1.00 22.70  ? 88  ASP A C   1 
ATOM   652  O  O   . ASP A 1 88  ? -11.680 16.550  -3.750  1.00 25.61  ? 88  ASP A O   1 
ATOM   653  C  CB  . ASP A 1 88  ? -12.142 14.403  -1.627  1.00 31.22  ? 88  ASP A CB  1 
ATOM   654  C  CG  . ASP A 1 88  ? -13.548 14.809  -1.257  1.00 31.51  ? 88  ASP A CG  1 
ATOM   655  O  OD1 . ASP A 1 88  ? -14.494 14.082  -1.627  1.00 32.06  ? 88  ASP A OD1 1 
ATOM   656  O  OD2 . ASP A 1 88  ? -13.709 15.854  -0.596  1.00 30.12  ? 88  ASP A OD2 1 
ATOM   657  N  N   . GLN A 1 89  ? -13.479 15.469  -4.571  1.00 38.80  ? 89  GLN A N   1 
ATOM   658  C  CA  . GLN A 1 89  ? -13.979 16.627  -5.306  1.00 40.38  ? 89  GLN A CA  1 
ATOM   659  C  C   . GLN A 1 89  ? -14.861 17.541  -4.452  1.00 39.33  ? 89  GLN A C   1 
ATOM   660  O  O   . GLN A 1 89  ? -15.181 18.653  -4.863  1.00 38.21  ? 89  GLN A O   1 
ATOM   661  C  CB  . GLN A 1 89  ? -14.777 16.185  -6.538  1.00 30.09  ? 89  GLN A CB  1 
ATOM   662  C  CG  . GLN A 1 89  ? -16.143 15.592  -6.222  1.00 35.87  ? 89  GLN A CG  1 
ATOM   663  C  CD  . GLN A 1 89  ? -16.097 14.097  -5.959  1.00 37.74  ? 89  GLN A CD  1 
ATOM   664  O  OE1 . GLN A 1 89  ? -15.326 13.619  -5.129  1.00 39.06  ? 89  GLN A OE1 1 
ATOM   665  N  NE2 . GLN A 1 89  ? -16.931 13.351  -6.671  1.00 39.59  ? 89  GLN A NE2 1 
ATOM   666  N  N   . PHE A 1 90  ? -15.255 17.085  -3.269  1.00 39.67  ? 90  PHE A N   1 
ATOM   667  C  CA  . PHE A 1 90  ? -16.108 17.895  -2.403  1.00 38.94  ? 90  PHE A CA  1 
ATOM   668  C  C   . PHE A 1 90  ? -15.329 18.863  -1.525  1.00 38.52  ? 90  PHE A C   1 
ATOM   669  O  O   . PHE A 1 90  ? -15.687 20.032  -1.413  1.00 37.88  ? 90  PHE A O   1 
ATOM   670  C  CB  . PHE A 1 90  ? -16.977 16.994  -1.529  1.00 36.61  ? 90  PHE A CB  1 
ATOM   671  C  CG  . PHE A 1 90  ? -17.927 16.129  -2.312  1.00 37.87  ? 90  PHE A CG  1 
ATOM   672  C  CD1 . PHE A 1 90  ? -18.909 16.705  -3.113  1.00 37.99  ? 90  PHE A CD1 1 
ATOM   673  C  CD2 . PHE A 1 90  ? -17.828 14.746  -2.265  1.00 37.15  ? 90  PHE A CD2 1 
ATOM   674  C  CE1 . PHE A 1 90  ? -19.777 15.916  -3.855  1.00 39.61  ? 90  PHE A CE1 1 
ATOM   675  C  CE2 . PHE A 1 90  ? -18.693 13.950  -3.005  1.00 37.40  ? 90  PHE A CE2 1 
ATOM   676  C  CZ  . PHE A 1 90  ? -19.670 14.535  -3.802  1.00 38.86  ? 90  PHE A CZ  1 
ATOM   677  N  N   . SER A 1 91  ? -14.264 18.378  -0.901  1.00 29.95  ? 91  SER A N   1 
ATOM   678  C  CA  . SER A 1 91  ? -13.447 19.215  -0.032  1.00 28.49  ? 91  SER A CA  1 
ATOM   679  C  C   . SER A 1 91  ? -12.271 19.789  -0.807  1.00 26.89  ? 91  SER A C   1 
ATOM   680  O  O   . SER A 1 91  ? -11.602 20.721  -0.356  1.00 26.63  ? 91  SER A O   1 
ATOM   681  C  CB  . SER A 1 91  ? -12.905 18.383  1.126   1.00 23.07  ? 91  SER A CB  1 
ATOM   682  O  OG  . SER A 1 91  ? -12.002 17.392  0.656   1.00 22.96  ? 91  SER A OG  1 
ATOM   683  N  N   . ASN A 1 92  ? -12.032 19.215  -1.982  1.00 33.47  ? 92  ASN A N   1 
ATOM   684  C  CA  . ASN A 1 92  ? -10.922 19.603  -2.824  1.00 32.44  ? 92  ASN A CA  1 
ATOM   685  C  C   . ASN A 1 92  ? -9.627  19.386  -2.047  1.00 33.31  ? 92  ASN A C   1 
ATOM   686  O  O   . ASN A 1 92  ? -8.730  20.228  -2.019  1.00 35.00  ? 92  ASN A O   1 
ATOM   687  C  CB  . ASN A 1 92  ? -11.040 21.055  -3.273  1.00 42.12  ? 92  ASN A CB  1 
ATOM   688  C  CG  . ASN A 1 92  ? -10.006 21.410  -4.316  1.00 42.12  ? 92  ASN A CG  1 
ATOM   689  O  OD1 . ASN A 1 92  ? -9.746  20.628  -5.238  1.00 42.12  ? 92  ASN A OD1 1 
ATOM   690  N  ND2 . ASN A 1 92  ? -9.410  22.586  -4.187  1.00 42.12  ? 92  ASN A ND2 1 
ATOM   691  N  N   . LEU A 1 93  ? -9.558  18.235  -1.390  1.00 32.84  ? 93  LEU A N   1 
ATOM   692  C  CA  . LEU A 1 93  ? -8.384  17.849  -0.630  1.00 32.63  ? 93  LEU A CA  1 
ATOM   693  C  C   . LEU A 1 93  ? -7.997  16.460  -1.091  1.00 32.45  ? 93  LEU A C   1 
ATOM   694  O  O   . LEU A 1 93  ? -8.838  15.693  -1.563  1.00 31.18  ? 93  LEU A O   1 
ATOM   695  C  CB  . LEU A 1 93  ? -8.691  17.792  0.865   1.00 24.73  ? 93  LEU A CB  1 
ATOM   696  C  CG  . LEU A 1 93  ? -8.936  19.083  1.642   1.00 26.52  ? 93  LEU A CG  1 
ATOM   697  C  CD1 . LEU A 1 93  ? -9.672  18.762  2.935   1.00 24.68  ? 93  LEU A CD1 1 
ATOM   698  C  CD2 . LEU A 1 93  ? -7.609  19.769  1.927   1.00 24.44  ? 93  LEU A CD2 1 
ATOM   699  N  N   . ASP A 1 94  ? -6.717  16.147  -0.971  1.00 23.62  ? 94  ASP A N   1 
ATOM   700  C  CA  . ASP A 1 94  ? -6.236  14.825  -1.317  1.00 22.67  ? 94  ASP A CA  1 
ATOM   701  C  C   . ASP A 1 94  ? -6.025  14.082  0.005   1.00 23.80  ? 94  ASP A C   1 
ATOM   702  O  O   . ASP A 1 94  ? -5.331  14.570  0.902   1.00 23.92  ? 94  ASP A O   1 
ATOM   703  C  CB  . ASP A 1 94  ? -4.915  14.901  -2.092  1.00 29.48  ? 94  ASP A CB  1 
ATOM   704  C  CG  . ASP A 1 94  ? -5.067  15.560  -3.450  1.00 28.18  ? 94  ASP A CG  1 
ATOM   705  O  OD1 . ASP A 1 94  ? -6.196  15.629  -3.972  1.00 21.66  ? 94  ASP A OD1 1 
ATOM   706  O  OD2 . ASP A 1 94  ? -4.047  15.997  -4.010  1.00 27.78  ? 94  ASP A OD2 1 
ATOM   707  N  N   . PHE A 1 95  ? -6.647  12.914  0.122   1.00 26.49  ? 95  PHE A N   1 
ATOM   708  C  CA  . PHE A 1 95  ? -6.528  12.088  1.313   1.00 24.66  ? 95  PHE A CA  1 
ATOM   709  C  C   . PHE A 1 95  ? -5.742  10.859  0.930   1.00 24.30  ? 95  PHE A C   1 
ATOM   710  O  O   . PHE A 1 95  ? -6.140  10.112  0.041   1.00 24.94  ? 95  PHE A O   1 
ATOM   711  C  CB  . PHE A 1 95  ? -7.904  11.675  1.803   1.00 21.48  ? 95  PHE A CB  1 
ATOM   712  C  CG  . PHE A 1 95  ? -8.732  12.815  2.279   1.00 22.57  ? 95  PHE A CG  1 
ATOM   713  C  CD1 . PHE A 1 95  ? -8.702  13.197  3.609   1.00 22.99  ? 95  PHE A CD1 1 
ATOM   714  C  CD2 . PHE A 1 95  ? -9.552  13.511  1.398   1.00 24.09  ? 95  PHE A CD2 1 
ATOM   715  C  CE1 . PHE A 1 95  ? -9.481  14.262  4.062   1.00 24.17  ? 95  PHE A CE1 1 
ATOM   716  C  CE2 . PHE A 1 95  ? -10.336 14.577  1.839   1.00 22.90  ? 95  PHE A CE2 1 
ATOM   717  C  CZ  . PHE A 1 95  ? -10.300 14.952  3.174   1.00 24.32  ? 95  PHE A CZ  1 
ATOM   718  N  N   . TRP A 1 96  ? -4.628  10.639  1.609   1.00 31.87  ? 96  TRP A N   1 
ATOM   719  C  CA  . TRP A 1 96  ? -3.794  9.497   1.294   1.00 31.38  ? 96  TRP A CA  1 
ATOM   720  C  C   . TRP A 1 96  ? -3.123  8.902   2.527   1.00 30.47  ? 96  TRP A C   1 
ATOM   721  O  O   . TRP A 1 96  ? -3.032  9.544   3.580   1.00 29.12  ? 96  TRP A O   1 
ATOM   722  C  CB  . TRP A 1 96  ? -2.741  9.906   0.269   1.00 26.79  ? 96  TRP A CB  1 
ATOM   723  C  CG  . TRP A 1 96  ? -1.999  11.135  0.667   1.00 29.21  ? 96  TRP A CG  1 
ATOM   724  C  CD1 . TRP A 1 96  ? -2.452  12.424  0.620   1.00 30.12  ? 96  TRP A CD1 1 
ATOM   725  C  CD2 . TRP A 1 96  ? -0.681  11.191  1.221   1.00 29.44  ? 96  TRP A CD2 1 
ATOM   726  N  NE1 . TRP A 1 96  ? -1.497  13.280  1.111   1.00 31.29  ? 96  TRP A NE1 1 
ATOM   727  C  CE2 . TRP A 1 96  ? -0.401  12.553  1.487   1.00 30.57  ? 96  TRP A CE2 1 
ATOM   728  C  CE3 . TRP A 1 96  ? 0.288   10.225  1.519   1.00 31.52  ? 96  TRP A CE3 1 
ATOM   729  C  CZ2 . TRP A 1 96  ? 0.812   12.970  2.037   1.00 29.46  ? 96  TRP A CZ2 1 
ATOM   730  C  CZ3 . TRP A 1 96  ? 1.497   10.643  2.067   1.00 29.28  ? 96  TRP A CZ3 1 
ATOM   731  C  CH2 . TRP A 1 96  ? 1.747   12.006  2.319   1.00 28.47  ? 96  TRP A CH2 1 
ATOM   732  N  N   . ASP A 1 97  ? -2.650  7.668   2.381   1.00 18.74  ? 97  ASP A N   1 
ATOM   733  C  CA  . ASP A 1 97  ? -2.006  6.973   3.479   1.00 18.89  ? 97  ASP A CA  1 
ATOM   734  C  C   . ASP A 1 97  ? -1.292  5.708   3.035   1.00 18.61  ? 97  ASP A C   1 
ATOM   735  O  O   . ASP A 1 97  ? -1.422  5.255   1.896   1.00 20.20  ? 97  ASP A O   1 
ATOM   736  C  CB  . ASP A 1 97  ? -3.049  6.571   4.528   1.00 22.37  ? 97  ASP A CB  1 
ATOM   737  C  CG  . ASP A 1 97  ? -4.114  5.636   3.964   1.00 23.05  ? 97  ASP A CG  1 
ATOM   738  O  OD1 . ASP A 1 97  ? -5.181  6.127   3.547   1.00 24.95  ? 97  ASP A OD1 1 
ATOM   739  O  OD2 . ASP A 1 97  ? -3.879  4.414   3.914   1.00 23.21  ? 97  ASP A OD2 1 
ATOM   740  N  N   . ILE A 1 98  ? -0.534  5.145   3.965   1.00 23.09  ? 98  ILE A N   1 
ATOM   741  C  CA  . ILE A 1 98  ? 0.157   3.896   3.743   1.00 21.37  ? 98  ILE A CA  1 
ATOM   742  C  C   . ILE A 1 98  ? -0.580  2.976   4.703   1.00 21.12  ? 98  ILE A C   1 
ATOM   743  O  O   . ILE A 1 98  ? -0.776  3.317   5.873   1.00 18.53  ? 98  ILE A O   1 
ATOM   744  C  CB  . ILE A 1 98  ? 1.630   3.972   4.143   1.00 22.41  ? 98  ILE A CB  1 
ATOM   745  C  CG1 . ILE A 1 98  ? 2.395   4.807   3.116   1.00 21.73  ? 98  ILE A CG1 1 
ATOM   746  C  CG2 . ILE A 1 98  ? 2.206   2.556   4.254   1.00 19.74  ? 98  ILE A CG2 1 
ATOM   747  C  CD1 . ILE A 1 98  ? 3.878   4.929   3.400   1.00 22.72  ? 98  ILE A CD1 1 
ATOM   748  N  N   . SER A 1 99  ? -0.996  1.815   4.216   1.00 18.62  ? 99  SER A N   1 
ATOM   749  C  CA  . SER A 1 99  ? -1.746  0.894   5.056   1.00 16.87  ? 99  SER A CA  1 
ATOM   750  C  C   . SER A 1 99  ? -1.126  -0.486  5.188   1.00 17.75  ? 99  SER A C   1 
ATOM   751  O  O   . SER A 1 99  ? -0.634  -1.060  4.214   1.00 14.35  ? 99  SER A O   1 
ATOM   752  C  CB  . SER A 1 99  ? -3.175  0.767   4.515   1.00 22.25  ? 99  SER A CB  1 
ATOM   753  O  OG  . SER A 1 99  ? -3.906  -0.204  5.227   1.00 23.43  ? 99  SER A OG  1 
ATOM   754  N  N   . LEU A 1 100 ? -1.168  -1.014  6.403   1.00 24.43  ? 100 LEU A N   1 
ATOM   755  C  CA  . LEU A 1 100 ? -0.631  -2.335  6.696   1.00 26.35  ? 100 LEU A CA  1 
ATOM   756  C  C   . LEU A 1 100 ? -1.763  -3.250  7.161   1.00 26.66  ? 100 LEU A C   1 
ATOM   757  O  O   . LEU A 1 100 ? -1.522  -4.365  7.626   1.00 24.16  ? 100 LEU A O   1 
ATOM   758  C  CB  . LEU A 1 100 ? 0.459   -2.232  7.769   1.00 19.39  ? 100 LEU A CB  1 
ATOM   759  C  CG  . LEU A 1 100 ? 1.925   -2.139  7.314   1.00 21.10  ? 100 LEU A CG  1 
ATOM   760  C  CD1 . LEU A 1 100 ? 2.062   -1.451  5.964   1.00 20.91  ? 100 LEU A CD1 1 
ATOM   761  C  CD2 . LEU A 1 100 ? 2.717   -1.407  8.382   1.00 21.47  ? 100 LEU A CD2 1 
ATOM   762  N  N   . VAL A 1 101 ? -2.998  -2.773  7.022   1.00 30.72  ? 101 VAL A N   1 
ATOM   763  C  CA  . VAL A 1 101 ? -4.181  -3.545  7.409   1.00 31.32  ? 101 VAL A CA  1 
ATOM   764  C  C   . VAL A 1 101 ? -4.246  -4.862  6.642   1.00 32.02  ? 101 VAL A C   1 
ATOM   765  O  O   . VAL A 1 101 ? -4.695  -5.879  7.166   1.00 32.74  ? 101 VAL A O   1 
ATOM   766  C  CB  . VAL A 1 101 ? -5.473  -2.754  7.140   1.00 26.60  ? 101 VAL A CB  1 
ATOM   767  C  CG1 . VAL A 1 101 ? -6.675  -3.600  7.498   1.00 28.23  ? 101 VAL A CG1 1 
ATOM   768  C  CG2 . VAL A 1 101 ? -5.469  -1.465  7.944   1.00 23.70  ? 101 VAL A CG2 1 
ATOM   769  N  N   . ASP A 1 102 ? -3.798  -4.833  5.394   1.00 25.83  ? 102 ASP A N   1 
ATOM   770  C  CA  . ASP A 1 102 ? -3.786  -6.025  4.561   1.00 27.75  ? 102 ASP A CA  1 
ATOM   771  C  C   . ASP A 1 102 ? -2.378  -6.599  4.513   1.00 27.50  ? 102 ASP A C   1 
ATOM   772  O  O   . ASP A 1 102 ? -1.990  -7.249  3.546   1.00 25.92  ? 102 ASP A O   1 
ATOM   773  C  CB  . ASP A 1 102 ? -4.279  -5.690  3.153   1.00 32.09  ? 102 ASP A CB  1 
ATOM   774  C  CG  . ASP A 1 102 ? -5.791  -5.782  3.027   1.00 36.08  ? 102 ASP A CG  1 
ATOM   775  O  OD1 . ASP A 1 102 ? -6.487  -5.563  4.038   1.00 39.34  ? 102 ASP A OD1 1 
ATOM   776  O  OD2 . ASP A 1 102 ? -6.283  -6.064  1.914   1.00 36.19  ? 102 ASP A OD2 1 
ATOM   777  N  N   . GLY A 1 103 ? -1.610  -6.332  5.562   1.00 22.64  ? 103 GLY A N   1 
ATOM   778  C  CA  . GLY A 1 103 ? -0.263  -6.858  5.646   1.00 22.71  ? 103 GLY A CA  1 
ATOM   779  C  C   . GLY A 1 103 ? 0.872   -5.986  5.146   1.00 23.83  ? 103 GLY A C   1 
ATOM   780  O  O   . GLY A 1 103 ? 0.711   -4.794  4.878   1.00 20.86  ? 103 GLY A O   1 
ATOM   781  N  N   . PHE A 1 104 ? 2.039   -6.605  5.038   1.00 26.85  ? 104 PHE A N   1 
ATOM   782  C  CA  . PHE A 1 104 ? 3.241   -5.939  4.569   1.00 27.85  ? 104 PHE A CA  1 
ATOM   783  C  C   . PHE A 1 104 ? 4.010   -6.935  3.715   1.00 26.49  ? 104 PHE A C   1 
ATOM   784  O  O   . PHE A 1 104 ? 4.002   -8.130  3.990   1.00 25.95  ? 104 PHE A O   1 
ATOM   785  C  CB  . PHE A 1 104 ? 4.086   -5.496  5.768   1.00 16.04  ? 104 PHE A CB  1 
ATOM   786  C  CG  . PHE A 1 104 ? 5.447   -4.956  5.402   1.00 16.78  ? 104 PHE A CG  1 
ATOM   787  C  CD1 . PHE A 1 104 ? 6.499   -5.818  5.098   1.00 15.76  ? 104 PHE A CD1 1 
ATOM   788  C  CD2 . PHE A 1 104 ? 5.677   -3.583  5.363   1.00 15.28  ? 104 PHE A CD2 1 
ATOM   789  C  CE1 . PHE A 1 104 ? 7.765   -5.319  4.761   1.00 16.78  ? 104 PHE A CE1 1 
ATOM   790  C  CE2 . PHE A 1 104 ? 6.936   -3.070  5.028   1.00 16.41  ? 104 PHE A CE2 1 
ATOM   791  C  CZ  . PHE A 1 104 ? 7.981   -3.940  4.727   1.00 17.19  ? 104 PHE A CZ  1 
ATOM   792  N  N   . ASN A 1 105 ? 4.651   -6.449  2.661   1.00 25.98  ? 105 ASN A N   1 
ATOM   793  C  CA  . ASN A 1 105 ? 5.453   -7.318  1.808   1.00 26.71  ? 105 ASN A CA  1 
ATOM   794  C  C   . ASN A 1 105 ? 6.672   -6.565  1.286   1.00 27.80  ? 105 ASN A C   1 
ATOM   795  O  O   . ASN A 1 105 ? 7.777   -7.109  1.231   1.00 29.92  ? 105 ASN A O   1 
ATOM   796  C  CB  . ASN A 1 105 ? 4.612   -7.879  0.647   1.00 24.71  ? 105 ASN A CB  1 
ATOM   797  C  CG  . ASN A 1 105 ? 4.110   -6.796  -0.305  1.00 23.53  ? 105 ASN A CG  1 
ATOM   798  O  OD1 . ASN A 1 105 ? 3.964   -5.632  0.069   1.00 24.38  ? 105 ASN A OD1 1 
ATOM   799  N  ND2 . ASN A 1 105 ? 3.835   -7.186  -1.543  1.00 22.75  ? 105 ASN A ND2 1 
ATOM   800  N  N   . ILE A 1 106 ? 6.473   -5.296  0.937   1.00 22.43  ? 106 ILE A N   1 
ATOM   801  C  CA  . ILE A 1 106 ? 7.546   -4.467  0.409   1.00 22.13  ? 106 ILE A CA  1 
ATOM   802  C  C   . ILE A 1 106 ? 7.592   -3.122  1.129   1.00 22.04  ? 106 ILE A C   1 
ATOM   803  O  O   . ILE A 1 106 ? 6.557   -2.504  1.348   1.00 22.76  ? 106 ILE A O   1 
ATOM   804  C  CB  . ILE A 1 106 ? 7.326   -4.206  -1.092  1.00 26.08  ? 106 ILE A CB  1 
ATOM   805  C  CG1 . ILE A 1 106 ? 7.076   -5.525  -1.814  1.00 25.61  ? 106 ILE A CG1 1 
ATOM   806  C  CG2 . ILE A 1 106 ? 8.537   -3.521  -1.695  1.00 26.90  ? 106 ILE A CG2 1 
ATOM   807  C  CD1 . ILE A 1 106 ? 6.615   -5.343  -3.245  1.00 21.70  ? 106 ILE A CD1 1 
ATOM   808  N  N   . PRO A 1 107 ? 8.795   -2.663  1.527   1.00 18.67  ? 107 PRO A N   1 
ATOM   809  C  CA  . PRO A 1 107 ? 8.918   -1.373  2.215   1.00 17.19  ? 107 PRO A CA  1 
ATOM   810  C  C   . PRO A 1 107 ? 8.647   -0.276  1.203   1.00 18.44  ? 107 PRO A C   1 
ATOM   811  O  O   . PRO A 1 107 ? 8.925   -0.451  0.012   1.00 17.84  ? 107 PRO A O   1 
ATOM   812  C  CB  . PRO A 1 107 ? 10.372  -1.368  2.692   1.00 13.43  ? 107 PRO A CB  1 
ATOM   813  C  CG  . PRO A 1 107 ? 11.076  -2.177  1.636   1.00 13.56  ? 107 PRO A CG  1 
ATOM   814  C  CD  . PRO A 1 107 ? 10.107  -3.336  1.441   1.00 14.12  ? 107 PRO A CD  1 
ATOM   815  N  N   . MET A 1 108 ? 8.098   0.846   1.651   1.00 17.31  ? 108 MET A N   1 
ATOM   816  C  CA  . MET A 1 108 ? 7.827   1.917   0.713   1.00 19.53  ? 108 MET A CA  1 
ATOM   817  C  C   . MET A 1 108 ? 7.787   3.329   1.274   1.00 19.71  ? 108 MET A C   1 
ATOM   818  O  O   . MET A 1 108 ? 7.726   3.556   2.486   1.00 21.16  ? 108 MET A O   1 
ATOM   819  C  CB  . MET A 1 108 ? 6.515   1.659   -0.052  1.00 26.65  ? 108 MET A CB  1 
ATOM   820  C  CG  . MET A 1 108 ? 5.253   1.753   0.778   1.00 27.11  ? 108 MET A CG  1 
ATOM   821  S  SD  . MET A 1 108 ? 3.743   2.196   -0.168  1.00 26.18  ? 108 MET A SD  1 
ATOM   822  C  CE  . MET A 1 108 ? 3.303   0.632   -0.946  1.00 27.38  ? 108 MET A CE  1 
ATOM   823  N  N   . THR A 1 109 ? 7.833   4.276   0.343   1.00 22.07  ? 109 THR A N   1 
ATOM   824  C  CA  . THR A 1 109 ? 7.763   5.690   0.644   1.00 22.54  ? 109 THR A CA  1 
ATOM   825  C  C   . THR A 1 109 ? 6.622   6.256   -0.177  1.00 23.21  ? 109 THR A C   1 
ATOM   826  O  O   . THR A 1 109 ? 6.527   6.009   -1.378  1.00 24.41  ? 109 THR A O   1 
ATOM   827  C  CB  . THR A 1 109 ? 9.043   6.436   0.237   1.00 24.60  ? 109 THR A CB  1 
ATOM   828  O  OG1 . THR A 1 109 ? 10.103  6.102   1.139   1.00 22.84  ? 109 THR A OG1 1 
ATOM   829  C  CG2 . THR A 1 109 ? 8.807   7.948   0.261   1.00 22.37  ? 109 THR A CG2 1 
ATOM   830  N  N   . PHE A 1 110 ? 5.749   7.004   0.478   1.00 29.35  ? 110 PHE A N   1 
ATOM   831  C  CA  . PHE A 1 110 ? 4.635   7.634   -0.204  1.00 30.04  ? 110 PHE A CA  1 
ATOM   832  C  C   . PHE A 1 110 ? 4.888   9.117   0.000   1.00 31.57  ? 110 PHE A C   1 
ATOM   833  O  O   . PHE A 1 110 ? 4.952   9.578   1.137   1.00 30.20  ? 110 PHE A O   1 
ATOM   834  C  CB  . PHE A 1 110 ? 3.310   7.246   0.450   1.00 23.52  ? 110 PHE A CB  1 
ATOM   835  C  CG  . PHE A 1 110 ? 2.114   7.482   -0.425  1.00 22.17  ? 110 PHE A CG  1 
ATOM   836  C  CD1 . PHE A 1 110 ? 2.185   8.367   -1.495  1.00 20.74  ? 110 PHE A CD1 1 
ATOM   837  C  CD2 . PHE A 1 110 ? 0.913   6.819   -0.190  1.00 21.00  ? 110 PHE A CD2 1 
ATOM   838  C  CE1 . PHE A 1 110 ? 1.085   8.589   -2.319  1.00 20.67  ? 110 PHE A CE1 1 
ATOM   839  C  CE2 . PHE A 1 110 ? -0.200  7.036   -1.011  1.00 19.49  ? 110 PHE A CE2 1 
ATOM   840  C  CZ  . PHE A 1 110 ? -0.113  7.919   -2.075  1.00 18.03  ? 110 PHE A CZ  1 
ATOM   841  N  N   . ALA A 1 111 ? 5.039   9.871   -1.078  1.00 25.14  ? 111 ALA A N   1 
ATOM   842  C  CA  . ALA A 1 111 ? 5.312   11.287  -0.899  1.00 25.37  ? 111 ALA A CA  1 
ATOM   843  C  C   . ALA A 1 111 ? 4.788   12.232  -1.964  1.00 27.01  ? 111 ALA A C   1 
ATOM   844  O  O   . ALA A 1 111 ? 4.623   11.863  -3.127  1.00 27.76  ? 111 ALA A O   1 
ATOM   845  C  CB  . ALA A 1 111 ? 6.804   11.500  -0.743  1.00 8.30   ? 111 ALA A CB  1 
ATOM   846  N  N   . PRO A 1 112 ? 4.508   13.479  -1.558  1.00 21.38  ? 112 PRO A N   1 
ATOM   847  C  CA  . PRO A 1 112 ? 4.007   14.520  -2.453  1.00 22.70  ? 112 PRO A CA  1 
ATOM   848  C  C   . PRO A 1 112 ? 5.222   15.039  -3.204  1.00 22.86  ? 112 PRO A C   1 
ATOM   849  O  O   . PRO A 1 112 ? 6.291   15.199  -2.614  1.00 20.20  ? 112 PRO A O   1 
ATOM   850  C  CB  . PRO A 1 112 ? 3.466   15.584  -1.496  1.00 19.39  ? 112 PRO A CB  1 
ATOM   851  C  CG  . PRO A 1 112 ? 3.237   14.849  -0.220  1.00 18.69  ? 112 PRO A CG  1 
ATOM   852  C  CD  . PRO A 1 112 ? 4.407   13.912  -0.158  1.00 18.65  ? 112 PRO A CD  1 
ATOM   853  N  N   . THR A 1 113 ? 5.075   15.292  -4.497  1.00 26.45  ? 113 THR A N   1 
ATOM   854  C  CA  . THR A 1 113 ? 6.189   15.821  -5.262  1.00 27.63  ? 113 THR A CA  1 
ATOM   855  C  C   . THR A 1 113 ? 6.371   17.299  -4.894  1.00 27.96  ? 113 THR A C   1 
ATOM   856  O  O   . THR A 1 113 ? 7.414   17.886  -5.146  1.00 28.66  ? 113 THR A O   1 
ATOM   857  C  CB  . THR A 1 113 ? 5.946   15.673  -6.791  1.00 18.42  ? 113 THR A CB  1 
ATOM   858  O  OG1 . THR A 1 113 ? 4.725   16.330  -7.157  1.00 15.36  ? 113 THR A OG1 1 
ATOM   859  C  CG2 . THR A 1 113 ? 5.861   14.205  -7.175  1.00 20.29  ? 113 THR A CG2 1 
ATOM   860  N  N   . LYS A 1 114 ? 5.348   17.885  -4.282  1.00 28.57  ? 114 LYS A N   1 
ATOM   861  C  CA  . LYS A 1 114 ? 5.377   19.291  -3.879  1.00 29.56  ? 114 LYS A CA  1 
ATOM   862  C  C   . LYS A 1 114 ? 4.815   19.446  -2.478  1.00 30.26  ? 114 LYS A C   1 
ATOM   863  O  O   . LYS A 1 114 ? 3.719   19.968  -2.308  1.00 29.86  ? 114 LYS A O   1 
ATOM   864  C  CB  . LYS A 1 114 ? 4.532   20.137  -4.826  1.00 81.07  ? 114 LYS A CB  1 
ATOM   865  C  CG  . LYS A 1 114 ? 5.032   20.214  -6.250  1.00 63.37  ? 114 LYS A CG  1 
ATOM   866  C  CD  . LYS A 1 114 ? 3.959   20.856  -7.110  1.00 63.37  ? 114 LYS A CD  1 
ATOM   867  C  CE  . LYS A 1 114 ? 4.522   21.506  -8.357  1.00 63.37  ? 114 LYS A CE  1 
ATOM   868  N  NZ  . LYS A 1 114 ? 3.620   22.618  -8.795  1.00 63.37  ? 114 LYS A NZ  1 
ATOM   869  N  N   . PRO A 1 115 ? 5.557   18.996  -1.453  1.00 33.99  ? 115 PRO A N   1 
ATOM   870  C  CA  . PRO A 1 115 ? 5.096   19.101  -0.066  1.00 34.62  ? 115 PRO A CA  1 
ATOM   871  C  C   . PRO A 1 115 ? 4.802   20.553  0.303   1.00 35.31  ? 115 PRO A C   1 
ATOM   872  O  O   . PRO A 1 115 ? 5.547   21.455  -0.071  1.00 36.33  ? 115 PRO A O   1 
ATOM   873  C  CB  . PRO A 1 115 ? 6.256   18.506  0.728   1.00 28.28  ? 115 PRO A CB  1 
ATOM   874  C  CG  . PRO A 1 115 ? 7.444   18.831  -0.116  1.00 27.78  ? 115 PRO A CG  1 
ATOM   875  C  CD  . PRO A 1 115 ? 6.955   18.535  -1.510  1.00 28.81  ? 115 PRO A CD  1 
ATOM   876  N  N   . SER A 1 116 ? 3.713   20.781  1.026   1.00 52.88  ? 116 SER A N   1 
ATOM   877  C  CA  . SER A 1 116 ? 3.344   22.137  1.406   1.00 53.66  ? 116 SER A CA  1 
ATOM   878  C  C   . SER A 1 116 ? 3.130   22.296  2.900   1.00 54.97  ? 116 SER A C   1 
ATOM   879  O  O   . SER A 1 116 ? 2.336   23.127  3.332   1.00 54.60  ? 116 SER A O   1 
ATOM   880  C  CB  . SER A 1 116 ? 2.079   22.574  0.660   1.00 39.09  ? 116 SER A CB  1 
ATOM   881  O  OG  . SER A 1 116 ? 0.971   21.752  0.990   1.00 39.77  ? 116 SER A OG  1 
ATOM   882  N  N   . GLY A 1 117 ? 3.834   21.499  3.690   1.00 41.48  ? 117 GLY A N   1 
ATOM   883  C  CA  . GLY A 1 117 ? 3.687   21.616  5.127   1.00 43.38  ? 117 GLY A CA  1 
ATOM   884  C  C   . GLY A 1 117 ? 2.423   20.975  5.657   1.00 43.49  ? 117 GLY A C   1 
ATOM   885  O  O   . GLY A 1 117 ? 1.667   20.365  4.901   1.00 45.09  ? 117 GLY A O   1 
ATOM   886  N  N   . GLY A 1 118 ? 2.189   21.126  6.957   1.00 31.95  ? 118 GLY A N   1 
ATOM   887  C  CA  . GLY A 1 118 ? 1.021   20.529  7.576   1.00 30.16  ? 118 GLY A CA  1 
ATOM   888  C  C   . GLY A 1 118 ? 1.190   19.023  7.533   1.00 30.16  ? 118 GLY A C   1 
ATOM   889  O  O   . GLY A 1 118 ? 2.261   18.502  7.870   1.00 32.13  ? 118 GLY A O   1 
ATOM   890  N  N   . LYS A 1 119 ? 0.145   18.312  7.125   1.00 45.26  ? 119 LYS A N   1 
ATOM   891  C  CA  . LYS A 1 119 ? 0.247   16.867  7.020   1.00 42.49  ? 119 LYS A CA  1 
ATOM   892  C  C   . LYS A 1 119 ? 0.529   16.473  5.569   1.00 40.77  ? 119 LYS A C   1 
ATOM   893  O  O   . LYS A 1 119 ? 0.364   15.320  5.189   1.00 40.19  ? 119 LYS A O   1 
ATOM   894  C  CB  . LYS A 1 119 ? -1.026  16.183  7.531   1.00 59.52  ? 119 LYS A CB  1 
ATOM   895  C  CG  . LYS A 1 119 ? -1.261  16.366  9.026   1.00 60.17  ? 119 LYS A CG  1 
ATOM   896  C  CD  . LYS A 1 119 ? -1.852  15.112  9.683   1.00 62.42  ? 119 LYS A CD  1 
ATOM   897  C  CE  . LYS A 1 119 ? -0.767  14.204  10.273  1.00 62.05  ? 119 LYS A CE  1 
ATOM   898  N  NZ  . LYS A 1 119 ? -1.309  12.909  10.799  1.00 64.15  ? 119 LYS A NZ  1 
ATOM   899  N  N   . CYS A 1 120 ? 0.953   17.444  4.764   1.00 22.89  ? 120 CYS A N   1 
ATOM   900  C  CA  . CYS A 1 120 ? 1.288   17.179  3.367   1.00 20.53  ? 120 CYS A CA  1 
ATOM   901  C  C   . CYS A 1 120 ? 2.809   17.048  3.230   1.00 20.26  ? 120 CYS A C   1 
ATOM   902  O  O   . CYS A 1 120 ? 3.496   17.987  2.826   1.00 20.90  ? 120 CYS A O   1 
ATOM   903  C  CB  . CYS A 1 120 ? 0.772   18.303  2.460   1.00 26.92  ? 120 CYS A CB  1 
ATOM   904  S  SG  . CYS A 1 120 ? 1.104   18.013  0.692   1.00 25.64  ? 120 CYS A SG  1 
ATOM   905  N  N   . HIS A 1 121 ? 3.324   15.871  3.581   1.00 27.26  ? 121 HIS A N   1 
ATOM   906  C  CA  . HIS A 1 121 ? 4.757   15.592  3.524   1.00 27.57  ? 121 HIS A CA  1 
ATOM   907  C  C   . HIS A 1 121 ? 4.986   14.097  3.371   1.00 27.80  ? 121 HIS A C   1 
ATOM   908  O  O   . HIS A 1 121 ? 4.100   13.294  3.648   1.00 26.57  ? 121 HIS A O   1 
ATOM   909  C  CB  . HIS A 1 121 ? 5.445   16.081  4.800   1.00 30.00  ? 121 HIS A CB  1 
ATOM   910  C  CG  . HIS A 1 121 ? 4.929   15.435  6.049   1.00 31.32  ? 121 HIS A CG  1 
ATOM   911  N  ND1 . HIS A 1 121 ? 5.142   14.107  6.344   1.00 31.59  ? 121 HIS A ND1 1 
ATOM   912  C  CD2 . HIS A 1 121 ? 4.185   15.930  7.065   1.00 32.92  ? 121 HIS A CD2 1 
ATOM   913  C  CE1 . HIS A 1 121 ? 4.550   13.810  7.487   1.00 32.94  ? 121 HIS A CE1 1 
ATOM   914  N  NE2 . HIS A 1 121 ? 3.961   14.899  7.946   1.00 32.30  ? 121 HIS A NE2 1 
ATOM   915  N  N   . ALA A 1 122 ? 6.185   13.727  2.947   1.00 25.87  ? 122 ALA A N   1 
ATOM   916  C  CA  . ALA A 1 122 ? 6.518   12.326  2.748   1.00 25.07  ? 122 ALA A CA  1 
ATOM   917  C  C   . ALA A 1 122 ? 6.360   11.495  4.016   1.00 25.30  ? 122 ALA A C   1 
ATOM   918  O  O   . ALA A 1 122 ? 6.583   11.980  5.126   1.00 25.53  ? 122 ALA A O   1 
ATOM   919  C  CB  . ALA A 1 122 ? 7.949   12.199  2.214   1.00 3.97   ? 122 ALA A CB  1 
ATOM   920  N  N   . ILE A 1 123 ? 5.958   10.241  3.833   1.00 20.40  ? 123 ILE A N   1 
ATOM   921  C  CA  . ILE A 1 123 ? 5.792   9.309   4.939   1.00 21.20  ? 123 ILE A CA  1 
ATOM   922  C  C   . ILE A 1 123 ? 6.464   8.005   4.534   1.00 20.89  ? 123 ILE A C   1 
ATOM   923  O  O   . ILE A 1 123 ? 6.517   7.673   3.346   1.00 20.21  ? 123 ILE A O   1 
ATOM   924  C  CB  . ILE A 1 123 ? 4.313   9.034   5.253   1.00 24.01  ? 123 ILE A CB  1 
ATOM   925  C  CG1 . ILE A 1 123 ? 3.596   8.504   4.009   1.00 24.05  ? 123 ILE A CG1 1 
ATOM   926  C  CG2 . ILE A 1 123 ? 3.658   10.297  5.784   1.00 23.97  ? 123 ILE A CG2 1 
ATOM   927  C  CD1 . ILE A 1 123 ? 2.156   8.116   4.262   1.00 22.38  ? 123 ILE A CD1 1 
ATOM   928  N  N   . HIS A 1 124 ? 6.973   7.268   5.513   1.00 31.05  ? 124 HIS A N   1 
ATOM   929  C  CA  . HIS A 1 124 ? 7.666   6.029   5.219   1.00 30.89  ? 124 HIS A CA  1 
ATOM   930  C  C   . HIS A 1 124 ? 7.286   4.827   6.064   1.00 28.90  ? 124 HIS A C   1 
ATOM   931  O  O   . HIS A 1 124 ? 6.668   4.911   7.116   1.00 28.28  ? 124 HIS A O   1 
ATOM   932  C  CB  . HIS A 1 124 ? 9.175   6.221   5.359   1.00 19.29  ? 124 HIS A CB  1 
ATOM   933  C  CG  . HIS A 1 124 ? 9.694   7.459   4.697   1.00 20.54  ? 124 HIS A CG  1 
ATOM   934  N  ND1 . HIS A 1 124 ? 9.757   8.675   5.344   1.00 22.90  ? 124 HIS A ND1 1 
ATOM   935  C  CD2 . HIS A 1 124 ? 10.187  7.666   3.455   1.00 21.93  ? 124 HIS A CD2 1 
ATOM   936  C  CE1 . HIS A 1 124 ? 10.275  9.576   4.528   1.00 22.98  ? 124 HIS A CE1 1 
ATOM   937  N  NE2 . HIS A 1 124 ? 10.545  8.991   3.376   1.00 23.76  ? 124 HIS A NE2 1 
ATOM   938  N  N   . CYS A 1 125 ? 7.696   3.679   5.564   1.00 19.68  ? 125 CYS A N   1 
ATOM   939  C  CA  . CYS A 1 125 ? 7.488   2.417   6.242   1.00 18.83  ? 125 CYS A CA  1 
ATOM   940  C  C   . CYS A 1 125 ? 8.578   1.512   5.726   1.00 18.79  ? 125 CYS A C   1 
ATOM   941  O  O   . CYS A 1 125 ? 8.338   0.693   4.837   1.00 20.35  ? 125 CYS A O   1 
ATOM   942  C  CB  . CYS A 1 125 ? 6.094   1.840   5.960   1.00 27.42  ? 125 CYS A CB  1 
ATOM   943  S  SG  . CYS A 1 125 ? 5.787   0.281   6.866   1.00 27.09  ? 125 CYS A SG  1 
ATOM   944  N  N   . THR A 1 126 ? 9.781   1.696   6.278   1.00 28.57  ? 126 THR A N   1 
ATOM   945  C  CA  . THR A 1 126 ? 10.965  0.937   5.862   1.00 28.29  ? 126 THR A CA  1 
ATOM   946  C  C   . THR A 1 126 ? 11.536  -0.048  6.889   1.00 28.35  ? 126 THR A C   1 
ATOM   947  O  O   . THR A 1 126 ? 12.608  -0.646  6.674   1.00 26.58  ? 126 THR A O   1 
ATOM   948  C  CB  . THR A 1 126 ? 12.124  1.872   5.444   1.00 32.17  ? 126 THR A CB  1 
ATOM   949  O  OG1 . THR A 1 126 ? 12.458  2.763   6.522   1.00 34.38  ? 126 THR A OG1 1 
ATOM   950  C  CG2 . THR A 1 126 ? 11.706  2.704   4.238   1.00 32.82  ? 126 THR A CG2 1 
ATOM   951  N  N   . ALA A 1 127 ? 10.820  -0.237  7.996   1.00 37.14  ? 127 ALA A N   1 
ATOM   952  C  CA  . ALA A 1 127 ? 11.272  -1.157  9.047   1.00 36.68  ? 127 ALA A CA  1 
ATOM   953  C  C   . ALA A 1 127 ? 11.395  -2.568  8.494   1.00 37.39  ? 127 ALA A C   1 
ATOM   954  O  O   . ALA A 1 127 ? 10.796  -2.899  7.480   1.00 37.64  ? 127 ALA A O   1 
ATOM   955  C  CB  . ALA A 1 127 ? 10.301  -1.135  10.232  1.00 34.29  ? 127 ALA A CB  1 
ATOM   956  N  N   . ASN A 1 128 ? 12.206  -3.393  9.139   1.00 34.41  ? 128 ASN A N   1 
ATOM   957  C  CA  . ASN A 1 128 ? 12.398  -4.775  8.683   1.00 33.15  ? 128 ASN A CA  1 
ATOM   958  C  C   . ASN A 1 128 ? 11.260  -5.667  9.195   1.00 32.67  ? 128 ASN A C   1 
ATOM   959  O  O   . ASN A 1 128 ? 11.471  -6.579  10.004  1.00 32.67  ? 128 ASN A O   1 
ATOM   960  C  CB  . ASN A 1 128 ? 13.737  -5.327  9.187   1.00 46.66  ? 128 ASN A CB  1 
ATOM   961  C  CG  . ASN A 1 128 ? 14.059  -6.694  8.611   1.00 47.29  ? 128 ASN A CG  1 
ATOM   962  O  OD1 . ASN A 1 128 ? 14.990  -7.364  9.063   1.00 50.74  ? 128 ASN A OD1 1 
ATOM   963  N  ND2 . ASN A 1 128 ? 13.295  -7.114  7.605   1.00 47.45  ? 128 ASN A ND2 1 
ATOM   964  N  N   . ILE A 1 129 ? 10.052  -5.401  8.713   1.00 31.09  ? 129 ILE A N   1 
ATOM   965  C  CA  . ILE A 1 129 ? 8.875   -6.140  9.139   1.00 30.33  ? 129 ILE A CA  1 
ATOM   966  C  C   . ILE A 1 129 ? 8.885   -7.623  8.794   1.00 29.83  ? 129 ILE A C   1 
ATOM   967  O  O   . ILE A 1 129 ? 8.482   -8.447  9.612   1.00 29.12  ? 129 ILE A O   1 
ATOM   968  C  CB  . ILE A 1 129 ? 7.609   -5.445  8.605   1.00 20.97  ? 129 ILE A CB  1 
ATOM   969  C  CG1 . ILE A 1 129 ? 7.403   -4.155  9.410   1.00 20.04  ? 129 ILE A CG1 1 
ATOM   970  C  CG2 . ILE A 1 129 ? 6.393   -6.373  8.687   1.00 17.86  ? 129 ILE A CG2 1 
ATOM   971  C  CD1 . ILE A 1 129 ? 6.273   -3.275  8.949   1.00 20.75  ? 129 ILE A CD1 1 
ATOM   972  N  N   . ASN A 1 130 ? 9.352   -7.983  7.607   1.00 27.07  ? 130 ASN A N   1 
ATOM   973  C  CA  . ASN A 1 130 ? 9.390   -9.398  7.250   1.00 27.67  ? 130 ASN A CA  1 
ATOM   974  C  C   . ASN A 1 130 ? 10.358  -10.152 8.145   1.00 27.21  ? 130 ASN A C   1 
ATOM   975  O  O   . ASN A 1 130 ? 10.153  -11.327 8.450   1.00 26.99  ? 130 ASN A O   1 
ATOM   976  C  CB  . ASN A 1 130 ? 9.811   -9.591  5.793   1.00 35.85  ? 130 ASN A CB  1 
ATOM   977  C  CG  . ASN A 1 130 ? 8.754   -9.131  4.821   1.00 38.27  ? 130 ASN A CG  1 
ATOM   978  O  OD1 . ASN A 1 130 ? 7.559   -9.206  5.110   1.00 39.20  ? 130 ASN A OD1 1 
ATOM   979  N  ND2 . ASN A 1 130 ? 9.181   -8.665  3.653   1.00 37.69  ? 130 ASN A ND2 1 
ATOM   980  N  N   . GLY A 1 131 ? 11.409  -9.464  8.575   1.00 24.91  ? 131 GLY A N   1 
ATOM   981  C  CA  . GLY A 1 131 ? 12.407  -10.095 9.414   1.00 25.00  ? 131 GLY A CA  1 
ATOM   982  C  C   . GLY A 1 131 ? 12.022  -10.300 10.865  1.00 25.55  ? 131 GLY A C   1 
ATOM   983  O  O   . GLY A 1 131 ? 12.436  -11.277 11.480  1.00 24.24  ? 131 GLY A O   1 
ATOM   984  N  N   . GLU A 1 132 ? 11.222  -9.396  11.420  1.00 28.52  ? 132 GLU A N   1 
ATOM   985  C  CA  . GLU A 1 132 ? 10.835  -9.509  12.822  1.00 31.15  ? 132 GLU A CA  1 
ATOM   986  C  C   . GLU A 1 132 ? 9.390   -9.946  12.984  1.00 32.01  ? 132 GLU A C   1 
ATOM   987  O  O   . GLU A 1 132 ? 8.848   -9.951  14.082  1.00 31.38  ? 132 GLU A O   1 
ATOM   988  C  CB  . GLU A 1 132 ? 11.064  -8.166  13.505  1.00 49.95  ? 132 GLU A CB  1 
ATOM   989  C  CG  . GLU A 1 132 ? 12.400  -7.558  13.135  1.00 52.60  ? 132 GLU A CG  1 
ATOM   990  C  CD  . GLU A 1 132 ? 12.662  -6.245  13.826  1.00 53.52  ? 132 GLU A CD  1 
ATOM   991  O  OE1 . GLU A 1 132 ? 11.791  -5.354  13.760  1.00 53.53  ? 132 GLU A OE1 1 
ATOM   992  O  OE2 . GLU A 1 132 ? 13.746  -6.104  14.428  1.00 55.97  ? 132 GLU A OE2 1 
ATOM   993  N  N   . CYS A 1 133 ? 8.776   -10.330 11.876  1.00 25.71  ? 133 CYS A N   1 
ATOM   994  C  CA  . CYS A 1 133 ? 7.389   -10.758 11.862  1.00 23.85  ? 133 CYS A CA  1 
ATOM   995  C  C   . CYS A 1 133 ? 7.064   -11.923 12.800  1.00 23.72  ? 133 CYS A C   1 
ATOM   996  O  O   . CYS A 1 133 ? 7.694   -12.979 12.740  1.00 23.80  ? 133 CYS A O   1 
ATOM   997  C  CB  . CYS A 1 133 ? 7.008   -11.152 10.442  1.00 20.34  ? 133 CYS A CB  1 
ATOM   998  S  SG  . CYS A 1 133 ? 5.251   -11.559 10.221  1.00 21.49  ? 133 CYS A SG  1 
ATOM   999  N  N   . PRO A 1 134 ? 6.065   -11.746 13.677  1.00 30.39  ? 134 PRO A N   1 
ATOM   1000 C  CA  . PRO A 1 134 ? 5.683   -12.817 14.604  1.00 30.95  ? 134 PRO A CA  1 
ATOM   1001 C  C   . PRO A 1 134 ? 5.460   -14.108 13.811  1.00 30.74  ? 134 PRO A C   1 
ATOM   1002 O  O   . PRO A 1 134 ? 4.923   -14.076 12.701  1.00 30.42  ? 134 PRO A O   1 
ATOM   1003 C  CB  . PRO A 1 134 ? 4.406   -12.277 15.226  1.00 28.44  ? 134 PRO A CB  1 
ATOM   1004 C  CG  . PRO A 1 134 ? 4.682   -10.797 15.283  1.00 28.54  ? 134 PRO A CG  1 
ATOM   1005 C  CD  . PRO A 1 134 ? 5.269   -10.530 13.915  1.00 28.74  ? 134 PRO A CD  1 
ATOM   1006 N  N   . ARG A 1 135 ? 5.862   -15.245 14.370  1.00 27.83  ? 135 ARG A N   1 
ATOM   1007 C  CA  . ARG A 1 135 ? 5.726   -16.509 13.651  1.00 28.44  ? 135 ARG A CA  1 
ATOM   1008 C  C   . ARG A 1 135 ? 4.302   -16.858 13.219  1.00 28.51  ? 135 ARG A C   1 
ATOM   1009 O  O   . ARG A 1 135 ? 4.100   -17.503 12.190  1.00 29.47  ? 135 ARG A O   1 
ATOM   1010 C  CB  . ARG A 1 135 ? 6.326   -17.645 14.482  1.00 55.90  ? 135 ARG A CB  1 
ATOM   1011 C  CG  . ARG A 1 135 ? 7.710   -17.315 15.020  1.00 56.31  ? 135 ARG A CG  1 
ATOM   1012 C  CD  . ARG A 1 135 ? 8.576   -18.552 15.153  1.00 59.16  ? 135 ARG A CD  1 
ATOM   1013 N  NE  . ARG A 1 135 ? 8.871   -19.134 13.848  1.00 57.26  ? 135 ARG A NE  1 
ATOM   1014 C  CZ  . ARG A 1 135 ? 9.659   -20.188 13.659  1.00 58.86  ? 135 ARG A CZ  1 
ATOM   1015 N  NH1 . ARG A 1 135 ? 10.236  -20.782 14.696  1.00 57.37  ? 135 ARG A NH1 1 
ATOM   1016 N  NH2 . ARG A 1 135 ? 9.874   -20.641 12.430  1.00 59.20  ? 135 ARG A NH2 1 
ATOM   1017 N  N   . ALA A 1 136 ? 3.317   -16.413 13.987  1.00 36.90  ? 136 ALA A N   1 
ATOM   1018 C  CA  . ALA A 1 136 ? 1.919   -16.702 13.671  1.00 37.29  ? 136 ALA A CA  1 
ATOM   1019 C  C   . ALA A 1 136 ? 1.398   -15.939 12.453  1.00 37.81  ? 136 ALA A C   1 
ATOM   1020 O  O   . ALA A 1 136 ? 0.431   -16.356 11.812  1.00 38.06  ? 136 ALA A O   1 
ATOM   1021 C  CB  . ALA A 1 136 ? 1.031   -16.394 14.894  1.00 23.64  ? 136 ALA A CB  1 
ATOM   1022 N  N   . LEU A 1 137 ? 2.046   -14.825 12.133  1.00 31.37  ? 137 LEU A N   1 
ATOM   1023 C  CA  . LEU A 1 137 ? 1.618   -13.985 11.024  1.00 31.31  ? 137 LEU A CA  1 
ATOM   1024 C  C   . LEU A 1 137 ? 2.516   -14.085 9.803   1.00 32.53  ? 137 LEU A C   1 
ATOM   1025 O  O   . LEU A 1 137 ? 2.164   -13.607 8.730   1.00 32.83  ? 137 LEU A O   1 
ATOM   1026 C  CB  . LEU A 1 137 ? 1.571   -12.532 11.493  1.00 22.42  ? 137 LEU A CB  1 
ATOM   1027 C  CG  . LEU A 1 137 ? 0.736   -12.261 12.747  1.00 22.01  ? 137 LEU A CG  1 
ATOM   1028 C  CD1 . LEU A 1 137 ? 0.933   -10.822 13.213  1.00 20.42  ? 137 LEU A CD1 1 
ATOM   1029 C  CD2 . LEU A 1 137 ? -0.721  -12.535 12.437  1.00 19.16  ? 137 LEU A CD2 1 
ATOM   1030 N  N   . LYS A 1 138 ? 3.669   -14.718 9.967   1.00 28.06  ? 138 LYS A N   1 
ATOM   1031 C  CA  . LYS A 1 138 ? 4.634   -14.827 8.883   1.00 31.10  ? 138 LYS A CA  1 
ATOM   1032 C  C   . LYS A 1 138 ? 4.258   -15.755 7.738   1.00 31.16  ? 138 LYS A C   1 
ATOM   1033 O  O   . LYS A 1 138 ? 3.813   -16.880 7.949   1.00 30.94  ? 138 LYS A O   1 
ATOM   1034 C  CB  . LYS A 1 138 ? 6.001   -15.230 9.446   1.00 53.72  ? 138 LYS A CB  1 
ATOM   1035 C  CG  . LYS A 1 138 ? 7.068   -15.395 8.388   1.00 43.26  ? 138 LYS A CG  1 
ATOM   1036 C  CD  . LYS A 1 138 ? 8.358   -14.691 8.770   1.00 43.26  ? 138 LYS A CD  1 
ATOM   1037 C  CE  . LYS A 1 138 ? 9.045   -15.343 9.960   1.00 43.26  ? 138 LYS A CE  1 
ATOM   1038 N  NZ  . LYS A 1 138 ? 10.223  -14.543 10.417  1.00 43.26  ? 138 LYS A NZ  1 
ATOM   1039 N  N   . VAL A 1 139 ? 4.428   -15.255 6.519   1.00 33.30  ? 139 VAL A N   1 
ATOM   1040 C  CA  . VAL A 1 139 ? 4.159   -16.029 5.315   1.00 31.93  ? 139 VAL A CA  1 
ATOM   1041 C  C   . VAL A 1 139 ? 5.282   -15.756 4.323   1.00 31.45  ? 139 VAL A C   1 
ATOM   1042 O  O   . VAL A 1 139 ? 6.068   -14.819 4.497   1.00 29.77  ? 139 VAL A O   1 
ATOM   1043 C  CB  . VAL A 1 139 ? 2.793   -15.673 4.674   1.00 22.96  ? 139 VAL A CB  1 
ATOM   1044 C  CG1 . VAL A 1 139 ? 1.667   -16.069 5.618   1.00 22.84  ? 139 VAL A CG1 1 
ATOM   1045 C  CG2 . VAL A 1 139 ? 2.732   -14.196 4.338   1.00 24.58  ? 139 VAL A CG2 1 
ATOM   1046 N  N   . PRO A 1 140 ? 5.382   -16.575 3.272   1.00 40.89  ? 140 PRO A N   1 
ATOM   1047 C  CA  . PRO A 1 140 ? 6.441   -16.375 2.282   1.00 39.94  ? 140 PRO A CA  1 
ATOM   1048 C  C   . PRO A 1 140 ? 6.354   -15.016 1.604   1.00 39.94  ? 140 PRO A C   1 
ATOM   1049 O  O   . PRO A 1 140 ? 5.354   -14.702 0.955   1.00 38.58  ? 140 PRO A O   1 
ATOM   1050 C  CB  . PRO A 1 140 ? 6.220   -17.526 1.298   1.00 23.26  ? 140 PRO A CB  1 
ATOM   1051 C  CG  . PRO A 1 140 ? 5.562   -18.570 2.133   1.00 24.37  ? 140 PRO A CG  1 
ATOM   1052 C  CD  . PRO A 1 140 ? 4.582   -17.763 2.943   1.00 24.02  ? 140 PRO A CD  1 
ATOM   1053 N  N   . GLY A 1 141 ? 7.405   -14.216 1.772   1.00 31.18  ? 141 GLY A N   1 
ATOM   1054 C  CA  . GLY A 1 141 ? 7.465   -12.904 1.159   1.00 30.25  ? 141 GLY A CA  1 
ATOM   1055 C  C   . GLY A 1 141 ? 6.761   -11.772 1.886   1.00 29.21  ? 141 GLY A C   1 
ATOM   1056 O  O   . GLY A 1 141 ? 6.846   -10.617 1.456   1.00 28.04  ? 141 GLY A O   1 
ATOM   1057 N  N   . GLY A 1 142 ? 6.068   -12.076 2.977   1.00 24.87  ? 142 GLY A N   1 
ATOM   1058 C  CA  . GLY A 1 142 ? 5.374   -11.018 3.686   1.00 24.34  ? 142 GLY A CA  1 
ATOM   1059 C  C   . GLY A 1 142 ? 5.030   -11.307 5.131   1.00 25.49  ? 142 GLY A C   1 
ATOM   1060 O  O   . GLY A 1 142 ? 5.439   -12.319 5.693   1.00 24.66  ? 142 GLY A O   1 
ATOM   1061 N  N   . CYS A 1 143 ? 4.264   -10.401 5.727   1.00 24.05  ? 143 CYS A N   1 
ATOM   1062 C  CA  . CYS A 1 143 ? 3.846   -10.516 7.118   1.00 23.54  ? 143 CYS A CA  1 
ATOM   1063 C  C   . CYS A 1 143 ? 2.394   -10.075 7.181   1.00 22.65  ? 143 CYS A C   1 
ATOM   1064 O  O   . CYS A 1 143 ? 2.084   -8.901  6.967   1.00 21.30  ? 143 CYS A O   1 
ATOM   1065 C  CB  . CYS A 1 143 ? 4.709   -9.605  7.983   1.00 20.39  ? 143 CYS A CB  1 
ATOM   1066 S  SG  . CYS A 1 143 ? 4.449   -9.744  9.773   1.00 20.49  ? 143 CYS A SG  1 
ATOM   1067 N  N   . ASN A 1 144 ? 1.503   -11.016 7.463   1.00 25.65  ? 144 ASN A N   1 
ATOM   1068 C  CA  . ASN A 1 144 ? 0.085   -10.701 7.517   1.00 25.56  ? 144 ASN A CA  1 
ATOM   1069 C  C   . ASN A 1 144 ? -0.335  -9.931  8.747   1.00 24.63  ? 144 ASN A C   1 
ATOM   1070 O  O   . ASN A 1 144 ? 0.339   -9.964  9.778   1.00 22.72  ? 144 ASN A O   1 
ATOM   1071 C  CB  . ASN A 1 144 ? -0.749  -11.979 7.414   1.00 25.57  ? 144 ASN A CB  1 
ATOM   1072 C  CG  . ASN A 1 144 ? -1.000  -12.389 5.983   1.00 25.15  ? 144 ASN A CG  1 
ATOM   1073 O  OD1 . ASN A 1 144 ? -0.939  -13.566 5.643   1.00 24.62  ? 144 ASN A OD1 1 
ATOM   1074 N  ND2 . ASN A 1 144 ? -1.296  -11.419 5.135   1.00 23.85  ? 144 ASN A ND2 1 
ATOM   1075 N  N   . ASN A 1 145 ? -1.451  -9.222  8.611   1.00 25.95  ? 145 ASN A N   1 
ATOM   1076 C  CA  . ASN A 1 145 ? -2.023  -8.455  9.706   1.00 24.79  ? 145 ASN A CA  1 
ATOM   1077 C  C   . ASN A 1 145 ? -2.961  -9.412  10.448  1.00 25.99  ? 145 ASN A C   1 
ATOM   1078 O  O   . ASN A 1 145 ? -3.642  -10.232 9.825   1.00 25.78  ? 145 ASN A O   1 
ATOM   1079 C  CB  . ASN A 1 145 ? -2.813  -7.255  9.162   1.00 28.68  ? 145 ASN A CB  1 
ATOM   1080 C  CG  . ASN A 1 145 ? -3.606  -6.526  10.250  1.00 29.11  ? 145 ASN A CG  1 
ATOM   1081 O  OD1 . ASN A 1 145 ? -4.525  -7.088  10.845  1.00 25.10  ? 145 ASN A OD1 1 
ATOM   1082 N  ND2 . ASN A 1 145 ? -3.247  -5.274  10.514  1.00 25.19  ? 145 ASN A ND2 1 
ATOM   1083 N  N   . PRO A 1 146 ? -2.999  -9.329  11.788  1.00 26.86  ? 146 PRO A N   1 
ATOM   1084 C  CA  . PRO A 1 146 ? -3.856  -10.183 12.619  1.00 27.33  ? 146 PRO A CA  1 
ATOM   1085 C  C   . PRO A 1 146 ? -5.292  -10.371 12.105  1.00 28.92  ? 146 PRO A C   1 
ATOM   1086 O  O   . PRO A 1 146 ? -5.865  -11.449 12.257  1.00 31.29  ? 146 PRO A O   1 
ATOM   1087 C  CB  . PRO A 1 146 ? -3.804  -9.504  13.988  1.00 24.37  ? 146 PRO A CB  1 
ATOM   1088 C  CG  . PRO A 1 146 ? -3.365  -8.086  13.681  1.00 24.31  ? 146 PRO A CG  1 
ATOM   1089 C  CD  . PRO A 1 146 ? -2.343  -8.300  12.609  1.00 23.60  ? 146 PRO A CD  1 
ATOM   1090 N  N   . CYS A 1 147 ? -5.878  -9.335  11.500  1.00 28.43  ? 147 CYS A N   1 
ATOM   1091 C  CA  . CYS A 1 147 ? -7.238  -9.465  10.973  1.00 28.61  ? 147 CYS A CA  1 
ATOM   1092 C  C   . CYS A 1 147 ? -7.317  -10.522 9.865   1.00 29.45  ? 147 CYS A C   1 
ATOM   1093 O  O   . CYS A 1 147 ? -8.291  -11.258 9.776   1.00 29.23  ? 147 CYS A O   1 
ATOM   1094 C  CB  . CYS A 1 147 ? -7.771  -8.126  10.447  1.00 33.80  ? 147 CYS A CB  1 
ATOM   1095 S  SG  . CYS A 1 147 ? -9.184  -8.376  9.320   1.00 34.65  ? 147 CYS A SG  1 
ATOM   1096 N  N   . THR A 1 148 ? -6.294  -10.596 9.024   1.00 29.99  ? 148 THR A N   1 
ATOM   1097 C  CA  . THR A 1 148 ? -6.255  -11.584 7.944   1.00 29.50  ? 148 THR A CA  1 
ATOM   1098 C  C   . THR A 1 148 ? -6.056  -12.996 8.503   1.00 30.22  ? 148 THR A C   1 
ATOM   1099 O  O   . THR A 1 148 ? -6.769  -13.933 8.147   1.00 30.19  ? 148 THR A O   1 
ATOM   1100 C  CB  . THR A 1 148 ? -5.091  -11.293 6.974   1.00 25.65  ? 148 THR A CB  1 
ATOM   1101 O  OG1 . THR A 1 148 ? -5.325  -10.049 6.306   1.00 28.13  ? 148 THR A OG1 1 
ATOM   1102 C  CG2 . THR A 1 148 ? -4.951  -12.402 5.953   1.00 26.15  ? 148 THR A CG2 1 
ATOM   1103 N  N   . THR A 1 149 ? -5.078  -13.131 9.387   1.00 35.60  ? 149 THR A N   1 
ATOM   1104 C  CA  . THR A 1 149 ? -4.746  -14.406 9.992   1.00 36.54  ? 149 THR A CA  1 
ATOM   1105 C  C   . THR A 1 149 ? -5.828  -14.977 10.912  1.00 36.75  ? 149 THR A C   1 
ATOM   1106 O  O   . THR A 1 149 ? -6.307  -16.090 10.704  1.00 36.46  ? 149 THR A O   1 
ATOM   1107 C  CB  . THR A 1 149 ? -3.428  -14.292 10.787  1.00 41.83  ? 149 THR A CB  1 
ATOM   1108 O  OG1 . THR A 1 149 ? -2.380  -13.871 9.905   1.00 37.82  ? 149 THR A OG1 1 
ATOM   1109 C  CG2 . THR A 1 149 ? -3.053  -15.633 11.410  1.00 38.41  ? 149 THR A CG2 1 
ATOM   1110 N  N   . PHE A 1 150 ? -6.212  -14.213 11.924  1.00 44.78  ? 150 PHE A N   1 
ATOM   1111 C  CA  . PHE A 1 150 ? -7.199  -14.687 12.881  1.00 46.76  ? 150 PHE A CA  1 
ATOM   1112 C  C   . PHE A 1 150 ? -8.652  -14.311 12.599  1.00 49.28  ? 150 PHE A C   1 
ATOM   1113 O  O   . PHE A 1 150 ? -9.560  -15.098 12.864  1.00 48.02  ? 150 PHE A O   1 
ATOM   1114 C  CB  . PHE A 1 150 ? -6.803  -14.211 14.277  1.00 34.67  ? 150 PHE A CB  1 
ATOM   1115 C  CG  . PHE A 1 150 ? -5.412  -14.611 14.675  1.00 35.18  ? 150 PHE A CG  1 
ATOM   1116 C  CD1 . PHE A 1 150 ? -5.045  -15.956 14.709  1.00 33.62  ? 150 PHE A CD1 1 
ATOM   1117 C  CD2 . PHE A 1 150 ? -4.464  -13.650 15.008  1.00 34.94  ? 150 PHE A CD2 1 
ATOM   1118 C  CE1 . PHE A 1 150 ? -3.748  -16.341 15.073  1.00 33.43  ? 150 PHE A CE1 1 
ATOM   1119 C  CE2 . PHE A 1 150 ? -3.167  -14.021 15.370  1.00 33.49  ? 150 PHE A CE2 1 
ATOM   1120 C  CZ  . PHE A 1 150 ? -2.810  -15.369 15.403  1.00 35.64  ? 150 PHE A CZ  1 
ATOM   1121 N  N   . GLY A 1 151 ? -8.874  -13.117 12.060  1.00 37.24  ? 151 GLY A N   1 
ATOM   1122 C  CA  . GLY A 1 151 ? -10.229 -12.676 11.786  1.00 38.40  ? 151 GLY A CA  1 
ATOM   1123 C  C   . GLY A 1 151 ? -10.912 -12.251 13.074  1.00 39.80  ? 151 GLY A C   1 
ATOM   1124 O  O   . GLY A 1 151 ? -10.292 -12.230 14.138  1.00 40.34  ? 151 GLY A O   1 
ATOM   1125 N  N   . GLY A 1 152 ? -12.190 -11.907 12.984  1.00 39.30  ? 152 GLY A N   1 
ATOM   1126 C  CA  . GLY A 1 152 ? -12.914 -11.495 14.171  1.00 37.51  ? 152 GLY A CA  1 
ATOM   1127 C  C   . GLY A 1 152 ? -12.925 -9.996  14.412  1.00 39.50  ? 152 GLY A C   1 
ATOM   1128 O  O   . GLY A 1 152 ? -12.026 -9.276  13.981  1.00 38.35  ? 152 GLY A O   1 
ATOM   1129 N  N   . GLN A 1 153 ? -13.958 -9.537  15.112  1.00 39.52  ? 153 GLN A N   1 
ATOM   1130 C  CA  . GLN A 1 153 ? -14.144 -8.129  15.442  1.00 39.66  ? 153 GLN A CA  1 
ATOM   1131 C  C   . GLN A 1 153 ? -12.890 -7.473  16.004  1.00 39.18  ? 153 GLN A C   1 
ATOM   1132 O  O   . GLN A 1 153 ? -12.513 -6.370  15.608  1.00 38.00  ? 153 GLN A O   1 
ATOM   1133 C  CB  . GLN A 1 153 ? -15.288 -7.999  16.454  1.00 51.94  ? 153 GLN A CB  1 
ATOM   1134 C  CG  . GLN A 1 153 ? -15.303 -6.697  17.238  1.00 51.41  ? 153 GLN A CG  1 
ATOM   1135 C  CD  . GLN A 1 153 ? -15.536 -5.489  16.359  1.00 49.23  ? 153 GLN A CD  1 
ATOM   1136 O  OE1 . GLN A 1 153 ? -15.629 -4.366  16.847  1.00 49.93  ? 153 GLN A OE1 1 
ATOM   1137 N  NE2 . GLN A 1 153 ? -15.631 -5.714  15.057  1.00 48.11  ? 153 GLN A NE2 1 
ATOM   1138 N  N   . GLN A 1 154 ? -12.260 -8.163  16.942  1.00 44.26  ? 154 GLN A N   1 
ATOM   1139 C  CA  . GLN A 1 154 ? -11.054 -7.687  17.605  1.00 43.22  ? 154 GLN A CA  1 
ATOM   1140 C  C   . GLN A 1 154 ? -10.010 -7.096  16.658  1.00 41.11  ? 154 GLN A C   1 
ATOM   1141 O  O   . GLN A 1 154 ? -9.446  -6.029  16.913  1.00 40.27  ? 154 GLN A O   1 
ATOM   1142 C  CB  . GLN A 1 154 ? -10.447 -8.849  18.390  1.00 70.68  ? 154 GLN A CB  1 
ATOM   1143 C  CG  . GLN A 1 154 ? -9.054  -8.620  18.921  1.00 72.51  ? 154 GLN A CG  1 
ATOM   1144 C  CD  . GLN A 1 154 ? -8.571  -9.787  19.763  1.00 74.08  ? 154 GLN A CD  1 
ATOM   1145 O  OE1 . GLN A 1 154 ? -8.686  -10.947 19.361  1.00 76.26  ? 154 GLN A OE1 1 
ATOM   1146 N  NE2 . GLN A 1 154 ? -8.023  -9.487  20.938  1.00 73.38  ? 154 GLN A NE2 1 
ATOM   1147 N  N   . TYR A 1 155 ? -9.772  -7.797  15.559  1.00 35.54  ? 155 TYR A N   1 
ATOM   1148 C  CA  . TYR A 1 155 ? -8.776  -7.401  14.578  1.00 33.06  ? 155 TYR A CA  1 
ATOM   1149 C  C   . TYR A 1 155 ? -9.306  -6.702  13.340  1.00 33.10  ? 155 TYR A C   1 
ATOM   1150 O  O   . TYR A 1 155 ? -8.656  -5.809  12.796  1.00 33.84  ? 155 TYR A O   1 
ATOM   1151 C  CB  . TYR A 1 155 ? -8.004  -8.634  14.137  1.00 35.25  ? 155 TYR A CB  1 
ATOM   1152 C  CG  . TYR A 1 155 ? -7.245  -9.288  15.253  1.00 35.21  ? 155 TYR A CG  1 
ATOM   1153 C  CD1 . TYR A 1 155 ? -6.427  -8.530  16.082  1.00 34.85  ? 155 TYR A CD1 1 
ATOM   1154 C  CD2 . TYR A 1 155 ? -7.295  -10.669 15.453  1.00 34.66  ? 155 TYR A CD2 1 
ATOM   1155 C  CE1 . TYR A 1 155 ? -5.669  -9.120  17.077  1.00 31.51  ? 155 TYR A CE1 1 
ATOM   1156 C  CE2 . TYR A 1 155 ? -6.538  -11.274 16.450  1.00 33.58  ? 155 TYR A CE2 1 
ATOM   1157 C  CZ  . TYR A 1 155 ? -5.726  -10.490 17.254  1.00 34.17  ? 155 TYR A CZ  1 
ATOM   1158 O  OH  . TYR A 1 155 ? -4.948  -11.074 18.224  1.00 31.03  ? 155 TYR A OH  1 
ATOM   1159 N  N   . CYS A 1 156 ? -10.484 -7.119  12.894  1.00 37.52  ? 156 CYS A N   1 
ATOM   1160 C  CA  . CYS A 1 156 ? -11.067 -6.559  11.690  1.00 37.68  ? 156 CYS A CA  1 
ATOM   1161 C  C   . CYS A 1 156 ? -12.049 -5.411  11.887  1.00 39.66  ? 156 CYS A C   1 
ATOM   1162 O  O   . CYS A 1 156 ? -12.425 -4.748  10.922  1.00 37.72  ? 156 CYS A O   1 
ATOM   1163 C  CB  . CYS A 1 156 ? -11.726 -7.670  10.888  1.00 35.94  ? 156 CYS A CB  1 
ATOM   1164 S  SG  . CYS A 1 156 ? -10.663 -9.106  10.510  1.00 34.30  ? 156 CYS A SG  1 
ATOM   1165 N  N   . CYS A 1 157 ? -12.476 -5.180  13.123  1.00 32.31  ? 157 CYS A N   1 
ATOM   1166 C  CA  . CYS A 1 157 ? -13.386 -4.071  13.404  1.00 32.34  ? 157 CYS A CA  1 
ATOM   1167 C  C   . CYS A 1 157 ? -14.611 -4.062  12.502  1.00 34.37  ? 157 CYS A C   1 
ATOM   1168 O  O   . CYS A 1 157 ? -15.053 -3.003  12.062  1.00 36.74  ? 157 CYS A O   1 
ATOM   1169 C  CB  . CYS A 1 157 ? -12.621 -2.767  13.233  1.00 32.97  ? 157 CYS A CB  1 
ATOM   1170 S  SG  . CYS A 1 157 ? -11.034 -2.850  14.104  1.00 33.75  ? 157 CYS A SG  1 
ATOM   1171 N  N   . THR A 1 158 ? -15.157 -5.247  12.244  1.00 45.02  ? 158 THR A N   1 
ATOM   1172 C  CA  . THR A 1 158 ? -16.325 -5.412  11.381  1.00 46.68  ? 158 THR A CA  1 
ATOM   1173 C  C   . THR A 1 158 ? -17.669 -5.079  12.033  1.00 48.30  ? 158 THR A C   1 
ATOM   1174 O  O   . THR A 1 158 ? -18.582 -4.598  11.363  1.00 48.10  ? 158 THR A O   1 
ATOM   1175 C  CB  . THR A 1 158 ? -16.399 -6.866  10.830  1.00 55.25  ? 158 THR A CB  1 
ATOM   1176 O  OG1 . THR A 1 158 ? -16.003 -7.792  11.854  1.00 57.46  ? 158 THR A OG1 1 
ATOM   1177 C  CG2 . THR A 1 158 ? -15.491 -7.034  9.614   1.00 53.78  ? 158 THR A CG2 1 
ATOM   1178 N  N   . GLN A 1 159 ? -17.780 -5.327  13.336  1.00 63.58  ? 159 GLN A N   1 
ATOM   1179 C  CA  . GLN A 1 159 ? -19.022 -5.092  14.070  1.00 63.78  ? 159 GLN A CA  1 
ATOM   1180 C  C   . GLN A 1 159 ? -19.193 -3.714  14.705  1.00 63.03  ? 159 GLN A C   1 
ATOM   1181 O  O   . GLN A 1 159 ? -20.315 -3.310  15.014  1.00 63.58  ? 159 GLN A O   1 
ATOM   1182 C  CB  . GLN A 1 159 ? -19.182 -6.160  15.149  1.00 65.46  ? 159 GLN A CB  1 
ATOM   1183 C  CG  . GLN A 1 159 ? -19.358 -7.562  14.604  1.00 67.12  ? 159 GLN A CG  1 
ATOM   1184 C  CD  . GLN A 1 159 ? -19.233 -8.611  15.685  1.00 68.12  ? 159 GLN A CD  1 
ATOM   1185 O  OE1 . GLN A 1 159 ? -19.841 -8.495  16.747  1.00 68.16  ? 159 GLN A OE1 1 
ATOM   1186 N  NE2 . GLN A 1 159 ? -18.444 -9.645  15.420  1.00 66.49  ? 159 GLN A NE2 1 
ATOM   1187 N  N   . GLY A 1 160 ? -18.097 -2.995  14.915  1.00 61.23  ? 160 GLY A N   1 
ATOM   1188 C  CA  . GLY A 1 160 ? -18.204 -1.677  15.519  1.00 60.82  ? 160 GLY A CA  1 
ATOM   1189 C  C   . GLY A 1 160 ? -16.881 -1.137  16.017  1.00 60.41  ? 160 GLY A C   1 
ATOM   1190 O  O   . GLY A 1 160 ? -15.835 -1.711  15.720  1.00 59.54  ? 160 GLY A O   1 
ATOM   1191 N  N   . PRO A 1 161 ? -16.888 -0.031  16.777  1.00 51.37  ? 161 PRO A N   1 
ATOM   1192 C  CA  . PRO A 1 161 ? -15.620 0.513   17.270  1.00 51.37  ? 161 PRO A CA  1 
ATOM   1193 C  C   . PRO A 1 161 ? -14.682 -0.527  17.869  1.00 51.28  ? 161 PRO A C   1 
ATOM   1194 O  O   . PRO A 1 161 ? -15.100 -1.434  18.593  1.00 52.61  ? 161 PRO A O   1 
ATOM   1195 C  CB  . PRO A 1 161 ? -16.057 1.586   18.281  1.00 27.17  ? 161 PRO A CB  1 
ATOM   1196 C  CG  . PRO A 1 161 ? -17.503 1.290   18.560  1.00 25.88  ? 161 PRO A CG  1 
ATOM   1197 C  CD  . PRO A 1 161 ? -18.021 0.782   17.246  1.00 27.18  ? 161 PRO A CD  1 
ATOM   1198 N  N   . CYS A 1 162 ? -13.405 -0.388  17.534  1.00 37.29  ? 162 CYS A N   1 
ATOM   1199 C  CA  . CYS A 1 162 ? -12.367 -1.283  18.014  1.00 35.87  ? 162 CYS A CA  1 
ATOM   1200 C  C   . CYS A 1 162 ? -11.151 -0.441  18.374  1.00 35.11  ? 162 CYS A C   1 
ATOM   1201 O  O   . CYS A 1 162 ? -11.108 0.758   18.103  1.00 35.95  ? 162 CYS A O   1 
ATOM   1202 C  CB  . CYS A 1 162 ? -11.968 -2.263  16.917  1.00 41.00  ? 162 CYS A CB  1 
ATOM   1203 S  SG  . CYS A 1 162 ? -11.200 -1.407  15.510  1.00 38.23  ? 162 CYS A SG  1 
ATOM   1204 N  N   . GLY A 1 163 ? -10.158 -1.078  18.979  1.00 44.49  ? 163 GLY A N   1 
ATOM   1205 C  CA  . GLY A 1 163 ? -8.953  -0.364  19.346  1.00 42.83  ? 163 GLY A CA  1 
ATOM   1206 C  C   . GLY A 1 163 ? -7.736  -1.169  18.943  1.00 42.24  ? 163 GLY A C   1 
ATOM   1207 O  O   . GLY A 1 163 ? -7.862  -2.249  18.364  1.00 40.50  ? 163 GLY A O   1 
ATOM   1208 N  N   . PRO A 1 164 ? -6.533  -0.660  19.227  1.00 42.89  ? 164 PRO A N   1 
ATOM   1209 C  CA  . PRO A 1 164 ? -5.308  -1.375  18.877  1.00 43.57  ? 164 PRO A CA  1 
ATOM   1210 C  C   . PRO A 1 164 ? -5.169  -2.663  19.687  1.00 43.23  ? 164 PRO A C   1 
ATOM   1211 O  O   . PRO A 1 164 ? -5.803  -2.830  20.733  1.00 42.59  ? 164 PRO A O   1 
ATOM   1212 C  CB  . PRO A 1 164 ? -4.215  -0.358  19.194  1.00 27.22  ? 164 PRO A CB  1 
ATOM   1213 C  CG  . PRO A 1 164 ? -4.810  0.432   20.314  1.00 27.45  ? 164 PRO A CG  1 
ATOM   1214 C  CD  . PRO A 1 164 ? -6.227  0.633   19.864  1.00 28.19  ? 164 PRO A CD  1 
ATOM   1215 N  N   . THR A 1 165 ? -4.353  -3.577  19.181  1.00 40.75  ? 165 THR A N   1 
ATOM   1216 C  CA  . THR A 1 165 ? -4.118  -4.848  19.844  1.00 41.65  ? 165 THR A CA  1 
ATOM   1217 C  C   . THR A 1 165 ? -2.616  -5.030  19.912  1.00 42.65  ? 165 THR A C   1 
ATOM   1218 O  O   . THR A 1 165 ? -1.868  -4.302  19.266  1.00 42.12  ? 165 THR A O   1 
ATOM   1219 C  CB  . THR A 1 165 ? -4.711  -6.022  19.048  1.00 38.28  ? 165 THR A CB  1 
ATOM   1220 O  OG1 . THR A 1 165 ? -3.920  -6.249  17.874  1.00 40.33  ? 165 THR A OG1 1 
ATOM   1221 C  CG2 . THR A 1 165 ? -6.150  -5.719  18.642  1.00 36.35  ? 165 THR A CG2 1 
ATOM   1222 N  N   . GLU A 1 166 ? -2.171  -6.007  20.685  1.00 33.83  ? 166 GLU A N   1 
ATOM   1223 C  CA  . GLU A 1 166 ? -0.748  -6.259  20.817  1.00 32.06  ? 166 GLU A CA  1 
ATOM   1224 C  C   . GLU A 1 166 ? -0.110  -6.595  19.468  1.00 31.32  ? 166 GLU A C   1 
ATOM   1225 O  O   . GLU A 1 166 ? 1.032   -6.222  19.203  1.00 30.96  ? 166 GLU A O   1 
ATOM   1226 C  CB  . GLU A 1 166 ? -0.518  -7.394  21.809  1.00 94.62  ? 166 GLU A CB  1 
ATOM   1227 C  CG  . GLU A 1 166 ? 0.853   -7.382  22.439  1.00 91.49  ? 166 GLU A CG  1 
ATOM   1228 C  CD  . GLU A 1 166 ? 0.785   -7.656  23.924  1.00 91.49  ? 166 GLU A CD  1 
ATOM   1229 O  OE1 . GLU A 1 166 ? 0.157   -6.849  24.641  1.00 91.49  ? 166 GLU A OE1 1 
ATOM   1230 O  OE2 . GLU A 1 166 ? 1.350   -8.675  24.373  1.00 91.49  ? 166 GLU A OE2 1 
ATOM   1231 N  N   . LEU A 1 167 ? -0.848  -7.296  18.612  1.00 28.97  ? 167 LEU A N   1 
ATOM   1232 C  CA  . LEU A 1 167 ? -0.318  -7.646  17.305  1.00 29.43  ? 167 LEU A CA  1 
ATOM   1233 C  C   . LEU A 1 167 ? -0.349  -6.435  16.375  1.00 30.75  ? 167 LEU A C   1 
ATOM   1234 O  O   . LEU A 1 167 ? 0.510   -6.300  15.509  1.00 31.50  ? 167 LEU A O   1 
ATOM   1235 C  CB  . LEU A 1 167 ? -1.091  -8.824  16.705  1.00 32.70  ? 167 LEU A CB  1 
ATOM   1236 C  CG  . LEU A 1 167 ? -0.778  -10.183 17.355  1.00 31.95  ? 167 LEU A CG  1 
ATOM   1237 C  CD1 . LEU A 1 167 ? -1.602  -11.272 16.696  1.00 31.95  ? 167 LEU A CD1 1 
ATOM   1238 C  CD2 . LEU A 1 167 ? 0.702   -10.499 17.216  1.00 31.95  ? 167 LEU A CD2 1 
ATOM   1239 N  N   . SER A 1 168 ? -1.319  -5.541  16.559  1.00 26.38  ? 168 SER A N   1 
ATOM   1240 C  CA  . SER A 1 168 ? -1.377  -4.353  15.718  1.00 26.05  ? 168 SER A CA  1 
ATOM   1241 C  C   . SER A 1 168 ? -0.243  -3.420  16.147  1.00 26.45  ? 168 SER A C   1 
ATOM   1242 O  O   . SER A 1 168 ? 0.400   -2.784  15.312  1.00 26.67  ? 168 SER A O   1 
ATOM   1243 C  CB  . SER A 1 168 ? -2.730  -3.640  15.849  1.00 27.77  ? 168 SER A CB  1 
ATOM   1244 O  OG  . SER A 1 168 ? -2.781  -2.809  16.996  1.00 27.50  ? 168 SER A OG  1 
ATOM   1245 N  N   . LYS A 1 169 ? 0.013   -3.352  17.452  1.00 28.57  ? 169 LYS A N   1 
ATOM   1246 C  CA  . LYS A 1 169 ? 1.083   -2.498  17.956  1.00 30.61  ? 169 LYS A CA  1 
ATOM   1247 C  C   . LYS A 1 169 ? 2.442   -2.925  17.409  1.00 29.99  ? 169 LYS A C   1 
ATOM   1248 O  O   . LYS A 1 169 ? 3.402   -2.167  17.471  1.00 30.75  ? 169 LYS A O   1 
ATOM   1249 C  CB  . LYS A 1 169 ? 1.115   -2.506  19.488  1.00 49.26  ? 169 LYS A CB  1 
ATOM   1250 C  CG  . LYS A 1 169 ? -0.067  -1.803  20.143  1.00 53.80  ? 169 LYS A CG  1 
ATOM   1251 C  CD  . LYS A 1 169 ? -0.035  -1.975  21.654  1.00 56.24  ? 169 LYS A CD  1 
ATOM   1252 C  CE  . LYS A 1 169 ? -1.373  -1.620  22.280  1.00 58.29  ? 169 LYS A CE  1 
ATOM   1253 N  NZ  . LYS A 1 169 ? -1.460  -2.066  23.699  1.00 59.31  ? 169 LYS A NZ  1 
ATOM   1254 N  N   . PHE A 1 170 ? 2.525   -4.137  16.878  1.00 27.56  ? 170 PHE A N   1 
ATOM   1255 C  CA  . PHE A 1 170 ? 3.779   -4.613  16.313  1.00 24.51  ? 170 PHE A CA  1 
ATOM   1256 C  C   . PHE A 1 170 ? 4.120   -3.804  15.056  1.00 25.65  ? 170 PHE A C   1 
ATOM   1257 O  O   . PHE A 1 170 ? 5.290   -3.544  14.766  1.00 25.32  ? 170 PHE A O   1 
ATOM   1258 C  CB  . PHE A 1 170 ? 3.681   -6.093  15.935  1.00 27.80  ? 170 PHE A CB  1 
ATOM   1259 C  CG  . PHE A 1 170 ? 4.789   -6.551  15.029  1.00 25.79  ? 170 PHE A CG  1 
ATOM   1260 C  CD1 . PHE A 1 170 ? 6.070   -6.772  15.526  1.00 27.60  ? 170 PHE A CD1 1 
ATOM   1261 C  CD2 . PHE A 1 170 ? 4.569   -6.695  13.663  1.00 26.06  ? 170 PHE A CD2 1 
ATOM   1262 C  CE1 . PHE A 1 170 ? 7.119   -7.125  14.675  1.00 27.84  ? 170 PHE A CE1 1 
ATOM   1263 C  CE2 . PHE A 1 170 ? 5.610   -7.045  12.807  1.00 26.93  ? 170 PHE A CE2 1 
ATOM   1264 C  CZ  . PHE A 1 170 ? 6.889   -7.259  13.314  1.00 26.53  ? 170 PHE A CZ  1 
ATOM   1265 N  N   . PHE A 1 171 ? 3.088   -3.426  14.309  1.00 25.96  ? 171 PHE A N   1 
ATOM   1266 C  CA  . PHE A 1 171 ? 3.269   -2.657  13.087  1.00 28.58  ? 171 PHE A CA  1 
ATOM   1267 C  C   . PHE A 1 171 ? 3.382   -1.161  13.347  1.00 30.00  ? 171 PHE A C   1 
ATOM   1268 O  O   . PHE A 1 171 ? 4.250   -0.492  12.784  1.00 32.38  ? 171 PHE A O   1 
ATOM   1269 C  CB  . PHE A 1 171 ? 2.105   -2.898  12.129  1.00 27.11  ? 171 PHE A CB  1 
ATOM   1270 C  CG  . PHE A 1 171 ? 1.984   -4.312  11.667  1.00 26.61  ? 171 PHE A CG  1 
ATOM   1271 C  CD1 . PHE A 1 171 ? 1.195   -5.221  12.359  1.00 23.74  ? 171 PHE A CD1 1 
ATOM   1272 C  CD2 . PHE A 1 171 ? 2.643   -4.735  10.521  1.00 28.64  ? 171 PHE A CD2 1 
ATOM   1273 C  CE1 . PHE A 1 171 ? 1.063   -6.537  11.909  1.00 25.58  ? 171 PHE A CE1 1 
ATOM   1274 C  CE2 . PHE A 1 171 ? 2.519   -6.042  10.066  1.00 28.06  ? 171 PHE A CE2 1 
ATOM   1275 C  CZ  . PHE A 1 171 ? 1.727   -6.946  10.759  1.00 26.78  ? 171 PHE A CZ  1 
ATOM   1276 N  N   . LYS A 1 172 ? 2.490   -0.638  14.180  1.00 21.73  ? 172 LYS A N   1 
ATOM   1277 C  CA  . LYS A 1 172 ? 2.489   0.782   14.502  1.00 21.26  ? 172 LYS A CA  1 
ATOM   1278 C  C   . LYS A 1 172 ? 3.844   1.116   15.109  1.00 21.82  ? 172 LYS A C   1 
ATOM   1279 O  O   . LYS A 1 172 ? 4.409   2.180   14.862  1.00 20.89  ? 172 LYS A O   1 
ATOM   1280 C  CB  . LYS A 1 172 ? 1.370   1.089   15.499  1.00 25.30  ? 172 LYS A CB  1 
ATOM   1281 C  CG  . LYS A 1 172 ? 0.922   2.539   15.516  1.00 23.60  ? 172 LYS A CG  1 
ATOM   1282 C  CD  . LYS A 1 172 ? 0.360   2.959   14.167  1.00 24.08  ? 172 LYS A CD  1 
ATOM   1283 C  CE  . LYS A 1 172 ? -0.131  4.396   14.208  1.00 21.80  ? 172 LYS A CE  1 
ATOM   1284 N  NZ  . LYS A 1 172 ? -0.511  4.929   12.878  1.00 18.82  ? 172 LYS A NZ  1 
ATOM   1285 N  N   . LYS A 1 173 ? 4.366   0.185   15.899  1.00 28.22  ? 173 LYS A N   1 
ATOM   1286 C  CA  . LYS A 1 173 ? 5.661   0.359   16.541  1.00 28.85  ? 173 LYS A CA  1 
ATOM   1287 C  C   . LYS A 1 173 ? 6.735   0.643   15.494  1.00 27.82  ? 173 LYS A C   1 
ATOM   1288 O  O   . LYS A 1 173 ? 7.525   1.573   15.632  1.00 28.78  ? 173 LYS A O   1 
ATOM   1289 C  CB  . LYS A 1 173 ? 6.044   -0.916  17.296  1.00 77.27  ? 173 LYS A CB  1 
ATOM   1290 C  CG  . LYS A 1 173 ? 6.402   -0.721  18.754  1.00 76.45  ? 173 LYS A CG  1 
ATOM   1291 C  CD  . LYS A 1 173 ? 5.364   -1.380  19.652  1.00 76.45  ? 173 LYS A CD  1 
ATOM   1292 C  CE  . LYS A 1 173 ? 5.740   -1.273  21.122  1.00 76.45  ? 173 LYS A CE  1 
ATOM   1293 N  NZ  . LYS A 1 173 ? 4.736   -1.937  22.003  1.00 76.45  ? 173 LYS A NZ  1 
ATOM   1294 N  N   . ARG A 1 174 ? 6.743   -0.164  14.441  1.00 28.67  ? 174 ARG A N   1 
ATOM   1295 C  CA  . ARG A 1 174 ? 7.738   -0.058  13.383  1.00 27.93  ? 174 ARG A CA  1 
ATOM   1296 C  C   . ARG A 1 174 ? 7.446   0.933   12.251  1.00 28.91  ? 174 ARG A C   1 
ATOM   1297 O  O   . ARG A 1 174 ? 8.372   1.395   11.585  1.00 26.86  ? 174 ARG A O   1 
ATOM   1298 C  CB  . ARG A 1 174 ? 7.992   -1.453  12.831  1.00 34.70  ? 174 ARG A CB  1 
ATOM   1299 C  CG  . ARG A 1 174 ? 8.515   -2.364  13.912  1.00 31.77  ? 174 ARG A CG  1 
ATOM   1300 C  CD  . ARG A 1 174 ? 8.582   -3.819  13.503  1.00 32.00  ? 174 ARG A CD  1 
ATOM   1301 N  NE  . ARG A 1 174 ? 9.288   -4.594  14.516  1.00 32.19  ? 174 ARG A NE  1 
ATOM   1302 C  CZ  . ARG A 1 174 ? 8.864   -4.758  15.767  1.00 33.24  ? 174 ARG A CZ  1 
ATOM   1303 N  NH1 . ARG A 1 174 ? 7.723   -4.208  16.165  1.00 29.61  ? 174 ARG A NH1 1 
ATOM   1304 N  NH2 . ARG A 1 174 ? 9.593   -5.454  16.629  1.00 34.35  ? 174 ARG A NH2 1 
ATOM   1305 N  N   . CYS A 1 175 ? 6.168   1.237   12.025  1.00 22.11  ? 175 CYS A N   1 
ATOM   1306 C  CA  . CYS A 1 175 ? 5.756   2.206   10.993  1.00 23.14  ? 175 CYS A CA  1 
ATOM   1307 C  C   . CYS A 1 175 ? 4.661   3.076   11.585  1.00 23.16  ? 175 CYS A C   1 
ATOM   1308 O  O   . CYS A 1 175 ? 3.477   2.904   11.281  1.00 23.21  ? 175 CYS A O   1 
ATOM   1309 C  CB  . CYS A 1 175 ? 5.245   1.504   9.701   1.00 24.40  ? 175 CYS A CB  1 
ATOM   1310 S  SG  . CYS A 1 175 ? 6.524   0.598   8.747   1.00 27.46  ? 175 CYS A SG  1 
ATOM   1311 N  N   . PRO A 1 176 ? 5.052   4.025   12.440  1.00 28.32  ? 176 PRO A N   1 
ATOM   1312 C  CA  . PRO A 1 176 ? 4.140   4.953   13.113  1.00 28.42  ? 176 PRO A CA  1 
ATOM   1313 C  C   . PRO A 1 176 ? 3.177   5.721   12.228  1.00 28.11  ? 176 PRO A C   1 
ATOM   1314 O  O   . PRO A 1 176 ? 2.059   6.008   12.639  1.00 26.50  ? 176 PRO A O   1 
ATOM   1315 C  CB  . PRO A 1 176 ? 5.084   5.875   13.885  1.00 20.29  ? 176 PRO A CB  1 
ATOM   1316 C  CG  . PRO A 1 176 ? 6.361   5.793   13.126  1.00 21.52  ? 176 PRO A CG  1 
ATOM   1317 C  CD  . PRO A 1 176 ? 6.450   4.331   12.776  1.00 21.84  ? 176 PRO A CD  1 
ATOM   1318 N  N   . ASP A 1 177 ? 3.584   6.049   11.013  1.00 27.99  ? 177 ASP A N   1 
ATOM   1319 C  CA  . ASP A 1 177 ? 2.691   6.801   10.146  1.00 29.25  ? 177 ASP A CA  1 
ATOM   1320 C  C   . ASP A 1 177 ? 1.686   5.967   9.358   1.00 29.37  ? 177 ASP A C   1 
ATOM   1321 O  O   . ASP A 1 177 ? 0.792   6.517   8.720   1.00 28.52  ? 177 ASP A O   1 
ATOM   1322 C  CB  . ASP A 1 177 ? 3.509   7.670   9.196   1.00 38.77  ? 177 ASP A CB  1 
ATOM   1323 C  CG  . ASP A 1 177 ? 4.394   8.647   9.935   1.00 39.35  ? 177 ASP A CG  1 
ATOM   1324 O  OD1 . ASP A 1 177 ? 3.867   9.424   10.759  1.00 40.56  ? 177 ASP A OD1 1 
ATOM   1325 O  OD2 . ASP A 1 177 ? 5.614   8.633   9.696   1.00 39.75  ? 177 ASP A OD2 1 
ATOM   1326 N  N   . ALA A 1 178 ? 1.804   4.646   9.425   1.00 28.89  ? 178 ALA A N   1 
ATOM   1327 C  CA  . ALA A 1 178 ? 0.896   3.789   8.678   1.00 28.98  ? 178 ALA A CA  1 
ATOM   1328 C  C   . ALA A 1 178 ? -0.269  3.220   9.488   1.00 28.98  ? 178 ALA A C   1 
ATOM   1329 O  O   . ALA A 1 178 ? -0.228  3.182   10.716  1.00 28.51  ? 178 ALA A O   1 
ATOM   1330 C  CB  . ALA A 1 178 ? 1.684   2.647   8.030   1.00 30.12  ? 178 ALA A CB  1 
ATOM   1331 N  N   . TYR A 1 179 ? -1.314  2.789   8.786   1.00 22.62  ? 179 TYR A N   1 
ATOM   1332 C  CA  . TYR A 1 179 ? -2.471  2.188   9.430   1.00 22.27  ? 179 TYR A CA  1 
ATOM   1333 C  C   . TYR A 1 179 ? -2.052  0.832   9.969   1.00 22.12  ? 179 TYR A C   1 
ATOM   1334 O  O   . TYR A 1 179 ? -1.533  0.005   9.215   1.00 22.45  ? 179 TYR A O   1 
ATOM   1335 C  CB  . TYR A 1 179 ? -3.603  1.958   8.430   1.00 37.94  ? 179 TYR A CB  1 
ATOM   1336 C  CG  . TYR A 1 179 ? -4.565  3.104   8.269   1.00 35.72  ? 179 TYR A CG  1 
ATOM   1337 C  CD1 . TYR A 1 179 ? -4.238  4.216   7.497   1.00 35.20  ? 179 TYR A CD1 1 
ATOM   1338 C  CD2 . TYR A 1 179 ? -5.817  3.067   8.874   1.00 36.05  ? 179 TYR A CD2 1 
ATOM   1339 C  CE1 . TYR A 1 179 ? -5.138  5.264   7.331   1.00 35.07  ? 179 TYR A CE1 1 
ATOM   1340 C  CE2 . TYR A 1 179 ? -6.727  4.107   8.717   1.00 35.99  ? 179 TYR A CE2 1 
ATOM   1341 C  CZ  . TYR A 1 179 ? -6.381  5.205   7.944   1.00 36.36  ? 179 TYR A CZ  1 
ATOM   1342 O  OH  . TYR A 1 179 ? -7.276  6.240   7.784   1.00 37.37  ? 179 TYR A OH  1 
ATOM   1343 N  N   . SER A 1 180 ? -2.271  0.600   11.262  1.00 26.49  ? 180 SER A N   1 
ATOM   1344 C  CA  . SER A 1 180 ? -1.928  -0.690  11.854  1.00 26.08  ? 180 SER A CA  1 
ATOM   1345 C  C   . SER A 1 180 ? -3.180  -1.576  11.882  1.00 26.46  ? 180 SER A C   1 
ATOM   1346 O  O   . SER A 1 180 ? -3.091  -2.796  11.781  1.00 24.71  ? 180 SER A O   1 
ATOM   1347 C  CB  . SER A 1 180 ? -1.347  -0.508  13.262  1.00 29.17  ? 180 SER A CB  1 
ATOM   1348 O  OG  . SER A 1 180 ? -2.266  0.121   14.134  1.00 30.21  ? 180 SER A OG  1 
ATOM   1349 N  N   . TYR A 1 181 ? -4.348  -0.954  12.007  1.00 27.24  ? 181 TYR A N   1 
ATOM   1350 C  CA  . TYR A 1 181 ? -5.611  -1.685  12.003  1.00 28.46  ? 181 TYR A CA  1 
ATOM   1351 C  C   . TYR A 1 181 ? -6.685  -0.792  11.379  1.00 29.30  ? 181 TYR A C   1 
ATOM   1352 O  O   . TYR A 1 181 ? -6.493  0.413   11.244  1.00 28.87  ? 181 TYR A O   1 
ATOM   1353 C  CB  . TYR A 1 181 ? -6.005  -2.109  13.420  1.00 31.72  ? 181 TYR A CB  1 
ATOM   1354 C  CG  . TYR A 1 181 ? -6.335  -0.966  14.341  1.00 32.27  ? 181 TYR A CG  1 
ATOM   1355 C  CD1 . TYR A 1 181 ? -5.325  -0.171  14.889  1.00 30.68  ? 181 TYR A CD1 1 
ATOM   1356 C  CD2 . TYR A 1 181 ? -7.661  -0.657  14.646  1.00 31.14  ? 181 TYR A CD2 1 
ATOM   1357 C  CE1 . TYR A 1 181 ? -5.625  0.905   15.713  1.00 30.75  ? 181 TYR A CE1 1 
ATOM   1358 C  CE2 . TYR A 1 181 ? -7.977  0.422   15.471  1.00 29.89  ? 181 TYR A CE2 1 
ATOM   1359 C  CZ  . TYR A 1 181 ? -6.955  1.200   15.998  1.00 31.08  ? 181 TYR A CZ  1 
ATOM   1360 O  OH  . TYR A 1 181 ? -7.266  2.285   16.788  1.00 34.40  ? 181 TYR A OH  1 
ATOM   1361 N  N   . PRO A 1 182 ? -7.832  -1.375  10.996  1.00 35.18  ? 182 PRO A N   1 
ATOM   1362 C  CA  . PRO A 1 182 ? -8.948  -0.655  10.374  1.00 35.38  ? 182 PRO A CA  1 
ATOM   1363 C  C   . PRO A 1 182 ? -9.299  0.740   10.884  1.00 37.28  ? 182 PRO A C   1 
ATOM   1364 O  O   . PRO A 1 182 ? -9.511  1.658   10.088  1.00 37.59  ? 182 PRO A O   1 
ATOM   1365 C  CB  . PRO A 1 182 ? -10.107 -1.629  10.531  1.00 29.59  ? 182 PRO A CB  1 
ATOM   1366 C  CG  . PRO A 1 182 ? -9.440  -2.937  10.369  1.00 27.55  ? 182 PRO A CG  1 
ATOM   1367 C  CD  . PRO A 1 182 ? -8.204  -2.779  11.241  1.00 28.46  ? 182 PRO A CD  1 
ATOM   1368 N  N   . GLN A 1 183 ? -9.360  0.915   12.196  1.00 31.24  ? 183 GLN A N   1 
ATOM   1369 C  CA  . GLN A 1 183 ? -9.733  2.219   12.735  1.00 31.46  ? 183 GLN A CA  1 
ATOM   1370 C  C   . GLN A 1 183 ? -8.603  3.066   13.298  1.00 32.13  ? 183 GLN A C   1 
ATOM   1371 O  O   . GLN A 1 183 ? -8.807  3.864   14.207  1.00 32.16  ? 183 GLN A O   1 
ATOM   1372 C  CB  . GLN A 1 183 ? -10.825 2.033   13.781  1.00 37.27  ? 183 GLN A CB  1 
ATOM   1373 C  CG  . GLN A 1 183 ? -12.145 1.598   13.168  1.00 37.92  ? 183 GLN A CG  1 
ATOM   1374 C  CD  . GLN A 1 183 ? -13.165 1.204   14.210  1.00 39.16  ? 183 GLN A CD  1 
ATOM   1375 O  OE1 . GLN A 1 183 ? -13.249 1.818   15.276  1.00 41.01  ? 183 GLN A OE1 1 
ATOM   1376 N  NE2 . GLN A 1 183 ? -13.959 0.183   13.903  1.00 37.19  ? 183 GLN A NE2 1 
ATOM   1377 N  N   . ASP A 1 184 ? -7.422  2.898   12.720  1.00 45.05  ? 184 ASP A N   1 
ATOM   1378 C  CA  . ASP A 1 184 ? -6.217  3.619   13.118  1.00 43.48  ? 184 ASP A CA  1 
ATOM   1379 C  C   . ASP A 1 184 ? -6.125  4.925   12.297  1.00 43.34  ? 184 ASP A C   1 
ATOM   1380 O  O   . ASP A 1 184 ? -5.042  5.335   11.882  1.00 44.53  ? 184 ASP A O   1 
ATOM   1381 C  CB  . ASP A 1 184 ? -5.021  2.695   12.835  1.00 32.55  ? 184 ASP A CB  1 
ATOM   1382 C  CG  . ASP A 1 184 ? -3.744  3.146   13.499  1.00 32.07  ? 184 ASP A CG  1 
ATOM   1383 O  OD1 . ASP A 1 184 ? -3.812  3.956   14.443  1.00 29.04  ? 184 ASP A OD1 1 
ATOM   1384 O  OD2 . ASP A 1 184 ? -2.671  2.667   13.080  1.00 30.48  ? 184 ASP A OD2 1 
ATOM   1385 N  N   . ASP A 1 185 ? -7.270  5.578   12.090  1.00 41.54  ? 185 ASP A N   1 
ATOM   1386 C  CA  . ASP A 1 185 ? -7.379  6.806   11.285  1.00 41.57  ? 185 ASP A CA  1 
ATOM   1387 C  C   . ASP A 1 185 ? -6.634  8.079   11.698  1.00 41.81  ? 185 ASP A C   1 
ATOM   1388 O  O   . ASP A 1 185 ? -5.913  8.664   10.892  1.00 42.60  ? 185 ASP A O   1 
ATOM   1389 C  CB  . ASP A 1 185 ? -8.858  7.167   11.104  1.00 46.93  ? 185 ASP A CB  1 
ATOM   1390 C  CG  . ASP A 1 185 ? -9.629  6.103   10.360  1.00 46.08  ? 185 ASP A CG  1 
ATOM   1391 O  OD1 . ASP A 1 185 ? -9.543  6.067   9.111   1.00 47.64  ? 185 ASP A OD1 1 
ATOM   1392 O  OD2 . ASP A 1 185 ? -10.315 5.297   11.030  1.00 39.93  ? 185 ASP A OD2 1 
ATOM   1393 N  N   . PRO A 1 186 ? -6.817  8.534   12.949  1.00 42.29  ? 186 PRO A N   1 
ATOM   1394 C  CA  . PRO A 1 186 ? -6.180  9.742   13.480  1.00 41.33  ? 186 PRO A CA  1 
ATOM   1395 C  C   . PRO A 1 186 ? -4.700  9.977   13.165  1.00 42.46  ? 186 PRO A C   1 
ATOM   1396 O  O   . PRO A 1 186 ? -4.328  11.062  12.716  1.00 42.12  ? 186 PRO A O   1 
ATOM   1397 C  CB  . PRO A 1 186 ? -6.439  9.629   14.979  1.00 36.83  ? 186 PRO A CB  1 
ATOM   1398 C  CG  . PRO A 1 186 ? -7.777  8.970   15.019  1.00 35.35  ? 186 PRO A CG  1 
ATOM   1399 C  CD  . PRO A 1 186 ? -7.605  7.867   14.002  1.00 35.26  ? 186 PRO A CD  1 
ATOM   1400 N  N   . THR A 1 187 ? -3.856  8.978   13.403  1.00 49.56  ? 187 THR A N   1 
ATOM   1401 C  CA  . THR A 1 187 ? -2.423  9.134   13.146  1.00 49.42  ? 187 THR A CA  1 
ATOM   1402 C  C   . THR A 1 187 ? -1.951  8.443   11.874  1.00 49.75  ? 187 THR A C   1 
ATOM   1403 O  O   . THR A 1 187 ? -0.759  8.182   11.715  1.00 51.10  ? 187 THR A O   1 
ATOM   1404 C  CB  . THR A 1 187 ? -1.569  8.576   14.304  1.00 46.50  ? 187 THR A CB  1 
ATOM   1405 O  OG1 . THR A 1 187 ? -1.773  7.162   14.412  1.00 44.50  ? 187 THR A OG1 1 
ATOM   1406 C  CG2 . THR A 1 187 ? -1.945  9.243   15.612  1.00 45.11  ? 187 THR A CG2 1 
ATOM   1407 N  N   . SER A 1 188 ? -2.875  8.158   10.965  1.00 33.41  ? 188 SER A N   1 
ATOM   1408 C  CA  . SER A 1 188 ? -2.515  7.479   9.731   1.00 31.59  ? 188 SER A CA  1 
ATOM   1409 C  C   . SER A 1 188 ? -3.034  8.162   8.472   1.00 31.72  ? 188 SER A C   1 
ATOM   1410 O  O   . SER A 1 188 ? -2.769  7.698   7.363   1.00 31.48  ? 188 SER A O   1 
ATOM   1411 C  CB  . SER A 1 188 ? -3.031  6.044   9.772   1.00 35.41  ? 188 SER A CB  1 
ATOM   1412 O  OG  . SER A 1 188 ? -2.518  5.351   10.889  1.00 31.55  ? 188 SER A OG  1 
ATOM   1413 N  N   . THR A 1 189 ? -3.768  9.258   8.638   1.00 25.99  ? 189 THR A N   1 
ATOM   1414 C  CA  . THR A 1 189 ? -4.318  9.977   7.501   1.00 27.00  ? 189 THR A CA  1 
ATOM   1415 C  C   . THR A 1 189 ? -3.561  11.254  7.183   1.00 27.23  ? 189 THR A C   1 
ATOM   1416 O  O   . THR A 1 189 ? -3.316  12.075  8.063   1.00 27.73  ? 189 THR A O   1 
ATOM   1417 C  CB  . THR A 1 189 ? -5.798  10.332  7.729   1.00 31.05  ? 189 THR A CB  1 
ATOM   1418 O  OG1 . THR A 1 189 ? -6.594  9.147   7.612   1.00 31.95  ? 189 THR A OG1 1 
ATOM   1419 C  CG2 . THR A 1 189 ? -6.269  11.344  6.702   1.00 34.96  ? 189 THR A CG2 1 
ATOM   1420 N  N   . PHE A 1 190 ? -3.201  11.421  5.916   1.00 30.61  ? 190 PHE A N   1 
ATOM   1421 C  CA  . PHE A 1 190 ? -2.479  12.611  5.489   1.00 31.05  ? 190 PHE A CA  1 
ATOM   1422 C  C   . PHE A 1 190 ? -3.195  13.300  4.338   1.00 32.09  ? 190 PHE A C   1 
ATOM   1423 O  O   . PHE A 1 190 ? -3.863  12.653  3.532   1.00 29.89  ? 190 PHE A O   1 
ATOM   1424 C  CB  . PHE A 1 190 ? -1.040  12.249  5.102   1.00 26.99  ? 190 PHE A CB  1 
ATOM   1425 C  CG  . PHE A 1 190 ? -0.235  11.698  6.248   1.00 29.94  ? 190 PHE A CG  1 
ATOM   1426 C  CD1 . PHE A 1 190 ? -0.348  10.358  6.618   1.00 28.72  ? 190 PHE A CD1 1 
ATOM   1427 C  CD2 . PHE A 1 190 ? 0.584   12.531  7.001   1.00 30.31  ? 190 PHE A CD2 1 
ATOM   1428 C  CE1 . PHE A 1 190 ? 0.340   9.860   7.723   1.00 28.10  ? 190 PHE A CE1 1 
ATOM   1429 C  CE2 . PHE A 1 190 ? 1.272   12.042  8.107   1.00 30.61  ? 190 PHE A CE2 1 
ATOM   1430 C  CZ  . PHE A 1 190 ? 1.150   10.705  8.470   1.00 30.82  ? 190 PHE A CZ  1 
ATOM   1431 N  N   . THR A 1 191 ? -3.058  14.618  4.268   1.00 24.64  ? 191 THR A N   1 
ATOM   1432 C  CA  . THR A 1 191 ? -3.726  15.377  3.224   1.00 24.57  ? 191 THR A CA  1 
ATOM   1433 C  C   . THR A 1 191 ? -2.896  16.483  2.612   1.00 25.53  ? 191 THR A C   1 
ATOM   1434 O  O   . THR A 1 191 ? -1.964  16.996  3.221   1.00 24.44  ? 191 THR A O   1 
ATOM   1435 C  CB  . THR A 1 191 ? -5.023  16.022  3.750   1.00 25.35  ? 191 THR A CB  1 
ATOM   1436 O  OG1 . THR A 1 191 ? -4.704  16.892  4.840   1.00 24.98  ? 191 THR A OG1 1 
ATOM   1437 C  CG2 . THR A 1 191 ? -5.982  14.964  4.242   1.00 26.23  ? 191 THR A CG2 1 
ATOM   1438 N  N   . CYS A 1 192 ? -3.263  16.839  1.389   1.00 20.74  ? 192 CYS A N   1 
ATOM   1439 C  CA  . CYS A 1 192 ? -2.628  17.911  0.645   1.00 21.75  ? 192 CYS A CA  1 
ATOM   1440 C  C   . CYS A 1 192 ? -3.742  18.624  -0.101  1.00 23.12  ? 192 CYS A C   1 
ATOM   1441 O  O   . CYS A 1 192 ? -4.781  18.027  -0.412  1.00 23.80  ? 192 CYS A O   1 
ATOM   1442 C  CB  . CYS A 1 192 ? -1.654  17.371  -0.399  1.00 31.37  ? 192 CYS A CB  1 
ATOM   1443 S  SG  . CYS A 1 192 ? -0.179  16.518  0.208   1.00 29.58  ? 192 CYS A SG  1 
ATOM   1444 N  N   . PRO A 1 193 ? -3.553  19.916  -0.390  1.00 23.89  ? 193 PRO A N   1 
ATOM   1445 C  CA  . PRO A 1 193 ? -4.588  20.647  -1.125  1.00 24.60  ? 193 PRO A CA  1 
ATOM   1446 C  C   . PRO A 1 193 ? -4.662  20.033  -2.516  1.00 25.41  ? 193 PRO A C   1 
ATOM   1447 O  O   . PRO A 1 193 ? -3.646  19.912  -3.194  1.00 24.13  ? 193 PRO A O   1 
ATOM   1448 C  CB  . PRO A 1 193 ? -4.043  22.068  -1.159  1.00 25.73  ? 193 PRO A CB  1 
ATOM   1449 C  CG  . PRO A 1 193 ? -3.292  22.155  0.129   1.00 25.64  ? 193 PRO A CG  1 
ATOM   1450 C  CD  . PRO A 1 193 ? -2.548  20.839  0.158   1.00 25.75  ? 193 PRO A CD  1 
ATOM   1451 N  N   . GLY A 1 194 ? -5.858  19.634  -2.935  1.00 19.77  ? 194 GLY A N   1 
ATOM   1452 C  CA  . GLY A 1 194 ? -6.012  19.036  -4.250  1.00 22.92  ? 194 GLY A CA  1 
ATOM   1453 C  C   . GLY A 1 194 ? -5.541  19.937  -5.377  1.00 24.21  ? 194 GLY A C   1 
ATOM   1454 O  O   . GLY A 1 194 ? -5.790  21.138  -5.371  1.00 25.02  ? 194 GLY A O   1 
ATOM   1455 N  N   . GLY A 1 195 ? -4.848  19.356  -6.350  1.00 27.58  ? 195 GLY A N   1 
ATOM   1456 C  CA  . GLY A 1 195 ? -4.362  20.135  -7.470  1.00 27.83  ? 195 GLY A CA  1 
ATOM   1457 C  C   . GLY A 1 195 ? -3.062  20.876  -7.214  1.00 28.26  ? 195 GLY A C   1 
ATOM   1458 O  O   . GLY A 1 195 ? -2.469  21.421  -8.143  1.00 30.08  ? 195 GLY A O   1 
ATOM   1459 N  N   . SER A 1 196 ? -2.600  20.890  -5.969  1.00 31.70  ? 196 SER A N   1 
ATOM   1460 C  CA  . SER A 1 196 ? -1.367  21.601  -5.634  1.00 31.22  ? 196 SER A CA  1 
ATOM   1461 C  C   . SER A 1 196 ? -0.121  20.725  -5.697  1.00 31.62  ? 196 SER A C   1 
ATOM   1462 O  O   . SER A 1 196 ? 1.005   21.225  -5.610  1.00 32.08  ? 196 SER A O   1 
ATOM   1463 C  CB  . SER A 1 196 ? -1.467  22.196  -4.233  1.00 26.09  ? 196 SER A CB  1 
ATOM   1464 O  OG  . SER A 1 196 ? -1.331  21.180  -3.253  1.00 26.17  ? 196 SER A OG  1 
ATOM   1465 N  N   . THR A 1 197 ? -0.315  19.423  -5.843  1.00 28.56  ? 197 THR A N   1 
ATOM   1466 C  CA  . THR A 1 197 ? 0.826   18.523  -5.884  1.00 27.47  ? 197 THR A CA  1 
ATOM   1467 C  C   . THR A 1 197 ? 0.564   17.205  -6.595  1.00 26.86  ? 197 THR A C   1 
ATOM   1468 O  O   . THR A 1 197 ? -0.571  16.850  -6.910  1.00 26.16  ? 197 THR A O   1 
ATOM   1469 C  CB  . THR A 1 197 ? 1.309   18.201  -4.451  1.00 16.52  ? 197 THR A CB  1 
ATOM   1470 O  OG1 . THR A 1 197 ? 2.505   17.408  -4.507  1.00 17.36  ? 197 THR A OG1 1 
ATOM   1471 C  CG2 . THR A 1 197 ? 0.229   17.434  -3.692  1.00 15.10  ? 197 THR A CG2 1 
ATOM   1472 N  N   . ASN A 1 198 ? 1.645   16.491  -6.859  1.00 20.92  ? 198 ASN A N   1 
ATOM   1473 C  CA  . ASN A 1 198 ? 1.556   15.190  -7.484  1.00 21.27  ? 198 ASN A CA  1 
ATOM   1474 C  C   . ASN A 1 198 ? 2.086   14.207  -6.459  1.00 21.95  ? 198 ASN A C   1 
ATOM   1475 O  O   . ASN A 1 198 ? 2.523   14.604  -5.382  1.00 23.13  ? 198 ASN A O   1 
ATOM   1476 C  CB  . ASN A 1 198 ? 2.360   15.151  -8.783  1.00 25.46  ? 198 ASN A CB  1 
ATOM   1477 C  CG  . ASN A 1 198 ? 1.597   15.753  -9.946  1.00 26.20  ? 198 ASN A CG  1 
ATOM   1478 O  OD1 . ASN A 1 198 ? 2.122   16.581  -10.685 1.00 25.94  ? 198 ASN A OD1 1 
ATOM   1479 N  ND2 . ASN A 1 198 ? 0.350   15.334  -10.118 1.00 25.34  ? 198 ASN A ND2 1 
ATOM   1480 N  N   . TYR A 1 199 ? 2.064   12.926  -6.796  1.00 24.87  ? 199 TYR A N   1 
ATOM   1481 C  CA  . TYR A 1 199 ? 2.493   11.907  -5.861  1.00 24.67  ? 199 TYR A CA  1 
ATOM   1482 C  C   . TYR A 1 199 ? 3.487   10.900  -6.388  1.00 25.69  ? 199 TYR A C   1 
ATOM   1483 O  O   . TYR A 1 199 ? 3.499   10.576  -7.566  1.00 26.80  ? 199 TYR A O   1 
ATOM   1484 C  CB  . TYR A 1 199 ? 1.249   11.211  -5.324  1.00 24.38  ? 199 TYR A CB  1 
ATOM   1485 C  CG  . TYR A 1 199 ? 0.365   12.155  -4.556  1.00 23.16  ? 199 TYR A CG  1 
ATOM   1486 C  CD1 . TYR A 1 199 ? 0.662   12.488  -3.247  1.00 22.09  ? 199 TYR A CD1 1 
ATOM   1487 C  CD2 . TYR A 1 199 ? -0.736  12.758  -5.159  1.00 22.68  ? 199 TYR A CD2 1 
ATOM   1488 C  CE1 . TYR A 1 199 ? -0.107  13.397  -2.548  1.00 21.92  ? 199 TYR A CE1 1 
ATOM   1489 C  CE2 . TYR A 1 199 ? -1.519  13.682  -4.474  1.00 23.33  ? 199 TYR A CE2 1 
ATOM   1490 C  CZ  . TYR A 1 199 ? -1.196  13.994  -3.164  1.00 22.10  ? 199 TYR A CZ  1 
ATOM   1491 O  OH  . TYR A 1 199 ? -1.949  14.896  -2.465  1.00 23.12  ? 199 TYR A OH  1 
ATOM   1492 N  N   . ARG A 1 200 ? 4.335   10.422  -5.489  1.00 18.97  ? 200 ARG A N   1 
ATOM   1493 C  CA  . ARG A 1 200 ? 5.326   9.437   -5.838  1.00 19.78  ? 200 ARG A CA  1 
ATOM   1494 C  C   . ARG A 1 200 ? 5.338   8.278   -4.857  1.00 18.40  ? 200 ARG A C   1 
ATOM   1495 O  O   . ARG A 1 200 ? 5.480   8.465   -3.646  1.00 18.72  ? 200 ARG A O   1 
ATOM   1496 C  CB  . ARG A 1 200 ? 6.718   10.066  -5.932  1.00 47.12  ? 200 ARG A CB  1 
ATOM   1497 C  CG  . ARG A 1 200 ? 7.138   10.339  -7.360  1.00 51.35  ? 200 ARG A CG  1 
ATOM   1498 C  CD  . ARG A 1 200 ? 8.659   10.279  -7.514  1.00 53.01  ? 200 ARG A CD  1 
ATOM   1499 N  NE  . ARG A 1 200 ? 9.329   11.442  -6.962  1.00 56.66  ? 200 ARG A NE  1 
ATOM   1500 C  CZ  . ARG A 1 200 ? 9.405   12.610  -7.574  1.00 58.54  ? 200 ARG A CZ  1 
ATOM   1501 N  NH1 . ARG A 1 200 ? 8.852   12.750  -8.760  1.00 58.77  ? 200 ARG A NH1 1 
ATOM   1502 N  NH2 . ARG A 1 200 ? 10.027  13.628  -6.996  1.00 57.78  ? 200 ARG A NH2 1 
ATOM   1503 N  N   . VAL A 1 201 ? 5.159   7.076   -5.404  1.00 23.91  ? 201 VAL A N   1 
ATOM   1504 C  CA  . VAL A 1 201 ? 5.171   5.850   -4.621  1.00 21.99  ? 201 VAL A CA  1 
ATOM   1505 C  C   . VAL A 1 201 ? 6.418   5.067   -5.024  1.00 20.80  ? 201 VAL A C   1 
ATOM   1506 O  O   . VAL A 1 201 ? 6.557   4.661   -6.182  1.00 21.66  ? 201 VAL A O   1 
ATOM   1507 C  CB  . VAL A 1 201 ? 3.923   4.974   -4.904  1.00 22.49  ? 201 VAL A CB  1 
ATOM   1508 C  CG1 . VAL A 1 201 ? 3.935   3.758   -3.998  1.00 22.66  ? 201 VAL A CG1 1 
ATOM   1509 C  CG2 . VAL A 1 201 ? 2.656   5.778   -4.698  1.00 20.61  ? 201 VAL A CG2 1 
ATOM   1510 N  N   . VAL A 1 202 ? 7.330   4.861   -4.079  1.00 18.25  ? 202 VAL A N   1 
ATOM   1511 C  CA  . VAL A 1 202 ? 8.536   4.106   -4.390  1.00 17.15  ? 202 VAL A CA  1 
ATOM   1512 C  C   . VAL A 1 202 ? 8.740   2.884   -3.498  1.00 17.23  ? 202 VAL A C   1 
ATOM   1513 O  O   . VAL A 1 202 ? 8.611   2.944   -2.266  1.00 17.14  ? 202 VAL A O   1 
ATOM   1514 C  CB  . VAL A 1 202 ? 9.813   5.013   -4.379  1.00 22.41  ? 202 VAL A CB  1 
ATOM   1515 C  CG1 . VAL A 1 202 ? 9.472   6.398   -3.841  1.00 16.69  ? 202 VAL A CG1 1 
ATOM   1516 C  CG2 . VAL A 1 202 ? 10.928  4.369   -3.557  1.00 16.69  ? 202 VAL A CG2 1 
ATOM   1517 N  N   . PHE A 1 203 ? 9.048   1.762   -4.145  1.00 17.41  ? 203 PHE A N   1 
ATOM   1518 C  CA  . PHE A 1 203 ? 9.298   0.501   -3.453  1.00 18.12  ? 203 PHE A CA  1 
ATOM   1519 C  C   . PHE A 1 203 ? 10.765  0.429   -3.040  1.00 18.08  ? 203 PHE A C   1 
ATOM   1520 O  O   . PHE A 1 203 ? 11.652  0.698   -3.848  1.00 17.68  ? 203 PHE A O   1 
ATOM   1521 C  CB  . PHE A 1 203 ? 8.975   -0.683  -4.366  1.00 21.46  ? 203 PHE A CB  1 
ATOM   1522 C  CG  . PHE A 1 203 ? 7.540   -0.746  -4.797  1.00 21.04  ? 203 PHE A CG  1 
ATOM   1523 C  CD1 . PHE A 1 203 ? 6.518   -0.816  -3.856  1.00 21.45  ? 203 PHE A CD1 1 
ATOM   1524 C  CD2 . PHE A 1 203 ? 7.206   -0.739  -6.150  1.00 20.12  ? 203 PHE A CD2 1 
ATOM   1525 C  CE1 . PHE A 1 203 ? 5.187   -0.878  -4.257  1.00 22.20  ? 203 PHE A CE1 1 
ATOM   1526 C  CE2 . PHE A 1 203 ? 5.874   -0.802  -6.559  1.00 19.09  ? 203 PHE A CE2 1 
ATOM   1527 C  CZ  . PHE A 1 203 ? 4.864   -0.871  -5.612  1.00 20.77  ? 203 PHE A CZ  1 
ATOM   1528 N  N   . CYS A 1 204 ? 11.004  0.049   -1.786  1.00 16.45  ? 204 CYS A N   1 
ATOM   1529 C  CA  . CYS A 1 204 ? 12.354  -0.062  -1.246  1.00 17.50  ? 204 CYS A CA  1 
ATOM   1530 C  C   . CYS A 1 204 ? 13.087  1.268   -1.384  1.00 19.12  ? 204 CYS A C   1 
ATOM   1531 O  O   . CYS A 1 204 ? 14.089  1.368   -2.082  1.00 18.79  ? 204 CYS A O   1 
ATOM   1532 C  CB  . CYS A 1 204 ? 13.147  -1.147  -1.978  1.00 25.23  ? 204 CYS A CB  1 
ATOM   1533 S  SG  . CYS A 1 204 ? 12.389  -2.797  -1.966  1.00 22.14  ? 204 CYS A SG  1 
ATOM   1534 N  N   . PRO A 1 205 ? 12.576  2.313   -0.728  1.00 24.86  ? 205 PRO A N   1 
ATOM   1535 C  CA  . PRO A 1 205 ? 13.198  3.635   -0.787  1.00 24.90  ? 205 PRO A CA  1 
ATOM   1536 C  C   . PRO A 1 205 ? 14.660  3.615   -0.357  1.00 24.04  ? 205 PRO A C   1 
ATOM   1537 O  O   . PRO A 1 205 ? 15.467  4.431   -0.816  1.00 19.58  ? 205 PRO A O   1 
ATOM   1538 C  CB  . PRO A 1 205 ? 12.319  4.471   0.141   1.00 15.13  ? 205 PRO A CB  1 
ATOM   1539 C  CG  . PRO A 1 205 ? 11.704  3.458   1.055   1.00 15.90  ? 205 PRO A CG  1 
ATOM   1540 C  CD  . PRO A 1 205 ? 11.385  2.328   0.135   1.00 16.35  ? 205 PRO A CD  1 
ATOM   1541 N  N   . ASN A 1 206 ? 15.004  2.676   0.514   1.00 30.52  ? 206 ASN A N   1 
ATOM   1542 C  CA  . ASN A 1 206 ? 16.374  2.562   0.989   1.00 30.52  ? 206 ASN A CA  1 
ATOM   1543 C  C   . ASN A 1 206 ? 17.177  1.544   0.193   1.00 30.52  ? 206 ASN A C   1 
ATOM   1544 O  O   . ASN A 1 206 ? 18.259  1.137   0.606   1.00 30.52  ? 206 ASN A O   1 
ATOM   1545 C  CB  . ASN A 1 206 ? 16.388  2.206   2.476   1.00 31.74  ? 206 ASN A CB  1 
ATOM   1546 C  CG  . ASN A 1 206 ? 15.911  3.358   3.351   1.00 31.74  ? 206 ASN A CG  1 
ATOM   1547 O  OD1 . ASN A 1 206 ? 15.501  3.158   4.495   1.00 31.74  ? 206 ASN A OD1 1 
ATOM   1548 N  ND2 . ASN A 1 206 ? 15.973  4.574   2.816   1.00 31.74  ? 206 ASN A ND2 1 
ATOM   1549 N  N   . GLY A 1 207 ? 16.648  1.143   -0.954  1.00 38.92  ? 207 GLY A N   1 
ATOM   1550 C  CA  . GLY A 1 207 ? 17.345  0.186   -1.793  1.00 38.92  ? 207 GLY A CA  1 
ATOM   1551 C  C   . GLY A 1 207 ? 17.334  -1.212  -1.201  1.00 38.92  ? 207 GLY A C   1 
ATOM   1552 O  O   . GLY A 1 207 ? 16.694  -2.119  -1.755  1.00 33.18  ? 207 GLY A O   1 
ATOM   1553 O  OXT . GLY A 1 207 ? 17.959  -1.434  -0.158  1.00 33.18  ? 207 GLY A OXT 1 
HETATM 1554 CL CL  . CL  B 2 .   ? -7.324  14.326  -14.814 1.00 26.92  ? 208 CL  A CL  1 
HETATM 1555 O  O   . HOH C 3 .   ? -1.900  -3.347  3.490   1.00 24.88  ? 209 HOH A O   1 
HETATM 1556 O  O   . HOH C 3 .   ? -7.017  9.301   -15.931 1.00 18.47  ? 210 HOH A O   1 
HETATM 1557 O  O   . HOH C 3 .   ? 2.876   -3.643  -1.781  1.00 28.46  ? 211 HOH A O   1 
HETATM 1558 O  O   . HOH C 3 .   ? -2.732  -9.277  6.153   1.00 32.48  ? 212 HOH A O   1 
HETATM 1559 O  O   . HOH C 3 .   ? 12.999  -5.616  0.238   1.00 41.55  ? 213 HOH A O   1 
HETATM 1560 O  O   . HOH C 3 .   ? -9.436  15.646  -12.935 1.00 21.82  ? 214 HOH A O   1 
HETATM 1561 O  O   . HOH C 3 .   ? -7.692  -8.165  -10.939 1.00 38.65  ? 215 HOH A O   1 
HETATM 1562 O  O   . HOH C 3 .   ? -0.438  6.718   6.214   1.00 34.34  ? 216 HOH A O   1 
HETATM 1563 O  O   . HOH C 3 .   ? -4.538  6.494   14.672  1.00 32.00  ? 217 HOH A O   1 
HETATM 1564 O  O   . HOH C 3 .   ? 7.454   8.088   8.069   1.00 41.13  ? 218 HOH A O   1 
HETATM 1565 O  O   . HOH C 3 .   ? 6.639   -4.991  18.841  1.00 46.44  ? 219 HOH A O   1 
HETATM 1566 O  O   . HOH C 3 .   ? -4.387  -5.202  -3.002  1.00 31.75  ? 220 HOH A O   1 
HETATM 1567 O  O   . HOH C 3 .   ? 6.233   5.315   9.872   1.00 46.31  ? 221 HOH A O   1 
HETATM 1568 O  O   . HOH C 3 .   ? -0.584  -13.416 -3.774  1.00 40.77  ? 222 HOH A O   1 
HETATM 1569 O  O   . HOH C 3 .   ? 14.315  1.649   8.473   1.00 36.47  ? 223 HOH A O   1 
HETATM 1570 O  O   . HOH C 3 .   ? 13.733  0.328   1.633   1.00 36.12  ? 224 HOH A O   1 
HETATM 1571 O  O   . HOH C 3 .   ? 1.417   20.887  -1.706  1.00 35.91  ? 225 HOH A O   1 
HETATM 1572 O  O   . HOH C 3 .   ? 11.134  -6.494  5.460   1.00 28.95  ? 226 HOH A O   1 
HETATM 1573 O  O   . HOH C 3 .   ? 9.820   -10.542 -6.813  1.00 33.64  ? 227 HOH A O   1 
HETATM 1574 O  O   . HOH C 3 .   ? 7.578   14.806  -0.321  1.00 42.09  ? 228 HOH A O   1 
HETATM 1575 O  O   . HOH C 3 .   ? -0.603  -13.709 -0.910  1.00 37.07  ? 229 HOH A O   1 
HETATM 1576 O  O   . HOH C 3 .   ? -5.172  -6.539  -0.348  1.00 48.24  ? 230 HOH A O   1 
HETATM 1577 O  O   . HOH C 3 .   ? -3.492  16.812  -6.280  1.00 44.43  ? 231 HOH A O   1 
HETATM 1578 O  O   . HOH C 3 .   ? -1.930  -0.227  16.899  1.00 44.89  ? 232 HOH A O   1 
HETATM 1579 O  O   . HOH C 3 .   ? 8.181   -13.205 6.229   1.00 43.07  ? 233 HOH A O   1 
HETATM 1580 O  O   . HOH C 3 .   ? -1.372  -15.515 7.893   1.00 35.39  ? 234 HOH A O   1 
HETATM 1581 O  O   . HOH C 3 .   ? 0.971   20.114  -9.336  1.00 41.14  ? 235 HOH A O   1 
HETATM 1582 O  O   . HOH C 3 .   ? 14.089  -0.617  4.223   1.00 48.97  ? 236 HOH A O   1 
HETATM 1583 O  O   . HOH C 3 .   ? 6.684   -15.561 17.291  1.00 43.78  ? 237 HOH A O   1 
HETATM 1584 O  O   . HOH C 3 .   ? -4.931  3.882   -8.052  1.00 44.99  ? 238 HOH A O   1 
HETATM 1585 O  O   . HOH C 3 .   ? 1.557   9.298   12.554  1.00 47.15  ? 239 HOH A O   1 
HETATM 1586 O  O   . HOH C 3 .   ? 9.423   2.677   8.829   1.00 39.27  ? 240 HOH A O   1 
HETATM 1587 O  O   . HOH C 3 .   ? 1.318   0.779   11.349  1.00 44.36  ? 241 HOH A O   1 
HETATM 1588 O  O   . HOH C 3 .   ? 11.839  -3.469  4.913   1.00 40.54  ? 242 HOH A O   1 
HETATM 1589 O  O   . HOH C 3 .   ? 8.404   15.311  2.754   1.00 40.40  ? 243 HOH A O   1 
HETATM 1590 O  O   . HOH C 3 .   ? 4.087   -5.151  -17.896 1.00 38.14  ? 244 HOH A O   1 
HETATM 1591 O  O   . HOH C 3 .   ? 9.184   -14.549 -9.836  1.00 51.07  ? 245 HOH A O   1 
HETATM 1592 O  O   . HOH C 3 .   ? 14.755  5.291   6.101   1.00 44.22  ? 246 HOH A O   1 
HETATM 1593 O  O   . HOH C 3 .   ? -4.617  14.664  -13.889 1.00 24.21  ? 247 HOH A O   1 
HETATM 1594 O  O   . HOH C 3 .   ? -5.684  -5.274  15.511  1.00 24.21  ? 248 HOH A O   1 
HETATM 1595 O  O   . HOH C 3 .   ? -3.294  -9.107  19.818  1.00 24.21  ? 249 HOH A O   1 
HETATM 1596 O  O   . HOH C 3 .   ? -5.857  -5.109  12.617  1.00 24.21  ? 250 HOH A O   1 
HETATM 1597 O  O   . HOH C 3 .   ? -12.843 -1.238  21.325  1.00 24.21  ? 251 HOH A O   1 
HETATM 1598 O  O   . HOH C 3 .   ? -5.289  16.341  -8.972  1.00 24.21  ? 252 HOH A O   1 
HETATM 1599 O  O   . HOH C 3 .   ? 14.843  -4.022  1.238   1.00 23.76  ? 253 HOH A O   1 
HETATM 1600 O  O   . HOH C 3 .   ? 12.650  6.274   3.912   1.00 23.76  ? 254 HOH A O   1 
HETATM 1601 O  O   . HOH C 3 .   ? -16.027 -2.188  22.647  1.00 23.76  ? 255 HOH A O   1 
HETATM 1602 O  O   . HOH C 3 .   ? -6.587  -0.028  4.906   1.00 32.23  ? 256 HOH A O   1 
HETATM 1603 O  O   . HOH C 3 .   ? 3.622   -15.634 16.624  1.00 44.39  ? 257 HOH A O   1 
HETATM 1604 O  O   . HOH C 3 .   ? -8.771  -5.823  1.319   1.00 39.19  ? 258 HOH A O   1 
HETATM 1605 O  O   . HOH C 3 .   ? 5.851   -10.110 -16.446 1.00 33.00  ? 259 HOH A O   1 
HETATM 1606 O  O   . HOH C 3 .   ? 4.992   4.843   -17.106 1.00 48.18  ? 260 HOH A O   1 
HETATM 1607 O  O   . HOH C 3 .   ? -1.943  -11.170 -9.980  1.00 44.76  ? 261 HOH A O   1 
HETATM 1608 O  O   . HOH C 3 .   ? -11.979 7.014   -0.552  1.00 49.63  ? 262 HOH A O   1 
HETATM 1609 O  O   . HOH C 3 .   ? 14.553  6.892   1.850   1.00 49.49  ? 263 HOH A O   1 
HETATM 1610 O  O   . HOH C 3 .   ? -9.621  0.164   -5.986  1.00 48.60  ? 264 HOH A O   1 
HETATM 1611 O  O   . HOH C 3 .   ? 5.649   -7.862  -18.294 1.00 21.86  ? 265 HOH A O   1 
HETATM 1612 O  O   . HOH C 3 .   ? 4.133   12.057  -10.308 1.00 21.91  ? 266 HOH A O   1 
HETATM 1613 O  O   . HOH C 3 .   ? 11.561  -12.102 -4.598  1.00 21.91  ? 267 HOH A O   1 
HETATM 1614 O  O   . HOH C 3 .   ? 4.788   17.712  -9.577  1.00 21.91  ? 268 HOH A O   1 
HETATM 1615 O  O   . HOH C 3 .   ? 11.248  3.522   -16.355 1.00 21.91  ? 269 HOH A O   1 
HETATM 1616 O  O   . HOH C 3 .   ? 9.103   13.393  6.228   1.00 21.91  ? 270 HOH A O   1 
HETATM 1617 O  O   . HOH C 3 .   ? 9.830   6.140   9.169   1.00 21.91  ? 271 HOH A O   1 
HETATM 1618 O  O   . HOH C 3 .   ? 15.628  -1.647  0.714   1.00 20.19  ? 272 HOH A O   1 
HETATM 1619 O  O   . HOH C 3 .   ? -8.454  3.522   -0.704  1.00 20.31  ? 273 HOH A O   1 
HETATM 1620 O  O   . HOH C 3 .   ? -8.032  -3.610  15.862  1.00 20.31  ? 274 HOH A O   1 
HETATM 1621 O  O   . HOH C 3 .   ? 6.462   -13.997 -15.260 1.00 20.31  ? 275 HOH A O   1 
# 
